data_2NP9
#
_entry.id   2NP9
#
_cell.length_a   139.860
_cell.length_b   156.660
_cell.length_c   171.020
_cell.angle_alpha   90.00
_cell.angle_beta   90.00
_cell.angle_gamma   90.00
#
_symmetry.space_group_name_H-M   'P 21 21 2'
#
loop_
_entity.id
_entity.type
_entity.pdbx_description
1 polymer DpgC
2 non-polymer '[(2R,3S,4R,5R)-5-(6-AMINO-9H-PURIN-9-YL)-4-HYDROXY-3-(PHOSPHONOOXY)TETRAHYDROFURAN-2-YL]METHYL (3R)-4-({3-[(2-{[(3,5-DIHYDROXYPHENYL)ACETYL]AMINO}ETHYL)AMINO]-3-OXOPROPYL}AMINO)-3-HYDROXY-2,2-DIMETHYL-4-OXOBUTYL DIHYDROGEN DIPHOSPHATE'
3 non-polymer 'OXYGEN MOLECULE'
4 water water
#
_entity_poly.entity_id   1
_entity_poly.type   'polypeptide(L)'
_entity_poly.pdbx_seq_one_letter_code
;AMGTTVLPPLEDTDGLWAALTEAAASVEKLLATLPEHGARSSAERAEIAAAHDAARALRVRFLDTHADAVYDRLTDHRRV
HLRLAELVEAAATAFPGLVPTQQQLAVERSLPQAAKEGHEIDQGIFLRAVLRSPLAGPHLLDAMLRPTPRALELLPEFVR
TGEVEMEAVHLERRDGVARLTMCRDDRLNAEDGQQVDDMETAVDLALLDPGVRVGLLRGGVMSHPRYRGKRVFSAGINLK
YLSQGGISLVDFLMRRELGYIHKLVRGVLTNDDRPGWWHSPRIEKPWVAAVDGFAIGGGAQLLLVFDRVLASSDAYFSLP
AAKEGIIPGAANLRLGRFAGPRVSRQVILEGRRIWAKEPEARLLVDEVVEPDELDAAIERSLTRLDGDAVLANRRMLNLA
DESPDGFRAYMAEFALMQALRLYGHDVIDKVGRFGGRPPA
;
_entity_poly.pdbx_strand_id   A,B,C
#
loop_
_chem_comp.id
_chem_comp.type
_chem_comp.name
_chem_comp.formula
OXY non-polymer 'OXYGEN MOLECULE' O2
YE1 non-polymer '[(2R,3S,4R,5R)-5-(6-AMINO-9H-PURIN-9-YL)-4-HYDROXY-3-(PHOSPHONOOXY)TETRAHYDROFURAN-2-YL]METHYL (3R)-4-({3-[(2-{[(3,5-DIHYDROXYPHENYL)ACETYL]AMINO}ETHYL)AMINO]-3-OXOPROPYL}AMINO)-3-HYDROXY-2,2-DIMETHYL-4-OXOBUTYL DIHYDROGEN DIPHOSPHATE' 'C29 H43 N8 O19 P3'
#
# COMPACT_ATOMS: atom_id res chain seq x y z
N THR A 13 -10.51 -26.66 28.34
CA THR A 13 -10.20 -25.53 29.25
C THR A 13 -11.07 -24.31 28.92
N ASP A 14 -11.64 -24.33 27.72
CA ASP A 14 -12.48 -23.24 27.24
C ASP A 14 -13.95 -23.63 27.04
N GLY A 15 -14.19 -24.86 26.59
CA GLY A 15 -15.56 -25.32 26.38
C GLY A 15 -16.16 -24.98 25.03
N LEU A 16 -15.53 -24.09 24.27
CA LEU A 16 -16.04 -23.72 22.96
C LEU A 16 -16.11 -24.96 22.08
N TRP A 17 -15.04 -25.75 22.08
CA TRP A 17 -15.04 -26.98 21.28
C TRP A 17 -16.26 -27.82 21.64
N ALA A 18 -16.52 -27.94 22.93
CA ALA A 18 -17.67 -28.71 23.42
C ALA A 18 -18.98 -28.12 22.89
N ALA A 19 -19.13 -26.80 23.02
CA ALA A 19 -20.34 -26.14 22.53
C ALA A 19 -20.47 -26.45 21.04
N LEU A 20 -19.36 -26.31 20.32
CA LEU A 20 -19.33 -26.57 18.89
C LEU A 20 -19.74 -28.00 18.59
N THR A 21 -19.10 -28.96 19.25
CA THR A 21 -19.40 -30.37 19.05
C THR A 21 -20.89 -30.63 19.17
N GLU A 22 -21.53 -29.94 20.11
CA GLU A 22 -22.97 -30.11 20.31
C GLU A 22 -23.76 -29.55 19.13
N ALA A 23 -23.60 -28.25 18.87
CA ALA A 23 -24.29 -27.59 17.77
C ALA A 23 -24.14 -28.37 16.46
N ALA A 24 -22.96 -28.91 16.23
CA ALA A 24 -22.71 -29.69 15.01
C ALA A 24 -23.59 -30.94 15.00
N ALA A 25 -23.70 -31.60 16.14
CA ALA A 25 -24.52 -32.80 16.26
C ALA A 25 -25.99 -32.39 16.20
N SER A 26 -26.29 -31.27 16.87
CA SER A 26 -27.63 -30.71 16.91
C SER A 26 -28.13 -30.40 15.50
N VAL A 27 -27.19 -30.30 14.55
CA VAL A 27 -27.53 -30.03 13.16
C VAL A 27 -27.63 -31.34 12.41
N GLU A 28 -26.67 -32.22 12.63
CA GLU A 28 -26.67 -33.53 11.99
C GLU A 28 -27.98 -34.23 12.30
N LYS A 29 -28.36 -34.22 13.59
CA LYS A 29 -29.60 -34.85 14.04
C LYS A 29 -30.78 -34.31 13.23
N LEU A 30 -30.87 -32.99 13.12
CA LEU A 30 -31.96 -32.36 12.39
C LEU A 30 -31.91 -32.70 10.90
N LEU A 31 -30.73 -32.67 10.31
CA LEU A 31 -30.60 -32.99 8.87
C LEU A 31 -30.90 -34.47 8.68
N ALA A 32 -31.00 -35.20 9.79
CA ALA A 32 -31.29 -36.62 9.76
C ALA A 32 -32.80 -36.82 9.79
N THR A 33 -33.48 -36.09 10.66
CA THR A 33 -34.92 -36.20 10.78
C THR A 33 -35.64 -35.44 9.66
N LEU A 34 -35.20 -34.20 9.40
CA LEU A 34 -35.82 -33.39 8.35
C LEU A 34 -35.74 -34.06 6.98
N PRO A 35 -36.68 -33.73 6.08
CA PRO A 35 -36.75 -34.28 4.72
C PRO A 35 -35.69 -33.73 3.77
N GLU A 36 -35.91 -33.94 2.47
CA GLU A 36 -35.01 -33.47 1.44
C GLU A 36 -35.21 -31.99 1.17
N HIS A 37 -34.12 -31.28 0.89
CA HIS A 37 -34.18 -29.84 0.61
C HIS A 37 -35.16 -29.61 -0.54
N GLY A 38 -35.90 -28.51 -0.46
CA GLY A 38 -36.87 -28.22 -1.49
C GLY A 38 -38.22 -28.73 -1.02
N ALA A 39 -38.22 -29.94 -0.48
CA ALA A 39 -39.44 -30.56 0.05
C ALA A 39 -39.62 -30.20 1.53
N ARG A 40 -39.05 -29.07 1.92
CA ARG A 40 -39.14 -28.59 3.30
C ARG A 40 -40.13 -27.43 3.41
N SER A 41 -40.66 -27.22 4.61
CA SER A 41 -41.62 -26.15 4.84
C SER A 41 -40.89 -24.91 5.33
N SER A 42 -41.52 -23.75 5.18
CA SER A 42 -40.93 -22.48 5.61
C SER A 42 -40.38 -22.59 7.03
N ALA A 43 -41.14 -23.24 7.91
CA ALA A 43 -40.77 -23.42 9.30
C ALA A 43 -39.57 -24.35 9.47
N GLU A 44 -39.44 -25.31 8.56
CA GLU A 44 -38.33 -26.26 8.62
C GLU A 44 -37.05 -25.61 8.11
N ARG A 45 -37.14 -25.00 6.93
CA ARG A 45 -36.00 -24.34 6.31
C ARG A 45 -35.39 -23.28 7.21
N ALA A 46 -36.17 -22.80 8.17
CA ALA A 46 -35.70 -21.79 9.10
C ALA A 46 -35.18 -22.43 10.39
N GLU A 47 -35.62 -23.66 10.64
CA GLU A 47 -35.20 -24.39 11.83
C GLU A 47 -33.78 -24.92 11.63
N ILE A 48 -33.47 -25.28 10.39
CA ILE A 48 -32.15 -25.79 10.03
C ILE A 48 -31.21 -24.60 9.82
N ALA A 49 -31.76 -23.51 9.29
CA ALA A 49 -30.99 -22.30 9.04
C ALA A 49 -30.37 -21.78 10.33
N ALA A 50 -31.19 -21.58 11.34
CA ALA A 50 -30.71 -21.09 12.63
C ALA A 50 -29.78 -22.09 13.29
N ALA A 51 -29.79 -23.32 12.79
CA ALA A 51 -28.93 -24.38 13.33
C ALA A 51 -27.51 -24.16 12.81
N HIS A 52 -27.38 -24.05 11.50
CA HIS A 52 -26.09 -23.81 10.86
C HIS A 52 -25.45 -22.56 11.43
N ASP A 53 -26.19 -21.46 11.37
CA ASP A 53 -25.70 -20.18 11.86
C ASP A 53 -25.15 -20.30 13.27
N ALA A 54 -25.89 -20.95 14.14
CA ALA A 54 -25.45 -21.11 15.52
C ALA A 54 -24.15 -21.90 15.58
N ALA A 55 -24.04 -22.91 14.72
CA ALA A 55 -22.86 -23.75 14.68
C ALA A 55 -21.67 -23.08 13.99
N ARG A 56 -21.94 -22.46 12.85
CA ARG A 56 -20.89 -21.78 12.11
C ARG A 56 -20.36 -20.64 12.94
N ALA A 57 -21.24 -19.99 13.70
CA ALA A 57 -20.82 -18.88 14.55
C ALA A 57 -19.87 -19.40 15.63
N LEU A 58 -20.00 -20.67 15.98
CA LEU A 58 -19.14 -21.27 16.99
C LEU A 58 -17.80 -21.67 16.39
N ARG A 59 -17.84 -22.13 15.13
CA ARG A 59 -16.61 -22.52 14.45
C ARG A 59 -15.70 -21.28 14.39
N VAL A 60 -16.33 -20.10 14.29
CA VAL A 60 -15.59 -18.85 14.22
C VAL A 60 -14.97 -18.54 15.58
N ARG A 61 -15.81 -18.50 16.61
CA ARG A 61 -15.34 -18.22 17.97
C ARG A 61 -14.25 -19.21 18.37
N PHE A 62 -14.46 -20.48 18.05
CA PHE A 62 -13.49 -21.52 18.38
C PHE A 62 -12.13 -21.25 17.74
N LEU A 63 -12.12 -21.14 16.41
CA LEU A 63 -10.89 -20.88 15.67
C LEU A 63 -10.28 -19.51 15.98
N ASP A 64 -11.11 -18.56 16.39
CA ASP A 64 -10.60 -17.24 16.71
C ASP A 64 -9.59 -17.26 17.85
N THR A 65 -9.47 -18.39 18.54
CA THR A 65 -8.51 -18.49 19.64
C THR A 65 -7.64 -19.76 19.58
N HIS A 66 -8.12 -20.79 18.88
CA HIS A 66 -7.41 -22.06 18.80
C HIS A 66 -6.85 -22.40 17.42
N ALA A 67 -6.93 -21.46 16.48
CA ALA A 67 -6.45 -21.65 15.12
C ALA A 67 -5.01 -22.16 15.02
N ASP A 68 -4.08 -21.45 15.64
CA ASP A 68 -2.68 -21.87 15.57
C ASP A 68 -2.54 -23.27 16.16
N ALA A 69 -3.24 -23.52 17.26
CA ALA A 69 -3.20 -24.83 17.90
C ALA A 69 -3.74 -25.89 16.93
N VAL A 70 -4.90 -25.64 16.35
CA VAL A 70 -5.51 -26.58 15.41
C VAL A 70 -4.66 -26.78 14.17
N TYR A 71 -3.93 -25.73 13.76
CA TYR A 71 -3.08 -25.83 12.58
C TYR A 71 -1.79 -26.58 12.88
N ASP A 72 -1.20 -26.32 14.04
CA ASP A 72 0.06 -26.98 14.44
C ASP A 72 -0.07 -28.49 14.59
N ARG A 73 -1.26 -28.92 14.99
CA ARG A 73 -1.57 -30.34 15.18
C ARG A 73 -1.60 -31.08 13.85
N LEU A 74 -2.09 -30.42 12.81
CA LEU A 74 -2.21 -31.02 11.48
C LEU A 74 -0.92 -31.01 10.68
N THR A 75 0.02 -30.14 11.06
CA THR A 75 1.28 -30.01 10.33
C THR A 75 2.51 -30.20 11.20
N ASP A 76 2.33 -30.86 12.35
CA ASP A 76 3.43 -31.08 13.29
C ASP A 76 4.22 -29.79 13.51
N HIS A 77 3.50 -28.77 13.97
CA HIS A 77 4.09 -27.47 14.22
C HIS A 77 4.79 -26.87 13.02
N ARG A 78 4.02 -26.64 11.96
CA ARG A 78 4.52 -26.05 10.74
C ARG A 78 5.80 -26.70 10.22
N ARG A 79 5.95 -28.00 10.46
CA ARG A 79 7.13 -28.68 9.97
C ARG A 79 6.78 -29.51 8.75
N VAL A 80 5.49 -29.66 8.52
CA VAL A 80 4.98 -30.40 7.37
C VAL A 80 4.11 -29.49 6.49
N HIS A 81 4.42 -29.43 5.20
CA HIS A 81 3.66 -28.62 4.25
C HIS A 81 2.48 -29.39 3.65
N LEU A 82 1.27 -28.86 3.85
CA LEU A 82 0.08 -29.50 3.31
C LEU A 82 -0.72 -28.56 2.40
N ARG A 83 -1.01 -29.00 1.18
CA ARG A 83 -1.81 -28.19 0.28
C ARG A 83 -3.24 -28.08 0.84
N LEU A 84 -4.02 -27.19 0.24
CA LEU A 84 -5.40 -26.96 0.67
C LEU A 84 -6.23 -28.23 0.89
N ALA A 85 -6.38 -29.02 -0.16
CA ALA A 85 -7.16 -30.26 -0.10
C ALA A 85 -6.75 -31.13 1.07
N GLU A 86 -5.48 -31.50 1.13
CA GLU A 86 -4.99 -32.33 2.23
C GLU A 86 -5.34 -31.69 3.57
N LEU A 87 -4.97 -30.42 3.74
CA LEU A 87 -5.21 -29.68 4.96
C LEU A 87 -6.65 -29.77 5.48
N VAL A 88 -7.61 -29.32 4.67
CA VAL A 88 -9.01 -29.33 5.06
C VAL A 88 -9.56 -30.73 5.34
N GLU A 89 -8.90 -31.73 4.76
CA GLU A 89 -9.31 -33.11 4.95
C GLU A 89 -8.65 -33.71 6.19
N ALA A 90 -7.44 -33.26 6.50
CA ALA A 90 -6.73 -33.74 7.67
C ALA A 90 -7.33 -33.14 8.93
N ALA A 91 -7.92 -31.97 8.78
CA ALA A 91 -8.55 -31.27 9.90
C ALA A 91 -9.96 -31.80 10.14
N ALA A 92 -10.56 -32.39 9.10
CA ALA A 92 -11.91 -32.94 9.21
C ALA A 92 -11.91 -34.14 10.16
N THR A 93 -11.10 -35.14 9.82
CA THR A 93 -11.01 -36.34 10.64
C THR A 93 -10.31 -36.12 12.00
N ALA A 94 -9.45 -35.12 12.08
CA ALA A 94 -8.76 -34.83 13.33
C ALA A 94 -9.58 -33.90 14.22
N PHE A 95 -10.54 -33.20 13.63
CA PHE A 95 -11.39 -32.29 14.37
C PHE A 95 -12.82 -32.41 13.85
N PRO A 96 -13.46 -33.55 14.09
CA PRO A 96 -14.84 -33.77 13.62
C PRO A 96 -15.77 -32.63 13.99
N GLY A 97 -16.48 -32.10 13.00
CA GLY A 97 -17.39 -30.99 13.23
C GLY A 97 -16.84 -29.64 12.84
N LEU A 98 -15.51 -29.50 12.79
CA LEU A 98 -14.90 -28.21 12.42
C LEU A 98 -15.09 -27.96 10.93
N VAL A 99 -14.88 -29.00 10.13
CA VAL A 99 -15.04 -28.90 8.68
C VAL A 99 -15.63 -30.19 8.13
N PRO A 100 -16.29 -30.12 6.98
CA PRO A 100 -16.91 -31.28 6.32
C PRO A 100 -16.00 -32.49 6.25
N THR A 101 -16.59 -33.68 6.29
CA THR A 101 -15.77 -34.89 6.18
C THR A 101 -15.71 -35.19 4.70
N GLN A 102 -14.76 -36.03 4.31
CA GLN A 102 -14.60 -36.38 2.91
C GLN A 102 -15.92 -36.78 2.27
N GLN A 103 -16.53 -37.87 2.71
CA GLN A 103 -17.79 -38.31 2.13
C GLN A 103 -18.97 -37.39 2.40
N GLN A 104 -18.87 -36.62 3.48
CA GLN A 104 -19.95 -35.69 3.82
C GLN A 104 -20.09 -34.63 2.73
N LEU A 105 -18.99 -34.27 2.08
CA LEU A 105 -18.88 -33.58 0.87
C LEU A 105 -19.20 -34.20 -0.47
N ALA A 106 -19.07 -35.49 -0.65
CA ALA A 106 -19.39 -36.20 -1.88
C ALA A 106 -20.89 -36.09 -2.07
N VAL A 107 -21.61 -35.99 -0.95
CA VAL A 107 -23.06 -35.85 -0.98
C VAL A 107 -23.39 -34.47 -1.51
N GLU A 108 -22.80 -33.45 -0.90
CA GLU A 108 -23.03 -32.08 -1.32
C GLU A 108 -22.73 -31.94 -2.81
N ARG A 109 -21.59 -32.45 -3.23
CA ARG A 109 -21.16 -32.36 -4.63
C ARG A 109 -22.08 -33.11 -5.60
N SER A 110 -23.02 -33.89 -5.06
CA SER A 110 -23.94 -34.63 -5.91
C SER A 110 -25.32 -34.00 -5.93
N LEU A 111 -25.39 -32.77 -5.43
CA LEU A 111 -26.64 -32.01 -5.39
C LEU A 111 -26.41 -30.73 -6.16
N PRO A 112 -27.42 -30.26 -6.90
CA PRO A 112 -27.17 -29.01 -7.63
C PRO A 112 -27.13 -27.86 -6.61
N GLN A 113 -26.25 -26.88 -6.86
CA GLN A 113 -26.07 -25.73 -5.98
C GLN A 113 -27.23 -25.19 -5.16
N ALA A 114 -28.40 -25.11 -5.78
CA ALA A 114 -29.59 -24.57 -5.13
C ALA A 114 -30.09 -25.53 -4.04
N ALA A 115 -29.57 -26.75 -4.00
CA ALA A 115 -30.00 -27.73 -3.01
C ALA A 115 -28.99 -28.06 -1.91
N LYS A 116 -27.73 -27.68 -2.12
CA LYS A 116 -26.68 -27.97 -1.15
C LYS A 116 -26.90 -27.32 0.22
N GLU A 117 -26.28 -27.90 1.24
CA GLU A 117 -26.40 -27.39 2.62
C GLU A 117 -25.43 -26.25 2.92
N GLY A 118 -24.43 -26.08 2.06
CA GLY A 118 -23.46 -25.02 2.27
C GLY A 118 -22.35 -25.42 3.23
N HIS A 119 -22.00 -26.68 3.23
CA HIS A 119 -20.95 -27.18 4.10
C HIS A 119 -19.58 -26.57 3.80
N GLU A 120 -19.33 -26.26 2.53
CA GLU A 120 -18.04 -25.66 2.15
C GLU A 120 -17.80 -24.40 2.97
N ILE A 121 -18.87 -23.70 3.32
CA ILE A 121 -18.79 -22.48 4.13
C ILE A 121 -17.95 -22.74 5.38
N ASP A 122 -17.95 -23.98 5.84
CA ASP A 122 -17.18 -24.33 7.03
C ASP A 122 -15.68 -24.27 6.72
N GLN A 123 -15.33 -24.61 5.49
CA GLN A 123 -13.94 -24.55 5.06
C GLN A 123 -13.58 -23.08 4.91
N GLY A 124 -14.59 -22.29 4.55
CA GLY A 124 -14.37 -20.86 4.40
C GLY A 124 -13.88 -20.34 5.72
N ILE A 125 -14.62 -20.64 6.77
CA ILE A 125 -14.26 -20.22 8.12
C ILE A 125 -12.88 -20.74 8.52
N PHE A 126 -12.64 -22.02 8.24
CA PHE A 126 -11.35 -22.64 8.57
C PHE A 126 -10.19 -21.91 7.91
N LEU A 127 -10.23 -21.82 6.58
CA LEU A 127 -9.17 -21.16 5.82
C LEU A 127 -8.99 -19.70 6.22
N ARG A 128 -10.10 -19.00 6.46
CA ARG A 128 -10.02 -17.61 6.89
C ARG A 128 -9.16 -17.52 8.15
N ALA A 129 -9.51 -18.31 9.16
CA ALA A 129 -8.76 -18.30 10.41
C ALA A 129 -7.31 -18.75 10.22
N VAL A 130 -7.07 -19.66 9.30
CA VAL A 130 -5.71 -20.14 9.08
C VAL A 130 -4.82 -19.12 8.39
N LEU A 131 -5.38 -18.39 7.43
CA LEU A 131 -4.63 -17.35 6.71
C LEU A 131 -4.52 -16.08 7.54
N ARG A 132 -5.41 -15.88 8.51
CA ARG A 132 -5.35 -14.70 9.37
C ARG A 132 -4.18 -14.85 10.36
N SER A 133 -3.77 -16.10 10.59
CA SER A 133 -2.65 -16.38 11.49
C SER A 133 -1.30 -15.99 10.89
N PRO A 134 -0.55 -15.11 11.56
CA PRO A 134 0.76 -14.68 11.03
C PRO A 134 1.77 -15.82 10.97
N LEU A 135 1.48 -16.92 11.66
CA LEU A 135 2.38 -18.07 11.66
C LEU A 135 1.93 -19.14 10.67
N ALA A 136 0.65 -19.53 10.79
CA ALA A 136 0.04 -20.53 9.96
C ALA A 136 -0.17 -20.07 8.52
N GLY A 137 -0.66 -18.85 8.37
CA GLY A 137 -0.92 -18.29 7.06
C GLY A 137 0.26 -18.35 6.11
N PRO A 138 1.40 -17.76 6.48
CA PRO A 138 2.53 -17.82 5.55
C PRO A 138 2.93 -19.27 5.26
N HIS A 139 2.83 -20.14 6.27
CA HIS A 139 3.19 -21.53 6.07
C HIS A 139 2.32 -22.20 5.01
N LEU A 140 1.02 -21.98 5.06
CA LEU A 140 0.08 -22.57 4.10
C LEU A 140 0.37 -22.01 2.71
N LEU A 141 0.55 -20.70 2.63
CA LEU A 141 0.84 -20.05 1.37
C LEU A 141 2.10 -20.63 0.71
N ASP A 142 3.06 -21.06 1.53
CA ASP A 142 4.27 -21.66 0.97
C ASP A 142 3.93 -23.05 0.42
N ALA A 143 3.12 -23.79 1.16
CA ALA A 143 2.71 -25.14 0.75
C ALA A 143 2.11 -25.11 -0.65
N MET A 144 1.32 -24.07 -0.93
CA MET A 144 0.70 -23.97 -2.23
C MET A 144 1.67 -23.52 -3.31
N LEU A 145 2.76 -22.88 -2.91
CA LEU A 145 3.75 -22.43 -3.89
C LEU A 145 4.70 -23.53 -4.34
N ARG A 146 4.64 -24.69 -3.69
CA ARG A 146 5.52 -25.79 -4.07
C ARG A 146 4.97 -26.55 -5.28
N PRO A 147 5.85 -27.11 -6.11
CA PRO A 147 5.39 -27.84 -7.30
C PRO A 147 4.44 -28.97 -6.92
N THR A 148 3.38 -29.15 -7.72
CA THR A 148 2.41 -30.22 -7.47
C THR A 148 3.03 -31.56 -7.87
N PRO A 149 2.62 -32.66 -7.21
CA PRO A 149 3.18 -33.98 -7.53
C PRO A 149 3.00 -34.35 -9.00
N ARG A 150 1.85 -33.98 -9.56
CA ARG A 150 1.55 -34.27 -10.96
C ARG A 150 2.56 -33.63 -11.91
N ALA A 151 3.10 -32.48 -11.52
CA ALA A 151 4.07 -31.79 -12.35
C ALA A 151 5.43 -32.50 -12.26
N LEU A 152 5.83 -32.80 -11.03
CA LEU A 152 7.10 -33.47 -10.77
C LEU A 152 7.13 -34.83 -11.45
N GLU A 153 5.95 -35.42 -11.59
CA GLU A 153 5.86 -36.72 -12.23
C GLU A 153 6.10 -36.60 -13.75
N LEU A 154 5.51 -35.57 -14.37
CA LEU A 154 5.63 -35.35 -15.80
C LEU A 154 6.87 -34.55 -16.22
N LEU A 155 7.60 -33.97 -15.27
CA LEU A 155 8.79 -33.15 -15.62
C LEU A 155 9.76 -33.83 -16.58
N PRO A 156 10.26 -35.03 -16.24
CA PRO A 156 11.20 -35.69 -17.14
C PRO A 156 10.69 -35.84 -18.59
N GLU A 157 9.49 -36.36 -18.82
CA GLU A 157 9.02 -36.49 -20.19
C GLU A 157 8.90 -35.15 -20.89
N PHE A 158 8.49 -34.11 -20.16
CA PHE A 158 8.34 -32.80 -20.78
C PHE A 158 9.69 -32.33 -21.28
N VAL A 159 10.70 -32.49 -20.43
CA VAL A 159 12.07 -32.12 -20.74
C VAL A 159 12.53 -32.81 -22.03
N ARG A 160 12.24 -34.12 -22.12
CA ARG A 160 12.64 -34.90 -23.30
C ARG A 160 11.84 -34.53 -24.54
N THR A 161 10.52 -34.49 -24.37
CA THR A 161 9.56 -34.22 -25.42
C THR A 161 9.26 -32.76 -25.78
N GLY A 162 9.25 -31.89 -24.77
CA GLY A 162 8.94 -30.50 -25.01
C GLY A 162 7.46 -30.31 -25.31
N GLU A 163 6.66 -31.35 -25.09
CA GLU A 163 5.22 -31.24 -25.37
C GLU A 163 4.35 -32.03 -24.40
N VAL A 164 3.17 -31.51 -24.11
CA VAL A 164 2.26 -32.20 -23.19
C VAL A 164 0.84 -31.76 -23.47
N GLU A 165 -0.03 -32.72 -23.74
CA GLU A 165 -1.41 -32.39 -24.01
C GLU A 165 -2.24 -32.71 -22.79
N MET A 166 -2.87 -31.69 -22.23
CA MET A 166 -3.72 -31.88 -21.08
C MET A 166 -5.16 -31.64 -21.52
N GLU A 167 -6.10 -31.97 -20.67
CA GLU A 167 -7.50 -31.80 -21.04
C GLU A 167 -7.88 -30.37 -21.40
N ALA A 168 -7.37 -29.40 -20.68
CA ALA A 168 -7.71 -28.00 -20.95
C ALA A 168 -6.54 -27.14 -21.39
N VAL A 169 -5.34 -27.72 -21.43
CA VAL A 169 -4.16 -26.95 -21.81
C VAL A 169 -3.18 -27.72 -22.66
N HIS A 170 -2.67 -27.07 -23.70
CA HIS A 170 -1.65 -27.68 -24.53
C HIS A 170 -0.39 -26.93 -24.16
N LEU A 171 0.62 -27.64 -23.69
CA LEU A 171 1.88 -27.01 -23.29
C LEU A 171 2.99 -27.39 -24.23
N GLU A 172 3.73 -26.40 -24.71
CA GLU A 172 4.83 -26.64 -25.62
C GLU A 172 6.03 -25.74 -25.38
N ARG A 173 7.22 -26.34 -25.30
CA ARG A 173 8.46 -25.60 -25.10
C ARG A 173 9.03 -25.31 -26.47
N ARG A 174 9.13 -24.02 -26.81
CA ARG A 174 9.67 -23.62 -28.10
C ARG A 174 10.50 -22.35 -27.93
N ASP A 175 11.73 -22.40 -28.43
CA ASP A 175 12.66 -21.27 -28.36
C ASP A 175 12.74 -20.60 -26.99
N GLY A 176 12.91 -21.40 -25.94
CA GLY A 176 13.00 -20.86 -24.58
C GLY A 176 11.66 -20.38 -24.03
N VAL A 177 10.58 -20.70 -24.72
CA VAL A 177 9.27 -20.27 -24.28
C VAL A 177 8.34 -21.41 -23.91
N ALA A 178 7.67 -21.24 -22.78
CA ALA A 178 6.71 -22.21 -22.35
C ALA A 178 5.44 -21.66 -22.96
N ARG A 179 4.97 -22.31 -24.01
CA ARG A 179 3.76 -21.88 -24.68
C ARG A 179 2.53 -22.62 -24.15
N LEU A 180 1.71 -21.94 -23.36
CA LEU A 180 0.50 -22.53 -22.80
C LEU A 180 -0.74 -22.04 -23.56
N THR A 181 -1.43 -22.99 -24.18
CA THR A 181 -2.63 -22.65 -24.96
C THR A 181 -3.85 -23.26 -24.28
N MET A 182 -4.75 -22.39 -23.80
CA MET A 182 -5.99 -22.86 -23.16
C MET A 182 -6.83 -23.32 -24.34
N CYS A 183 -7.11 -24.61 -24.40
CA CYS A 183 -7.83 -25.16 -25.55
C CYS A 183 -9.20 -25.81 -25.39
N ARG A 184 -10.11 -25.16 -24.65
CA ARG A 184 -11.48 -25.68 -24.51
C ARG A 184 -12.29 -25.12 -25.67
N ASP A 185 -11.94 -25.54 -26.88
CA ASP A 185 -12.56 -25.10 -28.13
C ASP A 185 -14.10 -25.12 -28.19
N ASP A 186 -14.75 -25.86 -27.30
CA ASP A 186 -16.22 -25.94 -27.33
C ASP A 186 -16.92 -24.98 -26.38
N ARG A 187 -16.28 -24.63 -25.27
CA ARG A 187 -16.91 -23.74 -24.31
C ARG A 187 -16.19 -22.39 -24.10
N LEU A 188 -15.45 -21.95 -25.10
CA LEU A 188 -14.73 -20.68 -25.02
C LEU A 188 -13.80 -20.62 -23.81
N ASN A 189 -13.19 -21.75 -23.50
CA ASN A 189 -12.27 -21.85 -22.38
C ASN A 189 -12.86 -21.53 -21.01
N ALA A 190 -14.16 -21.75 -20.86
CA ALA A 190 -14.83 -21.52 -19.57
C ALA A 190 -14.03 -22.35 -18.56
N GLU A 191 -13.90 -21.83 -17.34
CA GLU A 191 -13.09 -22.49 -16.30
C GLU A 191 -13.79 -23.49 -15.37
N ASP A 192 -13.00 -24.47 -14.90
CA ASP A 192 -13.48 -25.50 -13.98
C ASP A 192 -12.32 -26.15 -13.22
N GLY A 193 -12.66 -27.06 -12.31
CA GLY A 193 -11.64 -27.74 -11.51
C GLY A 193 -10.48 -28.38 -12.24
N GLN A 194 -10.77 -29.03 -13.36
CA GLN A 194 -9.73 -29.70 -14.12
C GLN A 194 -8.84 -28.66 -14.79
N GLN A 195 -9.45 -27.59 -15.28
CA GLN A 195 -8.71 -26.52 -15.93
C GLN A 195 -7.66 -25.98 -14.95
N VAL A 196 -8.06 -25.78 -13.70
CA VAL A 196 -7.15 -25.28 -12.69
C VAL A 196 -5.97 -26.22 -12.50
N ASP A 197 -6.27 -27.51 -12.36
CA ASP A 197 -5.22 -28.49 -12.17
C ASP A 197 -4.26 -28.49 -13.37
N ASP A 198 -4.83 -28.44 -14.57
CA ASP A 198 -4.02 -28.43 -15.77
C ASP A 198 -3.12 -27.17 -15.84
N MET A 199 -3.69 -26.01 -15.52
CA MET A 199 -2.94 -24.76 -15.54
C MET A 199 -1.80 -24.82 -14.52
N GLU A 200 -2.09 -25.27 -13.31
CA GLU A 200 -1.06 -25.35 -12.29
C GLU A 200 0.04 -26.35 -12.67
N THR A 201 -0.35 -27.44 -13.31
CA THR A 201 0.62 -28.44 -13.73
C THR A 201 1.50 -27.85 -14.83
N ALA A 202 0.88 -27.11 -15.74
CA ALA A 202 1.60 -26.47 -16.85
C ALA A 202 2.54 -25.39 -16.32
N VAL A 203 2.03 -24.53 -15.44
CA VAL A 203 2.83 -23.47 -14.87
C VAL A 203 4.02 -24.07 -14.10
N ASP A 204 3.77 -25.15 -13.36
CA ASP A 204 4.84 -25.80 -12.60
C ASP A 204 5.91 -26.28 -13.58
N LEU A 205 5.51 -26.99 -14.62
CA LEU A 205 6.45 -27.50 -15.59
C LEU A 205 7.32 -26.40 -16.19
N ALA A 206 6.67 -25.30 -16.60
CA ALA A 206 7.37 -24.18 -17.20
C ALA A 206 8.47 -23.64 -16.27
N LEU A 207 8.18 -23.59 -14.98
CA LEU A 207 9.15 -23.07 -14.04
C LEU A 207 10.28 -24.04 -13.71
N LEU A 208 10.00 -25.34 -13.68
CA LEU A 208 11.03 -26.31 -13.37
C LEU A 208 11.90 -26.61 -14.58
N ASP A 209 11.33 -26.55 -15.78
CA ASP A 209 12.09 -26.84 -17.00
C ASP A 209 13.26 -25.88 -17.26
N PRO A 210 14.50 -26.38 -17.21
CA PRO A 210 15.66 -25.51 -17.46
C PRO A 210 15.73 -24.98 -18.89
N GLY A 211 14.88 -25.51 -19.77
CA GLY A 211 14.88 -25.06 -21.15
C GLY A 211 13.88 -23.94 -21.41
N VAL A 212 13.25 -23.47 -20.33
CA VAL A 212 12.25 -22.42 -20.43
C VAL A 212 12.76 -21.14 -19.76
N ARG A 213 12.76 -20.05 -20.51
CA ARG A 213 13.23 -18.77 -19.96
C ARG A 213 12.06 -17.81 -19.74
N VAL A 214 11.03 -17.95 -20.57
CA VAL A 214 9.84 -17.11 -20.53
C VAL A 214 8.56 -17.89 -20.80
N GLY A 215 7.48 -17.54 -20.12
CA GLY A 215 6.22 -18.24 -20.33
C GLY A 215 5.21 -17.42 -21.11
N LEU A 216 4.30 -18.10 -21.81
CA LEU A 216 3.25 -17.45 -22.61
C LEU A 216 1.88 -18.12 -22.44
N LEU A 217 0.84 -17.32 -22.20
CA LEU A 217 -0.51 -17.84 -22.05
C LEU A 217 -1.41 -17.24 -23.14
N ARG A 218 -1.96 -18.09 -24.00
CA ARG A 218 -2.85 -17.61 -25.05
C ARG A 218 -4.01 -18.58 -25.26
N GLY A 219 -5.09 -18.07 -25.83
CA GLY A 219 -6.25 -18.90 -26.11
C GLY A 219 -6.14 -19.53 -27.48
N GLY A 220 -6.46 -20.82 -27.58
CA GLY A 220 -6.38 -21.50 -28.86
C GLY A 220 -7.60 -21.27 -29.74
N VAL A 221 -7.55 -21.79 -30.96
CA VAL A 221 -8.67 -21.64 -31.90
C VAL A 221 -9.88 -22.41 -31.40
N MET A 222 -11.05 -21.76 -31.45
CA MET A 222 -12.29 -22.39 -30.99
C MET A 222 -12.96 -23.23 -32.09
N SER A 223 -13.98 -24.01 -31.70
CA SER A 223 -14.70 -24.86 -32.65
C SER A 223 -16.21 -24.64 -32.60
N HIS A 224 -16.69 -24.06 -31.52
CA HIS A 224 -18.13 -23.80 -31.38
C HIS A 224 -18.53 -22.95 -32.59
N PRO A 225 -19.63 -23.33 -33.26
CA PRO A 225 -20.13 -22.61 -34.44
C PRO A 225 -20.11 -21.08 -34.42
N ARG A 226 -20.29 -20.48 -33.24
CA ARG A 226 -20.31 -19.03 -33.14
C ARG A 226 -18.93 -18.38 -33.04
N TYR A 227 -17.90 -19.21 -33.04
CA TYR A 227 -16.52 -18.71 -32.97
C TYR A 227 -15.57 -19.61 -33.73
N ARG A 228 -16.12 -20.55 -34.51
CA ARG A 228 -15.30 -21.47 -35.27
C ARG A 228 -14.20 -20.76 -36.06
N GLY A 229 -12.97 -21.25 -35.91
CA GLY A 229 -11.83 -20.68 -36.61
C GLY A 229 -11.15 -19.51 -35.92
N LYS A 230 -11.75 -19.00 -34.84
CA LYS A 230 -11.16 -17.85 -34.13
C LYS A 230 -10.73 -18.15 -32.69
N ARG A 231 -9.65 -17.50 -32.27
CA ARG A 231 -9.11 -17.67 -30.93
C ARG A 231 -9.93 -16.88 -29.90
N VAL A 232 -9.94 -17.37 -28.67
CA VAL A 232 -10.64 -16.70 -27.58
C VAL A 232 -9.85 -16.99 -26.31
N PHE A 233 -9.57 -15.94 -25.54
CA PHE A 233 -8.81 -16.08 -24.30
C PHE A 233 -9.57 -16.84 -23.22
N SER A 234 -10.65 -16.25 -22.73
CA SER A 234 -11.44 -16.87 -21.67
C SER A 234 -12.80 -16.21 -21.43
N ALA A 235 -13.80 -17.03 -21.14
CA ALA A 235 -15.16 -16.55 -20.87
C ALA A 235 -15.44 -16.74 -19.38
N GLY A 236 -14.38 -16.81 -18.59
CA GLY A 236 -14.54 -16.96 -17.15
C GLY A 236 -15.01 -18.32 -16.67
N ILE A 237 -15.48 -18.35 -15.43
CA ILE A 237 -15.96 -19.57 -14.80
C ILE A 237 -17.10 -20.24 -15.58
N ASN A 238 -17.13 -21.57 -15.52
CA ASN A 238 -18.18 -22.31 -16.21
C ASN A 238 -19.49 -22.16 -15.39
N LEU A 239 -20.38 -21.29 -15.86
CA LEU A 239 -21.64 -21.05 -15.18
C LEU A 239 -22.52 -22.31 -15.07
N LYS A 240 -22.55 -23.13 -16.10
CA LYS A 240 -23.33 -24.37 -16.07
C LYS A 240 -22.83 -25.24 -14.93
N TYR A 241 -21.53 -25.51 -14.92
CA TYR A 241 -20.93 -26.32 -13.87
C TYR A 241 -21.22 -25.71 -12.50
N LEU A 242 -21.20 -24.39 -12.42
CA LEU A 242 -21.44 -23.71 -11.16
C LEU A 242 -22.87 -23.94 -10.68
N SER A 243 -23.84 -23.76 -11.57
CA SER A 243 -25.24 -23.97 -11.25
C SER A 243 -25.44 -25.43 -10.83
N GLN A 244 -24.72 -26.32 -11.51
CA GLN A 244 -24.78 -27.76 -11.25
C GLN A 244 -24.01 -28.23 -10.02
N GLY A 245 -23.52 -27.28 -9.22
CA GLY A 245 -22.79 -27.61 -8.01
C GLY A 245 -21.41 -28.23 -8.20
N GLY A 246 -20.79 -28.04 -9.37
CA GLY A 246 -19.47 -28.61 -9.61
C GLY A 246 -18.28 -27.67 -9.51
N ILE A 247 -18.42 -26.59 -8.76
CA ILE A 247 -17.34 -25.61 -8.56
C ILE A 247 -16.93 -25.63 -7.09
N SER A 248 -15.85 -26.32 -6.78
CA SER A 248 -15.35 -26.43 -5.42
C SER A 248 -14.73 -25.15 -4.88
N LEU A 249 -15.21 -24.72 -3.71
CA LEU A 249 -14.69 -23.53 -3.07
C LEU A 249 -13.19 -23.69 -2.87
N VAL A 250 -12.79 -24.86 -2.39
CA VAL A 250 -11.40 -25.16 -2.11
C VAL A 250 -10.54 -25.48 -3.33
N ASP A 251 -10.92 -26.52 -4.05
CA ASP A 251 -10.15 -26.97 -5.20
C ASP A 251 -10.29 -26.13 -6.46
N PHE A 252 -11.07 -25.06 -6.41
CA PHE A 252 -11.19 -24.19 -7.57
C PHE A 252 -10.91 -22.73 -7.24
N LEU A 253 -11.86 -22.08 -6.57
CA LEU A 253 -11.75 -20.67 -6.19
C LEU A 253 -10.51 -20.34 -5.36
N MET A 254 -10.21 -21.16 -4.36
CA MET A 254 -9.03 -20.93 -3.53
C MET A 254 -7.78 -21.50 -4.18
N ARG A 255 -7.88 -22.70 -4.73
CA ARG A 255 -6.74 -23.36 -5.34
C ARG A 255 -6.07 -22.50 -6.41
N ARG A 256 -6.84 -22.00 -7.36
CA ARG A 256 -6.28 -21.19 -8.42
C ARG A 256 -5.61 -19.94 -7.88
N GLU A 257 -6.18 -19.30 -6.86
CA GLU A 257 -5.59 -18.08 -6.33
C GLU A 257 -4.29 -18.29 -5.56
N LEU A 258 -4.19 -19.38 -4.80
CA LEU A 258 -2.98 -19.62 -4.04
C LEU A 258 -1.96 -20.49 -4.78
N GLY A 259 -2.41 -21.15 -5.85
CA GLY A 259 -1.54 -22.00 -6.62
C GLY A 259 -0.91 -21.35 -7.85
N TYR A 260 -1.37 -21.74 -9.03
CA TYR A 260 -0.80 -21.20 -10.25
C TYR A 260 -0.83 -19.68 -10.43
N ILE A 261 -1.84 -19.00 -9.93
CA ILE A 261 -1.85 -17.55 -10.09
C ILE A 261 -0.82 -16.90 -9.18
N HIS A 262 -0.69 -17.42 -7.96
CA HIS A 262 0.31 -16.87 -7.06
C HIS A 262 1.69 -17.25 -7.59
N LYS A 263 1.78 -18.41 -8.24
CA LYS A 263 3.06 -18.86 -8.79
C LYS A 263 3.51 -18.01 -9.97
N LEU A 264 2.57 -17.44 -10.71
CA LEU A 264 2.93 -16.60 -11.85
C LEU A 264 3.67 -15.39 -11.30
N VAL A 265 3.32 -15.02 -10.07
CA VAL A 265 3.94 -13.88 -9.41
C VAL A 265 5.23 -14.26 -8.71
N ARG A 266 5.12 -15.15 -7.73
CA ARG A 266 6.24 -15.54 -6.92
C ARG A 266 7.05 -16.78 -7.32
N GLY A 267 6.59 -17.53 -8.32
CA GLY A 267 7.30 -18.72 -8.74
C GLY A 267 7.04 -19.94 -7.85
N VAL A 268 7.83 -21.01 -8.05
CA VAL A 268 7.66 -22.22 -7.25
C VAL A 268 8.74 -22.35 -6.21
N LEU A 269 8.33 -22.75 -5.01
CA LEU A 269 9.23 -22.94 -3.89
C LEU A 269 9.78 -24.36 -3.94
N THR A 270 11.09 -24.47 -4.17
CA THR A 270 11.74 -25.77 -4.26
C THR A 270 12.43 -26.16 -2.95
N ASN A 271 13.07 -27.32 -2.96
CA ASN A 271 13.80 -27.82 -1.79
C ASN A 271 15.24 -27.34 -1.93
N ASP A 272 15.97 -27.34 -0.81
CA ASP A 272 17.35 -26.90 -0.81
C ASP A 272 18.27 -27.79 -1.66
N ASP A 273 18.15 -27.70 -2.98
CA ASP A 273 18.98 -28.50 -3.88
C ASP A 273 19.93 -27.65 -4.69
N ARG A 274 19.46 -27.07 -5.79
CA ARG A 274 20.31 -26.22 -6.63
C ARG A 274 21.11 -25.23 -5.78
N PRO A 275 22.24 -24.75 -6.33
CA PRO A 275 23.07 -23.77 -5.59
C PRO A 275 22.37 -22.41 -5.67
N GLY A 276 22.72 -21.48 -4.79
CA GLY A 276 22.07 -20.17 -4.81
C GLY A 276 20.67 -20.21 -4.22
N TRP A 277 20.28 -21.35 -3.66
CA TRP A 277 18.98 -21.52 -3.04
C TRP A 277 18.87 -20.61 -1.82
N TRP A 278 20.01 -20.35 -1.17
CA TRP A 278 20.03 -19.49 0.01
C TRP A 278 19.65 -18.05 -0.31
N HIS A 279 19.72 -17.67 -1.58
CA HIS A 279 19.35 -16.31 -1.95
C HIS A 279 18.11 -16.25 -2.83
N SER A 280 17.69 -17.41 -3.34
CA SER A 280 16.51 -17.52 -4.20
C SER A 280 15.84 -18.89 -4.00
N PRO A 281 15.10 -19.05 -2.90
CA PRO A 281 14.42 -20.31 -2.59
C PRO A 281 13.31 -20.68 -3.58
N ARG A 282 12.88 -19.73 -4.41
CA ARG A 282 11.84 -20.01 -5.39
C ARG A 282 12.34 -19.76 -6.81
N ILE A 283 11.76 -20.47 -7.77
CA ILE A 283 12.14 -20.28 -9.17
C ILE A 283 10.98 -19.56 -9.84
N GLU A 284 11.26 -18.35 -10.29
CA GLU A 284 10.25 -17.54 -10.96
C GLU A 284 10.79 -17.19 -12.33
N LYS A 285 9.89 -16.77 -13.21
CA LYS A 285 10.20 -16.35 -14.57
C LYS A 285 9.09 -15.40 -15.05
N PRO A 286 9.40 -14.50 -15.99
CA PRO A 286 8.45 -13.53 -16.54
C PRO A 286 7.40 -14.22 -17.43
N TRP A 287 6.20 -13.63 -17.47
CA TRP A 287 5.10 -14.19 -18.25
C TRP A 287 4.43 -13.17 -19.16
N VAL A 288 4.09 -13.60 -20.37
CA VAL A 288 3.40 -12.76 -21.35
C VAL A 288 2.02 -13.34 -21.65
N ALA A 289 1.03 -12.47 -21.77
CA ALA A 289 -0.33 -12.90 -22.09
C ALA A 289 -0.81 -12.17 -23.34
N ALA A 290 -1.41 -12.92 -24.27
CA ALA A 290 -1.93 -12.42 -25.54
C ALA A 290 -3.44 -12.65 -25.54
N VAL A 291 -4.22 -11.58 -25.60
CA VAL A 291 -5.67 -11.69 -25.53
C VAL A 291 -6.43 -11.63 -26.85
N ASP A 292 -7.00 -12.77 -27.25
CA ASP A 292 -7.79 -12.88 -28.47
C ASP A 292 -9.31 -12.87 -28.14
N GLY A 293 -10.09 -12.11 -28.90
CA GLY A 293 -11.52 -12.05 -28.67
C GLY A 293 -11.92 -11.30 -27.41
N PHE A 294 -11.67 -11.90 -26.27
CA PHE A 294 -11.99 -11.24 -25.01
C PHE A 294 -11.49 -12.02 -23.83
N ALA A 295 -11.38 -11.32 -22.71
CA ALA A 295 -10.94 -11.90 -21.46
C ALA A 295 -12.03 -11.49 -20.51
N ILE A 296 -12.81 -12.44 -20.02
CA ILE A 296 -13.92 -12.13 -19.12
C ILE A 296 -13.71 -12.86 -17.80
N GLY A 297 -14.06 -12.21 -16.70
CA GLY A 297 -13.96 -12.85 -15.40
C GLY A 297 -12.61 -13.42 -15.00
N GLY A 298 -12.60 -14.72 -14.68
CA GLY A 298 -11.38 -15.38 -14.27
C GLY A 298 -10.27 -15.09 -15.26
N GLY A 299 -10.65 -15.02 -16.54
CA GLY A 299 -9.69 -14.72 -17.58
C GLY A 299 -9.15 -13.30 -17.48
N ALA A 300 -10.04 -12.35 -17.21
CA ALA A 300 -9.64 -10.96 -17.09
C ALA A 300 -8.82 -10.77 -15.79
N GLN A 301 -9.17 -11.54 -14.76
CA GLN A 301 -8.49 -11.48 -13.46
C GLN A 301 -7.01 -11.83 -13.64
N LEU A 302 -6.78 -12.79 -14.52
CA LEU A 302 -5.47 -13.34 -14.84
C LEU A 302 -4.48 -12.27 -15.35
N LEU A 303 -5.01 -11.33 -16.13
CA LEU A 303 -4.21 -10.27 -16.71
C LEU A 303 -3.50 -9.36 -15.71
N LEU A 304 -4.06 -9.24 -14.50
CA LEU A 304 -3.49 -8.39 -13.45
C LEU A 304 -2.21 -8.94 -12.84
N VAL A 305 -1.61 -9.92 -13.37
CA VAL A 305 -0.52 -10.64 -12.96
C VAL A 305 0.52 -10.82 -13.86
N PHE A 306 0.42 -10.48 -15.10
CA PHE A 306 1.42 -10.68 -16.14
C PHE A 306 2.47 -9.58 -16.30
N ASP A 307 3.65 -9.95 -16.80
CA ASP A 307 4.75 -8.99 -17.02
C ASP A 307 4.58 -8.19 -18.31
N ARG A 308 3.84 -8.75 -19.27
CA ARG A 308 3.56 -8.07 -20.54
C ARG A 308 2.19 -8.55 -21.04
N VAL A 309 1.39 -7.67 -21.63
CA VAL A 309 0.07 -8.07 -22.09
C VAL A 309 -0.29 -7.48 -23.45
N LEU A 310 -0.53 -8.37 -24.41
CA LEU A 310 -0.89 -7.99 -25.76
C LEU A 310 -2.37 -8.33 -25.94
N ALA A 311 -3.03 -7.59 -26.82
CA ALA A 311 -4.43 -7.80 -27.10
C ALA A 311 -4.73 -7.49 -28.55
N SER A 312 -5.73 -8.16 -29.10
CA SER A 312 -6.17 -7.93 -30.47
C SER A 312 -7.00 -6.66 -30.42
N SER A 313 -6.95 -5.87 -31.49
CA SER A 313 -7.69 -4.61 -31.55
C SER A 313 -9.19 -4.72 -31.32
N ASP A 314 -9.77 -5.87 -31.64
CA ASP A 314 -11.21 -6.09 -31.49
C ASP A 314 -11.60 -6.77 -30.19
N ALA A 315 -10.66 -6.91 -29.26
CA ALA A 315 -10.97 -7.56 -28.00
C ALA A 315 -11.44 -6.60 -26.92
N TYR A 316 -12.01 -7.17 -25.85
CA TYR A 316 -12.47 -6.38 -24.72
C TYR A 316 -12.17 -7.11 -23.42
N PHE A 317 -12.29 -6.41 -22.30
CA PHE A 317 -12.00 -7.04 -21.03
C PHE A 317 -13.12 -6.70 -20.08
N SER A 318 -13.53 -7.67 -19.26
CA SER A 318 -14.61 -7.41 -18.30
C SER A 318 -14.82 -8.40 -17.17
N LEU A 319 -15.39 -7.87 -16.09
CA LEU A 319 -15.79 -8.60 -14.89
C LEU A 319 -17.28 -8.22 -14.87
N PRO A 320 -18.09 -8.88 -15.72
CA PRO A 320 -19.53 -8.75 -15.96
C PRO A 320 -20.60 -8.94 -14.88
N ALA A 321 -20.35 -9.81 -13.91
CA ALA A 321 -21.35 -10.11 -12.88
C ALA A 321 -21.43 -9.09 -11.75
N ALA A 322 -21.67 -7.84 -12.11
CA ALA A 322 -21.75 -6.78 -11.10
C ALA A 322 -22.96 -6.90 -10.16
N LYS A 323 -24.01 -7.47 -10.62
CA LYS A 323 -25.20 -7.63 -9.82
C LYS A 323 -25.58 -8.85 -9.16
N GLU A 324 -25.16 -9.92 -9.64
CA GLU A 324 -25.41 -11.19 -8.96
C GLU A 324 -24.33 -12.25 -9.09
N GLY A 325 -23.07 -11.84 -9.03
CA GLY A 325 -21.99 -12.80 -9.15
C GLY A 325 -21.11 -12.93 -7.92
N ILE A 326 -20.12 -13.80 -8.01
CA ILE A 326 -19.20 -13.97 -6.91
C ILE A 326 -18.09 -12.93 -7.03
N ILE A 327 -17.31 -12.75 -5.98
CA ILE A 327 -16.23 -11.78 -6.05
C ILE A 327 -15.32 -12.22 -7.20
N PRO A 328 -14.92 -11.27 -8.06
CA PRO A 328 -14.05 -11.63 -9.18
C PRO A 328 -12.61 -11.94 -8.70
N GLY A 329 -12.43 -13.14 -8.15
CA GLY A 329 -11.12 -13.54 -7.67
C GLY A 329 -10.36 -12.49 -6.88
N ALA A 330 -9.10 -12.30 -7.26
CA ALA A 330 -8.23 -11.33 -6.60
C ALA A 330 -8.27 -9.98 -7.28
N ALA A 331 -9.20 -9.81 -8.22
CA ALA A 331 -9.32 -8.56 -8.94
C ALA A 331 -9.57 -7.39 -7.96
N ASN A 332 -10.38 -7.62 -6.93
CA ASN A 332 -10.68 -6.55 -5.98
C ASN A 332 -9.43 -6.07 -5.25
N LEU A 333 -8.43 -6.93 -5.15
CA LEU A 333 -7.19 -6.58 -4.48
C LEU A 333 -6.22 -5.87 -5.42
N ARG A 334 -6.26 -6.24 -6.69
CA ARG A 334 -5.33 -5.72 -7.67
C ARG A 334 -5.75 -4.62 -8.65
N LEU A 335 -7.01 -4.62 -9.10
CA LEU A 335 -7.45 -3.64 -10.08
C LEU A 335 -7.11 -2.19 -9.69
N GLY A 336 -7.33 -1.83 -8.43
CA GLY A 336 -7.03 -0.48 -8.00
C GLY A 336 -5.63 -0.02 -8.38
N ARG A 337 -4.66 -0.88 -8.16
CA ARG A 337 -3.26 -0.62 -8.47
C ARG A 337 -3.13 -0.23 -9.95
N PHE A 338 -3.90 -0.90 -10.80
CA PHE A 338 -3.89 -0.68 -12.24
C PHE A 338 -4.74 0.48 -12.78
N ALA A 339 -5.95 0.65 -12.25
CA ALA A 339 -6.82 1.69 -12.78
C ALA A 339 -7.34 2.76 -11.82
N GLY A 340 -6.98 2.66 -10.54
CA GLY A 340 -7.45 3.63 -9.57
C GLY A 340 -8.80 3.21 -9.04
N PRO A 341 -9.24 3.81 -7.91
CA PRO A 341 -10.52 3.56 -7.21
C PRO A 341 -11.77 3.71 -8.06
N ARG A 342 -11.85 4.82 -8.80
CA ARG A 342 -12.98 5.12 -9.65
C ARG A 342 -13.20 4.10 -10.77
N VAL A 343 -12.18 3.81 -11.56
CA VAL A 343 -12.31 2.86 -12.64
C VAL A 343 -12.51 1.43 -12.14
N SER A 344 -11.99 1.14 -10.96
CA SER A 344 -12.12 -0.17 -10.37
C SER A 344 -13.57 -0.45 -10.01
N ARG A 345 -14.21 0.55 -9.42
CA ARG A 345 -15.60 0.40 -9.03
C ARG A 345 -16.51 0.45 -10.25
N GLN A 346 -16.06 1.08 -11.33
CA GLN A 346 -16.90 1.12 -12.53
C GLN A 346 -16.90 -0.26 -13.16
N VAL A 347 -15.72 -0.87 -13.18
CA VAL A 347 -15.54 -2.22 -13.74
C VAL A 347 -16.18 -3.29 -12.87
N ILE A 348 -15.82 -3.33 -11.60
CA ILE A 348 -16.33 -4.36 -10.70
C ILE A 348 -17.72 -4.13 -10.09
N LEU A 349 -18.03 -2.90 -9.69
CA LEU A 349 -19.32 -2.59 -9.10
C LEU A 349 -20.43 -2.42 -10.15
N GLU A 350 -20.07 -1.93 -11.34
CA GLU A 350 -21.09 -1.72 -12.37
C GLU A 350 -20.89 -2.40 -13.73
N GLY A 351 -20.08 -3.45 -13.78
CA GLY A 351 -19.88 -4.18 -15.02
C GLY A 351 -19.34 -3.42 -16.22
N ARG A 352 -18.67 -2.30 -15.98
CA ARG A 352 -18.13 -1.56 -17.11
C ARG A 352 -17.20 -2.45 -17.92
N ARG A 353 -17.42 -2.48 -19.23
CA ARG A 353 -16.60 -3.26 -20.13
C ARG A 353 -15.61 -2.29 -20.81
N ILE A 354 -14.35 -2.71 -20.92
CA ILE A 354 -13.32 -1.86 -21.53
C ILE A 354 -12.82 -2.46 -22.84
N TRP A 355 -12.91 -1.68 -23.92
CA TRP A 355 -12.46 -2.16 -25.21
C TRP A 355 -10.97 -1.93 -25.40
N ALA A 356 -10.34 -2.86 -26.09
CA ALA A 356 -8.91 -2.82 -26.36
C ALA A 356 -8.45 -1.52 -26.99
N LYS A 357 -9.26 -0.95 -27.87
CA LYS A 357 -8.86 0.27 -28.55
C LYS A 357 -9.17 1.59 -27.87
N GLU A 358 -9.72 1.58 -26.66
CA GLU A 358 -9.97 2.86 -26.02
C GLU A 358 -8.79 3.23 -25.13
N PRO A 359 -8.59 4.53 -24.90
CA PRO A 359 -7.49 5.04 -24.07
C PRO A 359 -7.23 4.29 -22.77
N GLU A 360 -8.27 4.02 -21.99
CA GLU A 360 -8.04 3.35 -20.72
C GLU A 360 -7.67 1.87 -20.78
N ALA A 361 -7.64 1.31 -21.97
CA ALA A 361 -7.26 -0.10 -22.10
C ALA A 361 -5.77 -0.23 -21.78
N ARG A 362 -5.04 0.88 -21.90
CA ARG A 362 -3.60 0.87 -21.62
C ARG A 362 -3.32 0.82 -20.13
N LEU A 363 -4.39 0.72 -19.34
CA LEU A 363 -4.23 0.59 -17.89
C LEU A 363 -4.05 -0.91 -17.61
N LEU A 364 -4.44 -1.73 -18.59
CA LEU A 364 -4.38 -3.19 -18.45
C LEU A 364 -3.60 -3.92 -19.54
N VAL A 365 -3.51 -3.30 -20.72
CA VAL A 365 -2.85 -3.90 -21.86
C VAL A 365 -1.67 -3.07 -22.33
N ASP A 366 -0.52 -3.68 -22.55
CA ASP A 366 0.66 -2.94 -23.01
C ASP A 366 0.60 -2.68 -24.52
N GLU A 367 0.19 -3.68 -25.30
CA GLU A 367 0.14 -3.51 -26.75
C GLU A 367 -1.13 -4.03 -27.42
N VAL A 368 -1.79 -3.15 -28.16
CA VAL A 368 -2.99 -3.52 -28.90
C VAL A 368 -2.57 -3.53 -30.36
N VAL A 369 -2.58 -4.70 -30.99
CA VAL A 369 -2.17 -4.80 -32.38
C VAL A 369 -3.25 -5.39 -33.28
N GLU A 370 -3.19 -5.03 -34.56
CA GLU A 370 -4.16 -5.53 -35.52
C GLU A 370 -4.07 -7.06 -35.62
N PRO A 371 -5.21 -7.75 -35.75
CA PRO A 371 -5.17 -9.21 -35.84
C PRO A 371 -4.14 -9.75 -36.84
N ASP A 372 -3.95 -9.02 -37.94
CA ASP A 372 -2.99 -9.45 -38.96
C ASP A 372 -1.54 -9.36 -38.49
N GLU A 373 -1.23 -8.44 -37.57
CA GLU A 373 0.14 -8.28 -37.11
C GLU A 373 0.37 -8.78 -35.68
N LEU A 374 -0.68 -9.35 -35.11
CA LEU A 374 -0.64 -9.87 -33.74
C LEU A 374 0.40 -10.95 -33.47
N ASP A 375 0.38 -12.03 -34.25
CA ASP A 375 1.34 -13.11 -34.03
C ASP A 375 2.78 -12.61 -34.00
N ALA A 376 3.13 -11.72 -34.93
CA ALA A 376 4.48 -11.21 -34.97
C ALA A 376 4.83 -10.40 -33.72
N ALA A 377 3.89 -9.60 -33.22
CA ALA A 377 4.14 -8.80 -32.02
C ALA A 377 4.39 -9.70 -30.78
N ILE A 378 3.64 -10.78 -30.66
CA ILE A 378 3.82 -11.72 -29.55
C ILE A 378 5.25 -12.29 -29.56
N GLU A 379 5.68 -12.79 -30.72
CA GLU A 379 7.01 -13.36 -30.83
C GLU A 379 8.08 -12.34 -30.49
N ARG A 380 7.84 -11.09 -30.85
CA ARG A 380 8.80 -10.03 -30.57
C ARG A 380 8.88 -9.71 -29.07
N SER A 381 7.73 -9.68 -28.40
CA SER A 381 7.72 -9.38 -26.97
C SER A 381 8.35 -10.50 -26.14
N LEU A 382 8.30 -11.73 -26.65
CA LEU A 382 8.86 -12.89 -25.95
C LEU A 382 10.39 -12.84 -25.86
N THR A 383 11.04 -12.13 -26.75
CA THR A 383 12.49 -12.05 -26.72
C THR A 383 13.03 -10.94 -25.80
N ARG A 384 12.19 -9.98 -25.43
CA ARG A 384 12.68 -8.88 -24.60
C ARG A 384 12.71 -9.14 -23.08
N LEU A 385 12.31 -10.33 -22.67
CA LEU A 385 12.25 -10.67 -21.25
C LEU A 385 13.18 -11.80 -20.79
N ASP A 386 14.26 -12.06 -21.53
CA ASP A 386 15.19 -13.15 -21.23
C ASP A 386 16.20 -13.07 -20.08
N GLY A 387 16.97 -12.01 -20.03
CA GLY A 387 18.01 -11.92 -19.01
C GLY A 387 17.74 -12.09 -17.52
N ASP A 388 18.79 -11.81 -16.74
CA ASP A 388 18.77 -11.88 -15.28
C ASP A 388 18.29 -10.53 -14.69
N ALA A 389 18.46 -9.46 -15.44
CA ALA A 389 18.03 -8.14 -15.01
C ALA A 389 16.51 -8.22 -14.85
N VAL A 390 15.86 -8.75 -15.87
CA VAL A 390 14.42 -8.89 -15.81
C VAL A 390 14.00 -9.70 -14.58
N LEU A 391 14.63 -10.85 -14.37
CA LEU A 391 14.27 -11.68 -13.22
C LEU A 391 14.43 -10.92 -11.92
N ALA A 392 15.58 -10.28 -11.72
CA ALA A 392 15.80 -9.53 -10.50
C ALA A 392 14.79 -8.39 -10.34
N ASN A 393 14.61 -7.60 -11.40
CA ASN A 393 13.68 -6.48 -11.34
C ASN A 393 12.19 -6.82 -11.12
N ARG A 394 11.68 -7.86 -11.76
CA ARG A 394 10.27 -8.20 -11.60
C ARG A 394 10.01 -8.73 -10.18
N ARG A 395 11.04 -9.33 -9.58
CA ARG A 395 10.94 -9.84 -8.23
C ARG A 395 10.79 -8.66 -7.26
N MET A 396 11.61 -7.62 -7.46
CA MET A 396 11.56 -6.43 -6.62
C MET A 396 10.26 -5.67 -6.88
N LEU A 397 9.84 -5.62 -8.14
CA LEU A 397 8.59 -4.93 -8.50
C LEU A 397 7.38 -5.60 -7.83
N ASN A 398 7.30 -6.93 -7.92
CA ASN A 398 6.18 -7.66 -7.33
C ASN A 398 6.14 -7.59 -5.82
N LEU A 399 7.32 -7.52 -5.20
CA LEU A 399 7.43 -7.39 -3.75
C LEU A 399 6.86 -6.02 -3.31
N ALA A 400 7.04 -5.01 -4.15
CA ALA A 400 6.57 -3.65 -3.87
C ALA A 400 5.08 -3.43 -4.17
N ASP A 401 4.60 -4.03 -5.25
CA ASP A 401 3.19 -3.90 -5.66
C ASP A 401 2.24 -4.67 -4.72
N GLU A 402 2.66 -5.86 -4.31
CA GLU A 402 1.82 -6.71 -3.48
C GLU A 402 2.61 -7.41 -2.38
N SER A 403 2.57 -6.84 -1.18
CA SER A 403 3.26 -7.39 -0.04
C SER A 403 2.64 -8.71 0.37
N PRO A 404 3.40 -9.56 1.07
CA PRO A 404 2.95 -10.86 1.54
C PRO A 404 1.74 -10.71 2.45
N ASP A 405 1.78 -9.66 3.27
CA ASP A 405 0.70 -9.36 4.20
C ASP A 405 -0.54 -8.87 3.45
N GLY A 406 -0.33 -8.01 2.47
CA GLY A 406 -1.46 -7.52 1.71
C GLY A 406 -2.24 -8.70 1.13
N PHE A 407 -1.52 -9.63 0.54
CA PHE A 407 -2.13 -10.80 -0.09
C PHE A 407 -2.74 -11.79 0.87
N ARG A 408 -1.98 -12.16 1.91
CA ARG A 408 -2.49 -13.10 2.89
C ARG A 408 -3.75 -12.57 3.51
N ALA A 409 -3.70 -11.30 3.91
CA ALA A 409 -4.83 -10.63 4.53
C ALA A 409 -6.06 -10.70 3.65
N TYR A 410 -5.88 -10.37 2.37
CA TYR A 410 -6.99 -10.38 1.42
C TYR A 410 -7.58 -11.79 1.23
N MET A 411 -6.72 -12.76 0.96
CA MET A 411 -7.17 -14.12 0.76
C MET A 411 -7.90 -14.66 1.99
N ALA A 412 -7.47 -14.22 3.17
CA ALA A 412 -8.12 -14.66 4.40
C ALA A 412 -9.62 -14.34 4.37
N GLU A 413 -9.96 -13.05 4.26
CA GLU A 413 -11.37 -12.61 4.20
C GLU A 413 -12.07 -13.18 2.98
N PHE A 414 -11.37 -13.18 1.85
CA PHE A 414 -11.94 -13.70 0.62
C PHE A 414 -12.44 -15.12 0.86
N ALA A 415 -11.65 -15.90 1.60
CA ALA A 415 -12.01 -17.28 1.90
C ALA A 415 -13.44 -17.42 2.45
N LEU A 416 -13.84 -16.56 3.38
CA LEU A 416 -15.19 -16.65 3.92
C LEU A 416 -16.21 -15.89 3.07
N MET A 417 -15.83 -14.71 2.60
CA MET A 417 -16.72 -13.92 1.77
C MET A 417 -17.09 -14.68 0.50
N GLN A 418 -16.10 -15.23 -0.19
CA GLN A 418 -16.38 -15.95 -1.43
C GLN A 418 -17.20 -17.22 -1.19
N ALA A 419 -17.14 -17.74 0.04
CA ALA A 419 -17.87 -18.93 0.39
C ALA A 419 -19.36 -18.57 0.47
N LEU A 420 -19.66 -17.50 1.19
CA LEU A 420 -21.03 -17.02 1.37
C LEU A 420 -21.68 -16.65 0.06
N ARG A 421 -20.88 -16.09 -0.85
CA ARG A 421 -21.40 -15.70 -2.16
C ARG A 421 -21.64 -16.95 -2.98
N LEU A 422 -20.82 -17.97 -2.74
CA LEU A 422 -20.92 -19.23 -3.48
C LEU A 422 -22.25 -19.96 -3.21
N TYR A 423 -22.96 -19.54 -2.16
CA TYR A 423 -24.24 -20.11 -1.79
C TYR A 423 -25.26 -18.99 -1.59
N GLY A 424 -25.10 -17.91 -2.36
CA GLY A 424 -26.01 -16.79 -2.28
C GLY A 424 -27.20 -17.05 -3.19
N HIS A 425 -28.41 -16.90 -2.67
CA HIS A 425 -29.59 -17.14 -3.49
C HIS A 425 -29.55 -16.35 -4.79
N ASP A 426 -29.08 -15.11 -4.73
CA ASP A 426 -29.01 -14.29 -5.93
C ASP A 426 -28.06 -14.88 -6.98
N VAL A 427 -26.92 -15.42 -6.52
CA VAL A 427 -25.99 -16.00 -7.47
C VAL A 427 -26.51 -17.34 -7.98
N ILE A 428 -26.98 -18.18 -7.06
CA ILE A 428 -27.49 -19.50 -7.45
C ILE A 428 -28.57 -19.27 -8.50
N ASP A 429 -29.39 -18.26 -8.25
CA ASP A 429 -30.47 -17.91 -9.15
C ASP A 429 -29.97 -17.51 -10.54
N LYS A 430 -29.08 -16.53 -10.59
CA LYS A 430 -28.55 -16.06 -11.86
C LYS A 430 -27.90 -17.17 -12.66
N VAL A 431 -27.07 -17.96 -11.98
CA VAL A 431 -26.37 -19.04 -12.64
C VAL A 431 -27.27 -20.07 -13.34
N GLY A 432 -28.45 -20.31 -12.78
CA GLY A 432 -29.37 -21.28 -13.36
C GLY A 432 -29.99 -20.86 -14.68
N ARG A 433 -29.97 -19.57 -14.98
CA ARG A 433 -30.56 -19.06 -16.21
C ARG A 433 -29.62 -19.09 -17.42
N PHE A 434 -28.34 -19.31 -17.17
CA PHE A 434 -27.37 -19.34 -18.28
C PHE A 434 -27.60 -20.54 -19.19
N GLY A 435 -27.78 -20.29 -20.47
CA GLY A 435 -28.00 -21.38 -21.41
C GLY A 435 -27.25 -21.21 -22.72
N THR B 13 6.60 5.80 38.76
CA THR B 13 7.68 4.79 38.92
C THR B 13 8.97 5.18 38.19
N ASP B 14 8.84 5.54 36.92
CA ASP B 14 10.00 5.97 36.12
C ASP B 14 10.15 7.50 36.22
N GLY B 15 9.35 8.09 37.09
CA GLY B 15 9.41 9.53 37.30
C GLY B 15 8.72 10.41 36.27
N LEU B 16 8.29 9.81 35.16
CA LEU B 16 7.64 10.56 34.11
C LEU B 16 6.34 11.24 34.54
N TRP B 17 5.50 10.52 35.29
CA TRP B 17 4.27 11.15 35.73
C TRP B 17 4.56 12.33 36.65
N ALA B 18 5.54 12.17 37.54
CA ALA B 18 5.94 13.23 38.47
C ALA B 18 6.43 14.46 37.72
N ALA B 19 7.22 14.23 36.68
CA ALA B 19 7.74 15.32 35.87
C ALA B 19 6.60 16.09 35.21
N LEU B 20 5.76 15.38 34.47
CA LEU B 20 4.63 16.02 33.81
C LEU B 20 3.85 16.90 34.79
N THR B 21 3.50 16.32 35.93
CA THR B 21 2.75 17.03 36.97
C THR B 21 3.47 18.31 37.33
N GLU B 22 4.77 18.19 37.49
CA GLU B 22 5.64 19.31 37.83
C GLU B 22 5.60 20.33 36.67
N ALA B 23 5.61 19.84 35.44
CA ALA B 23 5.58 20.73 34.28
C ALA B 23 4.22 21.42 34.11
N ALA B 24 3.15 20.66 34.33
CA ALA B 24 1.81 21.22 34.22
C ALA B 24 1.63 22.32 35.28
N ALA B 25 2.22 22.13 36.46
CA ALA B 25 2.08 23.13 37.52
C ALA B 25 2.82 24.43 37.21
N SER B 26 3.97 24.34 36.54
CA SER B 26 4.69 25.57 36.21
C SER B 26 3.86 26.33 35.20
N VAL B 27 3.17 25.60 34.32
CA VAL B 27 2.33 26.22 33.31
C VAL B 27 1.14 26.94 33.97
N GLU B 28 0.53 26.33 34.98
CA GLU B 28 -0.59 26.96 35.65
C GLU B 28 -0.15 28.17 36.48
N LYS B 29 1.05 28.11 37.04
CA LYS B 29 1.52 29.23 37.85
C LYS B 29 1.77 30.44 36.95
N LEU B 30 2.24 30.20 35.74
CA LEU B 30 2.50 31.31 34.83
C LEU B 30 1.22 31.90 34.26
N LEU B 31 0.27 31.05 33.89
CA LEU B 31 -1.00 31.56 33.38
C LEU B 31 -1.73 32.34 34.48
N ALA B 32 -1.46 31.98 35.73
CA ALA B 32 -2.08 32.66 36.86
C ALA B 32 -1.49 34.02 37.20
N THR B 33 -0.17 34.18 37.02
CA THR B 33 0.50 35.42 37.35
C THR B 33 0.73 36.39 36.19
N LEU B 34 0.95 35.83 34.99
CA LEU B 34 1.21 36.62 33.80
C LEU B 34 -0.02 37.40 33.32
N PRO B 35 0.20 38.47 32.55
CA PRO B 35 -0.91 39.27 32.04
C PRO B 35 -1.59 38.51 30.89
N GLU B 36 -2.82 38.89 30.55
CA GLU B 36 -3.56 38.22 29.47
C GLU B 36 -2.80 38.12 28.15
N HIS B 37 -3.20 37.14 27.33
CA HIS B 37 -2.59 36.85 26.04
C HIS B 37 -2.12 38.08 25.24
N GLY B 38 -3.02 39.05 25.07
CA GLY B 38 -2.66 40.24 24.31
C GLY B 38 -1.76 41.24 25.02
N ALA B 39 -1.71 41.18 26.35
CA ALA B 39 -0.88 42.12 27.12
C ALA B 39 0.46 41.55 27.59
N ARG B 40 0.88 40.41 27.04
CA ARG B 40 2.14 39.80 27.43
C ARG B 40 3.30 40.36 26.62
N SER B 41 4.44 40.59 27.29
CA SER B 41 5.63 41.09 26.62
C SER B 41 6.41 39.95 25.98
N SER B 42 7.51 40.28 25.30
CA SER B 42 8.35 39.30 24.64
C SER B 42 8.86 38.24 25.61
N ALA B 43 9.46 38.70 26.70
CA ALA B 43 10.01 37.81 27.72
C ALA B 43 8.90 36.93 28.26
N GLU B 44 7.77 37.54 28.61
CA GLU B 44 6.65 36.78 29.13
C GLU B 44 6.12 35.78 28.12
N ARG B 45 6.16 36.14 26.84
CA ARG B 45 5.68 35.21 25.82
C ARG B 45 6.64 34.04 25.64
N ALA B 46 7.93 34.34 25.63
CA ALA B 46 8.96 33.31 25.48
C ALA B 46 8.89 32.32 26.65
N GLU B 47 8.64 32.85 27.85
CA GLU B 47 8.56 32.04 29.07
C GLU B 47 7.36 31.09 29.11
N ILE B 48 6.15 31.58 28.84
CA ILE B 48 4.98 30.68 28.85
C ILE B 48 5.11 29.69 27.70
N ALA B 49 5.77 30.10 26.62
CA ALA B 49 5.96 29.22 25.47
C ALA B 49 6.90 28.06 25.84
N ALA B 50 7.96 28.37 26.58
CA ALA B 50 8.91 27.35 26.99
C ALA B 50 8.22 26.38 27.96
N ALA B 51 7.38 26.94 28.83
CA ALA B 51 6.67 26.14 29.82
C ALA B 51 5.72 25.18 29.13
N HIS B 52 4.93 25.70 28.18
CA HIS B 52 3.98 24.89 27.43
C HIS B 52 4.71 23.75 26.73
N ASP B 53 5.91 24.03 26.23
CA ASP B 53 6.69 23.03 25.51
C ASP B 53 7.22 21.94 26.43
N ALA B 54 7.67 22.32 27.61
CA ALA B 54 8.20 21.36 28.56
C ALA B 54 7.09 20.38 28.93
N ALA B 55 5.93 20.93 29.28
CA ALA B 55 4.78 20.10 29.66
C ALA B 55 4.37 19.14 28.54
N ARG B 56 4.26 19.65 27.32
CA ARG B 56 3.85 18.82 26.19
C ARG B 56 4.88 17.74 25.85
N ALA B 57 6.15 18.09 25.92
CA ALA B 57 7.21 17.13 25.65
C ALA B 57 7.08 15.97 26.62
N LEU B 58 6.79 16.26 27.90
CA LEU B 58 6.63 15.21 28.89
C LEU B 58 5.32 14.41 28.70
N ARG B 59 4.32 15.04 28.11
CA ARG B 59 3.08 14.30 27.88
C ARG B 59 3.41 13.22 26.87
N VAL B 60 4.26 13.55 25.90
CA VAL B 60 4.63 12.57 24.89
C VAL B 60 5.42 11.43 25.50
N ARG B 61 6.53 11.75 26.16
CA ARG B 61 7.36 10.71 26.76
C ARG B 61 6.61 9.82 27.73
N PHE B 62 5.68 10.39 28.50
CA PHE B 62 4.90 9.60 29.45
C PHE B 62 4.05 8.57 28.76
N LEU B 63 3.20 9.01 27.84
CA LEU B 63 2.31 8.13 27.10
C LEU B 63 3.04 7.22 26.12
N ASP B 64 4.30 7.54 25.82
CA ASP B 64 5.05 6.73 24.90
C ASP B 64 5.25 5.34 25.50
N THR B 65 5.34 5.26 26.82
CA THR B 65 5.51 3.96 27.45
C THR B 65 4.37 3.60 28.37
N HIS B 66 3.38 4.49 28.51
CA HIS B 66 2.23 4.21 29.37
C HIS B 66 0.86 4.23 28.70
N ALA B 67 0.82 4.68 27.44
CA ALA B 67 -0.45 4.76 26.71
C ALA B 67 -1.41 3.62 27.00
N ASP B 68 -0.94 2.38 26.86
CA ASP B 68 -1.78 1.22 27.10
C ASP B 68 -2.30 1.10 28.52
N ALA B 69 -1.43 1.34 29.50
CA ALA B 69 -1.86 1.28 30.88
C ALA B 69 -2.98 2.29 31.06
N VAL B 70 -2.72 3.54 30.65
CA VAL B 70 -3.71 4.61 30.77
C VAL B 70 -5.01 4.27 30.07
N TYR B 71 -4.91 3.85 28.81
CA TYR B 71 -6.10 3.52 28.05
C TYR B 71 -6.91 2.46 28.76
N ASP B 72 -6.23 1.39 29.17
CA ASP B 72 -6.86 0.28 29.87
C ASP B 72 -7.61 0.73 31.13
N ARG B 73 -7.06 1.70 31.85
CA ARG B 73 -7.74 2.18 33.05
C ARG B 73 -9.05 2.88 32.72
N LEU B 74 -9.12 3.49 31.54
CA LEU B 74 -10.31 4.21 31.12
C LEU B 74 -11.38 3.32 30.49
N THR B 75 -10.96 2.22 29.88
CA THR B 75 -11.89 1.31 29.22
C THR B 75 -11.95 -0.07 29.87
N ASP B 76 -11.55 -0.14 31.14
CA ASP B 76 -11.54 -1.40 31.86
C ASP B 76 -10.87 -2.46 30.99
N HIS B 77 -9.65 -2.17 30.56
CA HIS B 77 -8.88 -3.07 29.71
C HIS B 77 -9.55 -3.36 28.37
N ARG B 78 -10.00 -2.31 27.69
CA ARG B 78 -10.64 -2.44 26.39
C ARG B 78 -11.88 -3.33 26.37
N ARG B 79 -12.69 -3.24 27.42
CA ARG B 79 -13.92 -4.02 27.50
C ARG B 79 -15.13 -3.11 27.29
N VAL B 80 -14.91 -1.81 27.42
CA VAL B 80 -15.97 -0.83 27.23
C VAL B 80 -15.55 0.13 26.10
N HIS B 81 -16.46 0.43 25.18
CA HIS B 81 -16.16 1.33 24.08
C HIS B 81 -16.51 2.76 24.45
N LEU B 82 -15.54 3.67 24.31
CA LEU B 82 -15.78 5.09 24.60
C LEU B 82 -15.47 5.95 23.37
N ARG B 83 -16.43 6.75 22.93
CA ARG B 83 -16.23 7.64 21.79
C ARG B 83 -15.17 8.69 22.15
N LEU B 84 -14.70 9.40 21.13
CA LEU B 84 -13.70 10.44 21.32
C LEU B 84 -13.98 11.35 22.52
N ALA B 85 -15.15 11.99 22.51
CA ALA B 85 -15.54 12.91 23.58
C ALA B 85 -15.42 12.33 24.98
N GLU B 86 -16.04 11.17 25.22
CA GLU B 86 -15.96 10.54 26.53
C GLU B 86 -14.55 10.10 26.90
N LEU B 87 -13.81 9.60 25.92
CA LEU B 87 -12.45 9.15 26.18
C LEU B 87 -11.55 10.25 26.73
N VAL B 88 -11.52 11.41 26.05
CA VAL B 88 -10.66 12.51 26.49
C VAL B 88 -11.14 13.21 27.76
N GLU B 89 -12.42 13.04 28.09
CA GLU B 89 -12.97 13.66 29.29
C GLU B 89 -12.67 12.77 30.49
N ALA B 90 -12.81 11.46 30.30
CA ALA B 90 -12.53 10.51 31.35
C ALA B 90 -11.03 10.57 31.66
N ALA B 91 -10.24 10.75 30.61
CA ALA B 91 -8.80 10.84 30.77
C ALA B 91 -8.40 12.09 31.53
N ALA B 92 -9.22 13.13 31.42
CA ALA B 92 -8.92 14.39 32.09
C ALA B 92 -9.06 14.30 33.60
N THR B 93 -10.11 13.61 34.07
CA THR B 93 -10.31 13.48 35.51
C THR B 93 -9.53 12.31 36.10
N ALA B 94 -9.23 11.31 35.29
CA ALA B 94 -8.48 10.15 35.75
C ALA B 94 -6.99 10.45 35.81
N PHE B 95 -6.55 11.37 34.95
CA PHE B 95 -5.14 11.76 34.89
C PHE B 95 -5.02 13.27 34.83
N PRO B 96 -5.42 13.97 35.91
CA PRO B 96 -5.33 15.44 35.91
C PRO B 96 -3.97 15.91 35.40
N GLY B 97 -4.00 16.77 34.39
CA GLY B 97 -2.78 17.29 33.82
C GLY B 97 -2.40 16.67 32.46
N LEU B 98 -2.90 15.48 32.17
CA LEU B 98 -2.59 14.80 30.91
C LEU B 98 -3.26 15.49 29.71
N VAL B 99 -4.57 15.72 29.85
CA VAL B 99 -5.37 16.42 28.83
C VAL B 99 -6.22 17.48 29.54
N PRO B 100 -6.75 18.46 28.80
CA PRO B 100 -7.58 19.55 29.35
C PRO B 100 -8.86 19.09 30.07
N THR B 101 -9.22 19.80 31.14
CA THR B 101 -10.44 19.49 31.88
C THR B 101 -11.59 20.25 31.21
N GLN B 102 -12.82 19.76 31.39
CA GLN B 102 -14.00 20.39 30.78
C GLN B 102 -14.00 21.90 30.97
N GLN B 103 -13.58 22.35 32.14
CA GLN B 103 -13.54 23.77 32.47
C GLN B 103 -12.50 24.53 31.67
N GLN B 104 -11.28 24.00 31.63
CA GLN B 104 -10.20 24.66 30.90
C GLN B 104 -10.63 24.89 29.47
N LEU B 105 -11.43 24.00 29.00
CA LEU B 105 -11.96 23.99 27.73
C LEU B 105 -12.88 24.86 27.41
N ALA B 106 -13.58 25.38 28.42
CA ALA B 106 -14.64 26.39 28.37
C ALA B 106 -13.97 27.73 28.18
N VAL B 107 -12.94 27.99 29.00
CA VAL B 107 -12.19 29.24 28.92
C VAL B 107 -11.61 29.37 27.53
N GLU B 108 -10.98 28.28 27.07
CA GLU B 108 -10.38 28.23 25.73
C GLU B 108 -11.44 28.51 24.69
N ARG B 109 -12.58 27.84 24.82
CA ARG B 109 -13.69 28.00 23.89
C ARG B 109 -14.25 29.41 23.84
N SER B 110 -14.28 30.10 24.97
CA SER B 110 -14.82 31.45 25.02
C SER B 110 -13.86 32.49 24.44
N LEU B 111 -12.76 32.04 23.85
CA LEU B 111 -11.78 32.96 23.27
C LEU B 111 -11.55 32.68 21.78
N PRO B 112 -11.10 33.69 21.03
CA PRO B 112 -10.83 33.53 19.60
C PRO B 112 -9.45 32.83 19.46
N GLN B 113 -9.32 31.94 18.48
CA GLN B 113 -8.07 31.18 18.26
C GLN B 113 -6.76 31.88 18.59
N ALA B 114 -6.63 33.13 18.17
CA ALA B 114 -5.41 33.90 18.41
C ALA B 114 -5.07 34.07 19.91
N ALA B 115 -6.05 33.94 20.78
CA ALA B 115 -5.80 34.12 22.22
C ALA B 115 -5.82 32.84 23.05
N LYS B 116 -5.98 31.70 22.40
CA LYS B 116 -6.01 30.44 23.13
C LYS B 116 -4.60 30.00 23.54
N GLU B 117 -4.53 29.20 24.60
CA GLU B 117 -3.25 28.68 25.08
C GLU B 117 -2.90 27.42 24.28
N GLY B 118 -3.93 26.84 23.67
CA GLY B 118 -3.75 25.65 22.85
C GLY B 118 -3.77 24.34 23.61
N HIS B 119 -4.72 24.22 24.54
CA HIS B 119 -4.84 23.01 25.34
C HIS B 119 -5.27 21.80 24.53
N GLU B 120 -6.06 22.01 23.48
CA GLU B 120 -6.51 20.89 22.64
C GLU B 120 -5.32 20.08 22.13
N ILE B 121 -4.18 20.76 21.93
CA ILE B 121 -2.96 20.10 21.46
C ILE B 121 -2.67 18.88 22.34
N ASP B 122 -2.86 19.05 23.65
CA ASP B 122 -2.64 17.97 24.61
C ASP B 122 -3.55 16.78 24.30
N GLN B 123 -4.76 17.05 23.81
CA GLN B 123 -5.66 15.96 23.44
C GLN B 123 -5.12 15.31 22.17
N GLY B 124 -4.58 16.13 21.27
CA GLY B 124 -4.00 15.62 20.04
C GLY B 124 -2.84 14.71 20.38
N ILE B 125 -2.08 15.08 21.43
CA ILE B 125 -0.94 14.27 21.87
C ILE B 125 -1.47 12.96 22.43
N PHE B 126 -2.56 13.06 23.18
CA PHE B 126 -3.22 11.90 23.77
C PHE B 126 -3.69 10.95 22.67
N LEU B 127 -4.58 11.45 21.82
CA LEU B 127 -5.14 10.63 20.75
C LEU B 127 -4.10 9.93 19.86
N ARG B 128 -2.99 10.62 19.58
CA ARG B 128 -1.91 10.04 18.79
C ARG B 128 -1.37 8.79 19.48
N ALA B 129 -1.10 8.91 20.78
CA ALA B 129 -0.56 7.78 21.54
C ALA B 129 -1.58 6.64 21.57
N VAL B 130 -2.85 6.97 21.81
CA VAL B 130 -3.86 5.92 21.83
C VAL B 130 -3.99 5.25 20.46
N LEU B 131 -3.91 6.02 19.38
CA LEU B 131 -4.02 5.43 18.05
C LEU B 131 -2.76 4.66 17.61
N ARG B 132 -1.59 5.02 18.13
CA ARG B 132 -0.36 4.29 17.77
C ARG B 132 -0.35 2.89 18.40
N SER B 133 -1.15 2.68 19.43
CA SER B 133 -1.20 1.38 20.08
C SER B 133 -1.94 0.33 19.26
N PRO B 134 -1.32 -0.83 19.03
CA PRO B 134 -1.96 -1.89 18.24
C PRO B 134 -3.08 -2.56 19.03
N LEU B 135 -3.19 -2.20 20.32
CA LEU B 135 -4.25 -2.74 21.16
C LEU B 135 -5.33 -1.69 21.34
N ALA B 136 -4.96 -0.53 21.89
CA ALA B 136 -5.91 0.54 22.11
C ALA B 136 -6.43 1.14 20.80
N GLY B 137 -5.54 1.33 19.84
CA GLY B 137 -5.91 1.91 18.57
C GLY B 137 -7.16 1.38 17.89
N PRO B 138 -7.17 0.10 17.51
CA PRO B 138 -8.31 -0.55 16.85
C PRO B 138 -9.59 -0.48 17.67
N HIS B 139 -9.43 -0.64 18.99
CA HIS B 139 -10.56 -0.61 19.92
C HIS B 139 -11.27 0.74 19.87
N LEU B 140 -10.50 1.83 19.94
CA LEU B 140 -11.09 3.15 19.88
C LEU B 140 -11.79 3.38 18.54
N LEU B 141 -11.23 2.83 17.46
CA LEU B 141 -11.83 3.01 16.14
C LEU B 141 -13.17 2.27 16.06
N ASP B 142 -13.22 1.06 16.61
CA ASP B 142 -14.48 0.32 16.61
C ASP B 142 -15.51 1.14 17.39
N ALA B 143 -15.05 1.82 18.45
CA ALA B 143 -15.97 2.63 19.24
C ALA B 143 -16.66 3.67 18.37
N MET B 144 -15.88 4.39 17.56
CA MET B 144 -16.44 5.41 16.70
C MET B 144 -17.31 4.86 15.57
N LEU B 145 -17.15 3.58 15.25
CA LEU B 145 -17.93 2.95 14.19
C LEU B 145 -19.31 2.47 14.66
N ARG B 146 -19.54 2.49 15.96
CA ARG B 146 -20.82 2.06 16.49
C ARG B 146 -21.79 3.22 16.36
N PRO B 147 -23.10 2.93 16.25
CA PRO B 147 -24.14 3.96 16.13
C PRO B 147 -24.19 4.93 17.30
N THR B 148 -24.53 6.17 17.01
CA THR B 148 -24.61 7.18 18.05
C THR B 148 -25.90 7.07 18.85
N PRO B 149 -25.86 7.49 20.12
CA PRO B 149 -27.04 7.46 20.99
C PRO B 149 -28.20 8.22 20.35
N ARG B 150 -27.88 9.32 19.68
CA ARG B 150 -28.89 10.15 19.03
C ARG B 150 -29.55 9.40 17.88
N ALA B 151 -28.76 8.69 17.09
CA ALA B 151 -29.30 7.94 15.96
C ALA B 151 -30.21 6.81 16.44
N LEU B 152 -29.76 6.10 17.48
CA LEU B 152 -30.52 4.99 18.03
C LEU B 152 -31.87 5.49 18.52
N GLU B 153 -31.87 6.69 19.09
CA GLU B 153 -33.07 7.32 19.62
C GLU B 153 -34.07 7.72 18.53
N LEU B 154 -33.56 8.18 17.38
CA LEU B 154 -34.42 8.61 16.29
C LEU B 154 -34.76 7.51 15.30
N LEU B 155 -34.11 6.37 15.39
CA LEU B 155 -34.37 5.29 14.45
C LEU B 155 -35.84 4.90 14.23
N PRO B 156 -36.54 4.46 15.31
CA PRO B 156 -37.95 4.06 15.16
C PRO B 156 -38.83 5.08 14.43
N GLU B 157 -38.68 6.35 14.77
CA GLU B 157 -39.48 7.37 14.11
C GLU B 157 -39.09 7.54 12.65
N PHE B 158 -37.80 7.40 12.36
CA PHE B 158 -37.36 7.51 10.97
C PHE B 158 -37.89 6.32 10.20
N VAL B 159 -37.80 5.14 10.80
CA VAL B 159 -38.27 3.90 10.19
C VAL B 159 -39.78 3.98 9.88
N ARG B 160 -40.47 4.81 10.63
CA ARG B 160 -41.91 4.96 10.46
C ARG B 160 -42.26 6.03 9.43
N THR B 161 -41.88 7.28 9.70
CA THR B 161 -42.18 8.37 8.78
C THR B 161 -41.31 8.43 7.53
N GLY B 162 -40.08 7.92 7.64
CA GLY B 162 -39.17 7.95 6.51
C GLY B 162 -38.61 9.34 6.27
N GLU B 163 -38.62 10.17 7.30
CA GLU B 163 -38.10 11.53 7.19
C GLU B 163 -37.60 12.11 8.50
N VAL B 164 -36.49 12.83 8.43
CA VAL B 164 -35.91 13.47 9.61
C VAL B 164 -35.44 14.83 9.17
N GLU B 165 -35.38 15.71 10.05
CA GLU B 165 -34.90 16.90 9.72
C GLU B 165 -34.11 17.58 10.62
N MET B 166 -32.94 17.87 10.34
CA MET B 166 -31.92 18.38 11.25
C MET B 166 -31.49 19.76 10.84
N GLU B 167 -30.69 20.41 11.68
CA GLU B 167 -30.25 21.75 11.38
C GLU B 167 -29.36 21.92 10.15
N ALA B 168 -28.67 20.85 9.72
CA ALA B 168 -27.78 20.96 8.57
C ALA B 168 -28.02 19.92 7.51
N VAL B 169 -28.78 18.89 7.85
CA VAL B 169 -29.09 17.83 6.89
C VAL B 169 -30.57 17.49 6.91
N HIS B 170 -31.04 16.97 5.77
CA HIS B 170 -32.41 16.55 5.63
C HIS B 170 -32.34 15.11 5.12
N LEU B 171 -32.86 14.20 5.92
CA LEU B 171 -32.85 12.78 5.57
C LEU B 171 -34.24 12.32 5.14
N GLU B 172 -34.31 11.60 4.02
CA GLU B 172 -35.58 11.10 3.52
C GLU B 172 -35.44 9.76 2.79
N ARG B 173 -36.24 8.77 3.20
CA ARG B 173 -36.20 7.49 2.52
C ARG B 173 -37.07 7.62 1.29
N ARG B 174 -36.73 6.89 0.23
CA ARG B 174 -37.51 6.93 -1.00
C ARG B 174 -37.00 5.89 -1.97
N ASP B 175 -37.83 4.91 -2.27
CA ASP B 175 -37.45 3.84 -3.20
C ASP B 175 -36.18 3.13 -2.75
N GLY B 176 -36.06 2.97 -1.43
CA GLY B 176 -34.89 2.29 -0.87
C GLY B 176 -33.63 3.13 -0.81
N VAL B 177 -33.76 4.43 -1.05
CA VAL B 177 -32.61 5.32 -1.01
C VAL B 177 -32.67 6.32 0.13
N ALA B 178 -31.58 6.40 0.88
CA ALA B 178 -31.50 7.35 1.97
C ALA B 178 -31.03 8.64 1.28
N ARG B 179 -31.79 9.71 1.41
CA ARG B 179 -31.43 10.96 0.78
C ARG B 179 -30.94 12.03 1.75
N LEU B 180 -29.63 12.24 1.77
CA LEU B 180 -29.08 13.25 2.66
C LEU B 180 -28.86 14.51 1.85
N THR B 181 -29.43 15.61 2.33
CA THR B 181 -29.29 16.88 1.68
C THR B 181 -28.70 17.83 2.69
N MET B 182 -27.61 18.48 2.30
CA MET B 182 -26.96 19.42 3.19
C MET B 182 -27.67 20.72 2.89
N CYS B 183 -28.34 21.27 3.91
CA CYS B 183 -29.14 22.46 3.73
C CYS B 183 -28.77 23.74 4.46
N ARG B 184 -27.49 24.09 4.49
CA ARG B 184 -27.08 25.34 5.14
C ARG B 184 -27.10 26.39 4.03
N ASP B 185 -28.30 26.58 3.48
CA ASP B 185 -28.59 27.49 2.38
C ASP B 185 -28.04 28.91 2.44
N ASP B 186 -27.65 29.37 3.62
CA ASP B 186 -27.13 30.72 3.74
C ASP B 186 -25.60 30.78 3.76
N ARG B 187 -24.94 29.63 3.80
CA ARG B 187 -23.48 29.62 3.85
C ARG B 187 -22.83 28.52 3.01
N LEU B 188 -23.36 28.28 1.82
CA LEU B 188 -22.80 27.27 0.93
C LEU B 188 -22.38 25.98 1.65
N ASN B 189 -23.19 25.60 2.64
CA ASN B 189 -22.95 24.40 3.44
C ASN B 189 -21.63 24.38 4.22
N ALA B 190 -21.19 25.54 4.69
CA ALA B 190 -19.96 25.61 5.48
C ALA B 190 -20.13 24.64 6.65
N GLU B 191 -19.07 23.90 6.96
CA GLU B 191 -19.08 22.89 8.02
C GLU B 191 -18.76 23.42 9.42
N ASP B 192 -19.31 22.73 10.43
CA ASP B 192 -19.09 23.05 11.84
C ASP B 192 -19.45 21.85 12.73
N GLY B 193 -19.35 22.04 14.04
CA GLY B 193 -19.66 20.96 14.97
C GLY B 193 -21.05 20.35 14.85
N GLN B 194 -22.05 21.18 14.53
CA GLN B 194 -23.41 20.70 14.40
C GLN B 194 -23.63 19.91 13.10
N GLN B 195 -22.99 20.37 12.03
CA GLN B 195 -23.12 19.69 10.74
C GLN B 195 -22.61 18.27 10.88
N VAL B 196 -21.47 18.14 11.57
CA VAL B 196 -20.85 16.84 11.78
C VAL B 196 -21.76 15.92 12.56
N ASP B 197 -22.39 16.47 13.59
CA ASP B 197 -23.31 15.70 14.42
C ASP B 197 -24.50 15.22 13.60
N ASP B 198 -25.02 16.12 12.77
CA ASP B 198 -26.17 15.80 11.91
C ASP B 198 -25.82 14.79 10.84
N MET B 199 -24.63 14.93 10.25
CA MET B 199 -24.19 14.01 9.20
C MET B 199 -24.04 12.59 9.73
N GLU B 200 -23.38 12.44 10.87
CA GLU B 200 -23.18 11.11 11.44
C GLU B 200 -24.50 10.48 11.87
N THR B 201 -25.41 11.29 12.42
CA THR B 201 -26.71 10.79 12.84
C THR B 201 -27.42 10.23 11.60
N ALA B 202 -27.45 11.06 10.55
CA ALA B 202 -28.07 10.70 9.28
C ALA B 202 -27.46 9.45 8.66
N VAL B 203 -26.13 9.34 8.70
CA VAL B 203 -25.47 8.17 8.14
C VAL B 203 -25.80 6.91 8.95
N ASP B 204 -25.94 7.05 10.27
CA ASP B 204 -26.29 5.90 11.12
C ASP B 204 -27.71 5.43 10.77
N LEU B 205 -28.63 6.39 10.71
CA LEU B 205 -30.02 6.08 10.39
C LEU B 205 -30.13 5.34 9.06
N ALA B 206 -29.40 5.83 8.05
CA ALA B 206 -29.43 5.20 6.73
C ALA B 206 -28.89 3.78 6.74
N LEU B 207 -27.89 3.55 7.58
CA LEU B 207 -27.28 2.22 7.68
C LEU B 207 -28.07 1.23 8.55
N LEU B 208 -28.78 1.73 9.57
CA LEU B 208 -29.56 0.86 10.45
C LEU B 208 -30.96 0.52 9.91
N ASP B 209 -31.54 1.44 9.14
CA ASP B 209 -32.87 1.27 8.55
C ASP B 209 -32.88 0.21 7.44
N PRO B 210 -33.53 -0.93 7.69
CA PRO B 210 -33.61 -2.04 6.72
C PRO B 210 -34.28 -1.68 5.39
N GLY B 211 -34.95 -0.55 5.35
CA GLY B 211 -35.62 -0.13 4.12
C GLY B 211 -34.69 0.62 3.17
N VAL B 212 -33.52 0.98 3.66
CA VAL B 212 -32.54 1.72 2.85
C VAL B 212 -31.53 0.75 2.27
N ARG B 213 -31.30 0.84 0.97
CA ARG B 213 -30.35 -0.03 0.28
C ARG B 213 -29.13 0.74 -0.21
N VAL B 214 -29.30 2.03 -0.43
CA VAL B 214 -28.21 2.88 -0.92
C VAL B 214 -28.41 4.30 -0.44
N GLY B 215 -27.32 4.98 -0.11
CA GLY B 215 -27.41 6.35 0.34
C GLY B 215 -27.11 7.31 -0.79
N LEU B 216 -27.41 8.59 -0.57
CA LEU B 216 -27.18 9.66 -1.55
C LEU B 216 -26.88 10.95 -0.80
N LEU B 217 -25.79 11.60 -1.16
CA LEU B 217 -25.40 12.86 -0.53
C LEU B 217 -25.38 13.93 -1.61
N ARG B 218 -26.10 15.02 -1.38
CA ARG B 218 -26.15 16.12 -2.34
C ARG B 218 -26.44 17.41 -1.61
N GLY B 219 -25.91 18.51 -2.13
CA GLY B 219 -26.14 19.81 -1.52
C GLY B 219 -27.51 20.31 -1.96
N GLY B 220 -28.16 21.07 -1.09
CA GLY B 220 -29.47 21.60 -1.42
C GLY B 220 -29.43 22.98 -2.03
N VAL B 221 -30.60 23.54 -2.29
CA VAL B 221 -30.71 24.87 -2.87
C VAL B 221 -30.27 25.95 -1.89
N MET B 222 -29.52 26.93 -2.39
CA MET B 222 -29.04 28.02 -1.55
C MET B 222 -30.03 29.18 -1.53
N SER B 223 -29.97 29.97 -0.46
CA SER B 223 -30.85 31.12 -0.31
C SER B 223 -30.06 32.42 -0.46
N HIS B 224 -28.76 32.34 -0.16
CA HIS B 224 -27.87 33.49 -0.25
C HIS B 224 -27.99 34.10 -1.65
N PRO B 225 -28.04 35.45 -1.73
CA PRO B 225 -28.17 36.19 -2.99
C PRO B 225 -27.25 35.80 -4.15
N ARG B 226 -25.99 35.52 -3.87
CA ARG B 226 -25.06 35.16 -4.94
C ARG B 226 -25.27 33.74 -5.46
N TYR B 227 -26.18 33.00 -4.83
CA TYR B 227 -26.44 31.63 -5.23
C TYR B 227 -27.91 31.25 -5.25
N ARG B 228 -28.78 32.25 -5.22
CA ARG B 228 -30.23 32.06 -5.22
C ARG B 228 -30.75 30.98 -6.17
N GLY B 229 -31.38 29.95 -5.60
CA GLY B 229 -31.94 28.89 -6.42
C GLY B 229 -30.97 27.86 -6.96
N LYS B 230 -29.68 28.06 -6.71
CA LYS B 230 -28.67 27.12 -7.18
C LYS B 230 -28.20 26.16 -6.09
N ARG B 231 -28.05 24.89 -6.44
CA ARG B 231 -27.59 23.89 -5.48
C ARG B 231 -26.07 24.04 -5.31
N VAL B 232 -25.58 23.80 -4.10
CA VAL B 232 -24.15 23.87 -3.82
C VAL B 232 -23.81 22.71 -2.90
N PHE B 233 -22.77 21.94 -3.26
CA PHE B 233 -22.35 20.80 -2.47
C PHE B 233 -21.69 21.20 -1.13
N SER B 234 -20.50 21.81 -1.20
CA SER B 234 -19.79 22.23 0.01
C SER B 234 -18.66 23.25 -0.18
N ALA B 235 -18.60 24.21 0.74
CA ALA B 235 -17.58 25.27 0.72
C ALA B 235 -16.49 24.97 1.75
N GLY B 236 -16.53 23.77 2.33
CA GLY B 236 -15.53 23.43 3.32
C GLY B 236 -15.88 23.89 4.72
N ILE B 237 -14.88 23.85 5.60
CA ILE B 237 -15.05 24.23 6.99
C ILE B 237 -15.48 25.70 7.14
N ASN B 238 -16.17 26.00 8.24
CA ASN B 238 -16.63 27.37 8.51
C ASN B 238 -15.41 28.18 8.97
N LEU B 239 -14.88 29.02 8.09
CA LEU B 239 -13.70 29.80 8.43
C LEU B 239 -13.95 30.90 9.46
N LYS B 240 -15.20 31.34 9.60
CA LYS B 240 -15.48 32.38 10.57
C LYS B 240 -15.38 31.76 11.97
N TYR B 241 -16.04 30.61 12.14
CA TYR B 241 -16.05 29.90 13.41
C TYR B 241 -14.64 29.55 13.87
N LEU B 242 -13.85 29.01 12.93
CA LEU B 242 -12.47 28.63 13.20
C LEU B 242 -11.69 29.84 13.73
N SER B 243 -12.00 31.02 13.18
CA SER B 243 -11.33 32.24 13.62
C SER B 243 -11.83 32.64 15.01
N GLN B 244 -13.07 32.27 15.31
CA GLN B 244 -13.72 32.57 16.57
C GLN B 244 -13.52 31.53 17.67
N GLY B 245 -12.76 30.48 17.36
CA GLY B 245 -12.49 29.44 18.33
C GLY B 245 -13.55 28.35 18.42
N GLY B 246 -14.50 28.37 17.50
CA GLY B 246 -15.57 27.39 17.51
C GLY B 246 -15.38 26.05 16.80
N ILE B 247 -14.19 25.79 16.27
CA ILE B 247 -13.95 24.52 15.60
C ILE B 247 -13.15 23.62 16.56
N SER B 248 -13.80 22.58 17.04
CA SER B 248 -13.19 21.64 17.99
C SER B 248 -12.29 20.57 17.38
N LEU B 249 -11.08 20.47 17.91
CA LEU B 249 -10.12 19.49 17.44
C LEU B 249 -10.72 18.09 17.55
N VAL B 250 -11.35 17.81 18.68
CA VAL B 250 -11.94 16.51 18.90
C VAL B 250 -13.34 16.34 18.30
N ASP B 251 -14.25 17.23 18.71
CA ASP B 251 -15.64 17.15 18.27
C ASP B 251 -15.92 17.43 16.80
N PHE B 252 -14.97 18.05 16.10
CA PHE B 252 -15.14 18.31 14.69
C PHE B 252 -14.08 17.58 13.84
N LEU B 253 -12.86 18.11 13.82
CA LEU B 253 -11.76 17.54 13.03
C LEU B 253 -11.53 16.03 13.14
N MET B 254 -11.43 15.52 14.36
CA MET B 254 -11.22 14.08 14.53
C MET B 254 -12.51 13.29 14.40
N ARG B 255 -13.59 13.84 14.97
CA ARG B 255 -14.88 13.16 14.94
C ARG B 255 -15.38 12.84 13.54
N ARG B 256 -15.22 13.78 12.61
CA ARG B 256 -15.70 13.53 11.26
C ARG B 256 -14.93 12.36 10.62
N GLU B 257 -13.62 12.34 10.78
CA GLU B 257 -12.81 11.28 10.19
C GLU B 257 -13.07 9.88 10.75
N LEU B 258 -13.21 9.76 12.06
CA LEU B 258 -13.43 8.44 12.66
C LEU B 258 -14.91 8.11 12.77
N GLY B 259 -15.75 9.13 12.66
CA GLY B 259 -17.19 8.95 12.78
C GLY B 259 -17.91 8.60 11.49
N TYR B 260 -18.62 9.57 10.92
CA TYR B 260 -19.38 9.28 9.70
C TYR B 260 -18.58 8.93 8.44
N ILE B 261 -17.49 9.65 8.19
CA ILE B 261 -16.68 9.39 7.01
C ILE B 261 -16.15 7.95 7.01
N HIS B 262 -15.69 7.50 8.16
CA HIS B 262 -15.18 6.15 8.27
C HIS B 262 -16.32 5.14 8.22
N LYS B 263 -17.56 5.60 8.44
CA LYS B 263 -18.73 4.71 8.39
C LYS B 263 -19.20 4.54 6.96
N LEU B 264 -18.92 5.52 6.12
CA LEU B 264 -19.29 5.46 4.72
C LEU B 264 -18.46 4.35 4.11
N VAL B 265 -17.32 4.10 4.73
CA VAL B 265 -16.42 3.06 4.24
C VAL B 265 -16.66 1.69 4.84
N ARG B 266 -16.69 1.61 6.17
CA ARG B 266 -16.85 0.32 6.82
C ARG B 266 -18.20 -0.02 7.43
N GLY B 267 -19.15 0.91 7.40
CA GLY B 267 -20.44 0.64 8.00
C GLY B 267 -20.41 0.88 9.50
N VAL B 268 -21.49 0.51 10.19
CA VAL B 268 -21.58 0.68 11.64
C VAL B 268 -21.36 -0.66 12.32
N LEU B 269 -20.62 -0.65 13.43
CA LEU B 269 -20.39 -1.87 14.18
C LEU B 269 -21.56 -2.03 15.14
N THR B 270 -22.30 -3.13 15.02
CA THR B 270 -23.45 -3.37 15.88
C THR B 270 -23.18 -4.43 16.95
N ASN B 271 -24.25 -4.87 17.60
CA ASN B 271 -24.17 -5.91 18.63
C ASN B 271 -24.46 -7.26 17.99
N ASP B 272 -24.05 -8.33 18.66
CA ASP B 272 -24.25 -9.68 18.15
C ASP B 272 -25.72 -10.09 18.20
N ASP B 273 -26.59 -9.24 17.64
CA ASP B 273 -28.02 -9.53 17.61
C ASP B 273 -28.53 -10.21 16.33
N ARG B 274 -28.56 -9.46 15.23
CA ARG B 274 -29.01 -9.97 13.94
C ARG B 274 -28.25 -11.24 13.51
N PRO B 275 -28.76 -11.94 12.48
CA PRO B 275 -28.12 -13.17 11.97
C PRO B 275 -26.99 -12.83 11.00
N GLY B 276 -25.96 -13.66 10.95
CA GLY B 276 -24.84 -13.42 10.06
C GLY B 276 -23.78 -12.53 10.68
N TRP B 277 -24.04 -12.08 11.90
CA TRP B 277 -23.12 -11.21 12.62
C TRP B 277 -21.73 -11.83 12.71
N TRP B 278 -21.68 -13.15 12.82
CA TRP B 278 -20.39 -13.83 12.92
C TRP B 278 -19.50 -13.60 11.70
N HIS B 279 -20.09 -13.18 10.59
CA HIS B 279 -19.31 -12.94 9.37
C HIS B 279 -19.48 -11.52 8.85
N SER B 280 -20.17 -10.69 9.62
CA SER B 280 -20.41 -9.30 9.23
C SER B 280 -20.89 -8.49 10.44
N PRO B 281 -19.99 -8.17 11.38
CA PRO B 281 -20.38 -7.40 12.55
C PRO B 281 -20.79 -5.96 12.23
N ARG B 282 -20.41 -5.51 11.03
CA ARG B 282 -20.75 -4.16 10.60
C ARG B 282 -21.77 -4.19 9.49
N ILE B 283 -22.63 -3.18 9.46
CA ILE B 283 -23.64 -3.04 8.43
C ILE B 283 -23.19 -1.89 7.53
N GLU B 284 -22.92 -2.20 6.27
CA GLU B 284 -22.45 -1.18 5.33
C GLU B 284 -23.31 -1.19 4.09
N LYS B 285 -23.23 -0.11 3.31
CA LYS B 285 -23.98 0.01 2.08
C LYS B 285 -23.28 0.95 1.09
N PRO B 286 -23.64 0.86 -0.19
CA PRO B 286 -23.01 1.75 -1.17
C PRO B 286 -23.54 3.17 -1.06
N TRP B 287 -22.74 4.14 -1.51
CA TRP B 287 -23.15 5.54 -1.46
C TRP B 287 -22.85 6.26 -2.77
N VAL B 288 -23.68 7.25 -3.06
CA VAL B 288 -23.55 8.04 -4.27
C VAL B 288 -23.48 9.50 -3.86
N ALA B 289 -22.58 10.24 -4.50
CA ALA B 289 -22.44 11.67 -4.22
C ALA B 289 -22.68 12.39 -5.54
N ALA B 290 -23.35 13.53 -5.46
CA ALA B 290 -23.66 14.35 -6.62
C ALA B 290 -23.19 15.74 -6.26
N VAL B 291 -22.32 16.32 -7.10
CA VAL B 291 -21.77 17.62 -6.81
C VAL B 291 -22.30 18.72 -7.71
N ASP B 292 -22.86 19.75 -7.07
CA ASP B 292 -23.42 20.91 -7.76
C ASP B 292 -22.58 22.10 -7.30
N GLY B 293 -22.31 23.03 -8.21
CA GLY B 293 -21.52 24.19 -7.85
C GLY B 293 -20.05 23.85 -7.65
N PHE B 294 -19.74 23.20 -6.54
CA PHE B 294 -18.37 22.83 -6.26
C PHE B 294 -18.24 22.10 -4.96
N ALA B 295 -17.11 21.40 -4.80
CA ALA B 295 -16.80 20.66 -3.57
C ALA B 295 -15.45 21.20 -3.14
N ILE B 296 -15.45 22.02 -2.09
CA ILE B 296 -14.21 22.61 -1.59
C ILE B 296 -13.81 22.07 -0.21
N GLY B 297 -12.49 22.01 0.02
CA GLY B 297 -11.98 21.52 1.29
C GLY B 297 -12.63 20.27 1.82
N GLY B 298 -13.08 20.35 3.06
CA GLY B 298 -13.75 19.22 3.70
C GLY B 298 -14.72 18.49 2.80
N GLY B 299 -15.42 19.22 1.94
CA GLY B 299 -16.36 18.61 1.03
C GLY B 299 -15.74 17.83 -0.12
N ALA B 300 -14.59 18.28 -0.60
CA ALA B 300 -13.90 17.59 -1.68
C ALA B 300 -13.36 16.27 -1.10
N GLN B 301 -13.06 16.31 0.19
CA GLN B 301 -12.54 15.17 0.90
C GLN B 301 -13.55 14.05 0.92
N LEU B 302 -14.80 14.40 1.20
CA LEU B 302 -15.87 13.42 1.27
C LEU B 302 -15.93 12.55 0.01
N LEU B 303 -15.67 13.14 -1.16
CA LEU B 303 -15.72 12.40 -2.41
C LEU B 303 -14.75 11.22 -2.50
N LEU B 304 -13.70 11.23 -1.69
CA LEU B 304 -12.72 10.15 -1.75
C LEU B 304 -13.20 8.81 -1.14
N VAL B 305 -14.43 8.76 -0.64
CA VAL B 305 -14.93 7.53 -0.03
C VAL B 305 -16.25 7.00 -0.61
N PHE B 306 -16.78 7.66 -1.62
CA PHE B 306 -18.03 7.22 -2.23
C PHE B 306 -17.87 6.13 -3.29
N ASP B 307 -18.97 5.43 -3.57
CA ASP B 307 -18.97 4.37 -4.56
C ASP B 307 -19.19 4.93 -5.95
N ARG B 308 -19.84 6.08 -6.01
CA ARG B 308 -20.10 6.74 -7.27
C ARG B 308 -20.23 8.24 -7.03
N VAL B 309 -19.66 9.03 -7.93
CA VAL B 309 -19.68 10.48 -7.84
C VAL B 309 -20.15 11.03 -9.18
N LEU B 310 -21.14 11.91 -9.12
CA LEU B 310 -21.70 12.55 -10.32
C LEU B 310 -21.43 14.03 -10.08
N ALA B 311 -21.18 14.76 -11.16
CA ALA B 311 -20.92 16.18 -11.02
C ALA B 311 -21.55 16.93 -12.16
N SER B 312 -21.81 18.20 -11.90
CA SER B 312 -22.40 19.09 -12.86
C SER B 312 -21.28 19.61 -13.77
N SER B 313 -21.60 19.78 -15.05
CA SER B 313 -20.62 20.25 -16.02
C SER B 313 -19.84 21.49 -15.57
N ASP B 314 -20.47 22.33 -14.76
CA ASP B 314 -19.87 23.57 -14.29
C ASP B 314 -19.26 23.56 -12.90
N ALA B 315 -19.15 22.40 -12.29
CA ALA B 315 -18.59 22.31 -10.96
C ALA B 315 -17.06 22.14 -10.98
N TYR B 316 -16.43 22.45 -9.85
CA TYR B 316 -14.99 22.29 -9.71
C TYR B 316 -14.70 21.70 -8.34
N PHE B 317 -13.51 21.16 -8.16
CA PHE B 317 -13.11 20.54 -6.89
C PHE B 317 -11.78 21.10 -6.43
N SER B 318 -11.66 21.38 -5.14
CA SER B 318 -10.40 21.89 -4.62
C SER B 318 -10.21 21.77 -3.12
N LEU B 319 -8.95 21.82 -2.73
CA LEU B 319 -8.45 21.79 -1.36
C LEU B 319 -7.54 22.99 -1.51
N PRO B 320 -8.12 24.19 -1.40
CA PRO B 320 -7.52 25.53 -1.53
C PRO B 320 -6.46 26.05 -0.57
N ALA B 321 -6.62 25.80 0.73
CA ALA B 321 -5.69 26.31 1.73
C ALA B 321 -4.30 25.66 1.60
N ALA B 322 -3.59 26.00 0.53
CA ALA B 322 -2.28 25.42 0.27
C ALA B 322 -1.20 26.11 1.08
N LYS B 323 -1.19 27.33 1.18
CA LYS B 323 -0.34 28.04 1.92
C LYS B 323 -0.52 28.33 3.30
N GLU B 324 -1.62 28.59 3.87
CA GLU B 324 -1.80 28.83 5.31
C GLU B 324 -3.01 28.13 5.92
N GLY B 325 -3.35 26.96 5.39
CA GLY B 325 -4.49 26.23 5.91
C GLY B 325 -4.12 25.00 6.68
N ILE B 326 -5.11 24.35 7.26
CA ILE B 326 -4.87 23.14 8.01
C ILE B 326 -4.79 21.94 7.06
N ILE B 327 -4.40 20.79 7.57
CA ILE B 327 -4.33 19.61 6.74
C ILE B 327 -5.78 19.28 6.31
N PRO B 328 -5.99 18.97 5.01
CA PRO B 328 -7.32 18.64 4.45
C PRO B 328 -7.77 17.22 4.84
N GLY B 329 -7.93 17.01 6.15
CA GLY B 329 -8.35 15.72 6.68
C GLY B 329 -7.56 14.51 6.17
N ALA B 330 -8.29 13.50 5.70
CA ALA B 330 -7.70 12.26 5.20
C ALA B 330 -7.38 12.32 3.71
N ALA B 331 -7.43 13.51 3.11
CA ALA B 331 -7.12 13.63 1.69
C ALA B 331 -5.67 13.27 1.39
N ASN B 332 -4.76 13.63 2.31
CA ASN B 332 -3.33 13.33 2.12
C ASN B 332 -3.14 11.82 2.13
N LEU B 333 -4.00 11.13 2.88
CA LEU B 333 -3.93 9.69 2.94
C LEU B 333 -4.56 9.04 1.72
N ARG B 334 -5.60 9.67 1.18
CA ARG B 334 -6.33 9.09 0.05
C ARG B 334 -6.12 9.61 -1.37
N LEU B 335 -5.74 10.88 -1.52
CA LEU B 335 -5.61 11.45 -2.86
C LEU B 335 -4.64 10.75 -3.78
N GLY B 336 -3.50 10.30 -3.25
CA GLY B 336 -2.52 9.62 -4.08
C GLY B 336 -3.12 8.44 -4.82
N ARG B 337 -3.88 7.64 -4.09
CA ARG B 337 -4.54 6.47 -4.62
C ARG B 337 -5.39 6.81 -5.86
N PHE B 338 -6.04 7.97 -5.80
CA PHE B 338 -6.92 8.45 -6.87
C PHE B 338 -6.23 9.15 -8.03
N ALA B 339 -5.31 10.07 -7.73
CA ALA B 339 -4.66 10.85 -8.76
C ALA B 339 -3.14 10.70 -8.90
N GLY B 340 -2.54 9.87 -8.06
CA GLY B 340 -1.09 9.71 -8.13
C GLY B 340 -0.36 10.76 -7.31
N PRO B 341 0.93 10.55 -7.00
CA PRO B 341 1.77 11.47 -6.21
C PRO B 341 2.03 12.86 -6.78
N ARG B 342 1.94 13.01 -8.11
CA ARG B 342 2.15 14.33 -8.72
C ARG B 342 0.88 15.18 -8.63
N VAL B 343 -0.22 14.65 -9.15
CA VAL B 343 -1.47 15.39 -9.11
C VAL B 343 -1.89 15.65 -7.66
N SER B 344 -1.65 14.68 -6.80
CA SER B 344 -2.01 14.82 -5.40
C SER B 344 -1.31 16.05 -4.82
N ARG B 345 0.00 16.15 -5.01
CA ARG B 345 0.75 17.29 -4.54
C ARG B 345 0.35 18.58 -5.25
N GLN B 346 0.12 18.51 -6.56
CA GLN B 346 -0.31 19.71 -7.26
C GLN B 346 -1.59 20.21 -6.59
N VAL B 347 -2.47 19.28 -6.22
CA VAL B 347 -3.73 19.65 -5.58
C VAL B 347 -3.58 20.12 -4.14
N ILE B 348 -2.81 19.38 -3.35
CA ILE B 348 -2.64 19.74 -1.95
C ILE B 348 -1.53 20.75 -1.65
N LEU B 349 -0.31 20.49 -2.12
CA LEU B 349 0.79 21.41 -1.86
C LEU B 349 0.65 22.76 -2.56
N GLU B 350 -0.03 22.80 -3.70
CA GLU B 350 -0.17 24.07 -4.42
C GLU B 350 -1.57 24.56 -4.76
N GLY B 351 -2.58 23.94 -4.19
CA GLY B 351 -3.96 24.37 -4.41
C GLY B 351 -4.49 24.38 -5.83
N ARG B 352 -4.13 23.36 -6.60
CA ARG B 352 -4.58 23.27 -7.97
C ARG B 352 -6.06 22.87 -7.94
N ARG B 353 -6.89 23.68 -8.58
CA ARG B 353 -8.31 23.41 -8.65
C ARG B 353 -8.58 22.57 -9.89
N ILE B 354 -9.43 21.56 -9.78
CA ILE B 354 -9.76 20.66 -10.90
C ILE B 354 -11.21 20.86 -11.35
N TRP B 355 -11.39 21.15 -12.64
CA TRP B 355 -12.73 21.38 -13.17
C TRP B 355 -13.40 20.13 -13.67
N ALA B 356 -14.70 20.05 -13.43
CA ALA B 356 -15.52 18.89 -13.83
C ALA B 356 -15.36 18.46 -15.27
N LYS B 357 -15.07 19.41 -16.16
CA LYS B 357 -14.91 19.09 -17.56
C LYS B 357 -13.51 18.77 -18.09
N GLU B 358 -12.46 18.89 -17.26
CA GLU B 358 -11.13 18.57 -17.77
C GLU B 358 -10.89 17.05 -17.65
N PRO B 359 -9.93 16.50 -18.41
CA PRO B 359 -9.66 15.06 -18.34
C PRO B 359 -9.35 14.48 -16.97
N GLU B 360 -8.62 15.24 -16.14
CA GLU B 360 -8.27 14.72 -14.83
C GLU B 360 -9.41 14.68 -13.82
N ALA B 361 -10.58 15.15 -14.24
CA ALA B 361 -11.76 15.12 -13.37
C ALA B 361 -12.16 13.66 -13.15
N ARG B 362 -11.99 12.85 -14.19
CA ARG B 362 -12.33 11.43 -14.17
C ARG B 362 -11.53 10.63 -13.16
N LEU B 363 -10.66 11.29 -12.42
CA LEU B 363 -9.88 10.63 -11.39
C LEU B 363 -10.69 10.69 -10.10
N LEU B 364 -11.55 11.70 -10.01
CA LEU B 364 -12.38 11.91 -8.85
C LEU B 364 -13.87 11.79 -9.13
N VAL B 365 -14.27 11.91 -10.40
CA VAL B 365 -15.67 11.85 -10.78
C VAL B 365 -16.00 10.79 -11.84
N ASP B 366 -17.08 10.04 -11.63
CA ASP B 366 -17.51 8.98 -12.56
C ASP B 366 -18.27 9.55 -13.74
N GLU B 367 -19.15 10.51 -13.46
CA GLU B 367 -20.02 11.15 -14.45
C GLU B 367 -20.13 12.67 -14.35
N VAL B 368 -20.02 13.33 -15.49
CA VAL B 368 -20.14 14.77 -15.59
C VAL B 368 -21.31 14.94 -16.55
N VAL B 369 -22.31 15.70 -16.12
CA VAL B 369 -23.50 15.88 -16.92
C VAL B 369 -23.93 17.34 -16.99
N GLU B 370 -24.54 17.73 -18.11
CA GLU B 370 -25.03 19.09 -18.26
C GLU B 370 -26.11 19.26 -17.19
N PRO B 371 -26.19 20.45 -16.58
CA PRO B 371 -27.19 20.74 -15.53
C PRO B 371 -28.64 20.43 -15.87
N ASP B 372 -28.97 20.18 -17.13
CA ASP B 372 -30.35 19.89 -17.49
C ASP B 372 -30.66 18.40 -17.57
N GLU B 373 -29.64 17.56 -17.38
CA GLU B 373 -29.81 16.12 -17.46
C GLU B 373 -29.19 15.42 -16.23
N LEU B 374 -28.87 16.22 -15.22
CA LEU B 374 -28.26 15.73 -13.98
C LEU B 374 -29.22 14.99 -13.03
N ASP B 375 -30.39 15.55 -12.78
CA ASP B 375 -31.34 14.89 -11.88
C ASP B 375 -31.64 13.47 -12.33
N ALA B 376 -31.67 13.25 -13.64
CA ALA B 376 -31.97 11.92 -14.18
C ALA B 376 -30.77 10.99 -14.11
N ALA B 377 -29.57 11.54 -14.28
CA ALA B 377 -28.35 10.72 -14.20
C ALA B 377 -28.16 10.22 -12.77
N ILE B 378 -28.50 11.07 -11.80
CA ILE B 378 -28.41 10.71 -10.38
C ILE B 378 -29.39 9.58 -10.07
N GLU B 379 -30.67 9.78 -10.39
CA GLU B 379 -31.70 8.76 -10.15
C GLU B 379 -31.32 7.42 -10.76
N ARG B 380 -30.88 7.47 -12.01
CA ARG B 380 -30.50 6.26 -12.72
C ARG B 380 -29.33 5.49 -12.10
N SER B 381 -28.42 6.20 -11.45
CA SER B 381 -27.26 5.57 -10.83
C SER B 381 -27.60 4.96 -9.47
N LEU B 382 -28.75 5.36 -8.92
CA LEU B 382 -29.19 4.86 -7.63
C LEU B 382 -29.80 3.47 -7.73
N THR B 383 -29.94 2.97 -8.94
CA THR B 383 -30.51 1.65 -9.17
C THR B 383 -29.42 0.64 -9.58
N ARG B 384 -28.22 1.13 -9.87
CA ARG B 384 -27.14 0.24 -10.29
C ARG B 384 -26.33 -0.44 -9.17
N LEU B 385 -26.58 -0.06 -7.91
CA LEU B 385 -25.83 -0.61 -6.78
C LEU B 385 -26.62 -1.41 -5.73
N ASP B 386 -27.74 -2.02 -6.11
CA ASP B 386 -28.62 -2.75 -5.18
C ASP B 386 -28.25 -4.10 -4.56
N GLY B 387 -27.77 -5.03 -5.38
CA GLY B 387 -27.50 -6.37 -4.86
C GLY B 387 -26.54 -6.66 -3.71
N ASP B 388 -26.32 -7.96 -3.52
CA ASP B 388 -25.43 -8.47 -2.49
C ASP B 388 -24.02 -8.54 -3.08
N ALA B 389 -23.92 -8.67 -4.41
CA ALA B 389 -22.63 -8.70 -5.08
C ALA B 389 -21.92 -7.39 -4.75
N VAL B 390 -22.59 -6.27 -5.00
CA VAL B 390 -22.06 -4.95 -4.71
C VAL B 390 -21.55 -4.87 -3.27
N LEU B 391 -22.37 -5.31 -2.33
CA LEU B 391 -21.99 -5.29 -0.91
C LEU B 391 -20.70 -6.06 -0.65
N ALA B 392 -20.60 -7.26 -1.20
CA ALA B 392 -19.41 -8.08 -1.00
C ALA B 392 -18.19 -7.47 -1.71
N ASN B 393 -18.36 -7.08 -2.97
CA ASN B 393 -17.28 -6.49 -3.75
C ASN B 393 -16.77 -5.17 -3.21
N ARG B 394 -17.66 -4.39 -2.64
CA ARG B 394 -17.30 -3.10 -2.06
C ARG B 394 -16.44 -3.36 -0.81
N ARG B 395 -16.87 -4.29 0.01
CA ARG B 395 -16.13 -4.63 1.22
C ARG B 395 -14.67 -5.04 0.88
N MET B 396 -14.51 -5.90 -0.12
CA MET B 396 -13.20 -6.38 -0.54
C MET B 396 -12.36 -5.23 -1.13
N LEU B 397 -13.01 -4.37 -1.92
CA LEU B 397 -12.35 -3.24 -2.55
C LEU B 397 -11.77 -2.28 -1.51
N ASN B 398 -12.56 -1.93 -0.51
CA ASN B 398 -12.09 -1.01 0.52
C ASN B 398 -11.01 -1.64 1.38
N LEU B 399 -11.05 -2.97 1.49
CA LEU B 399 -10.08 -3.70 2.27
C LEU B 399 -8.70 -3.63 1.62
N ALA B 400 -8.68 -3.65 0.29
CA ALA B 400 -7.44 -3.59 -0.47
C ALA B 400 -6.88 -2.16 -0.58
N ASP B 401 -7.76 -1.21 -0.84
CA ASP B 401 -7.34 0.19 -0.96
C ASP B 401 -6.91 0.83 0.33
N GLU B 402 -7.52 0.43 1.45
CA GLU B 402 -7.19 1.05 2.73
C GLU B 402 -7.25 0.04 3.87
N SER B 403 -6.07 -0.39 4.31
CA SER B 403 -5.99 -1.37 5.38
C SER B 403 -6.17 -0.68 6.73
N PRO B 404 -6.66 -1.42 7.72
CA PRO B 404 -6.87 -0.86 9.06
C PRO B 404 -5.60 -0.21 9.59
N ASP B 405 -4.45 -0.87 9.41
CA ASP B 405 -3.20 -0.29 9.88
C ASP B 405 -2.89 1.05 9.22
N GLY B 406 -2.98 1.08 7.89
CA GLY B 406 -2.69 2.30 7.17
C GLY B 406 -3.54 3.46 7.64
N PHE B 407 -4.84 3.21 7.80
CA PHE B 407 -5.78 4.23 8.23
C PHE B 407 -5.47 4.66 9.67
N ARG B 408 -5.21 3.68 10.52
CA ARG B 408 -4.91 3.93 11.91
C ARG B 408 -3.62 4.71 12.10
N ALA B 409 -2.57 4.33 11.38
CA ALA B 409 -1.30 5.03 11.47
C ALA B 409 -1.48 6.48 11.06
N TYR B 410 -2.19 6.69 9.95
CA TYR B 410 -2.38 8.05 9.48
C TYR B 410 -3.08 8.89 10.53
N MET B 411 -4.28 8.48 10.91
CA MET B 411 -5.03 9.24 11.90
C MET B 411 -4.23 9.52 13.17
N ALA B 412 -3.40 8.57 13.59
CA ALA B 412 -2.59 8.76 14.79
C ALA B 412 -1.71 10.01 14.67
N GLU B 413 -0.95 10.11 13.59
CA GLU B 413 -0.08 11.28 13.37
C GLU B 413 -0.92 12.53 13.09
N PHE B 414 -2.07 12.33 12.46
CA PHE B 414 -2.99 13.42 12.12
C PHE B 414 -3.47 14.12 13.40
N ALA B 415 -3.87 13.33 14.40
CA ALA B 415 -4.34 13.89 15.66
C ALA B 415 -3.41 15.00 16.14
N LEU B 416 -2.11 14.71 16.21
CA LEU B 416 -1.15 15.72 16.66
C LEU B 416 -0.79 16.76 15.59
N MET B 417 -0.49 16.33 14.36
CA MET B 417 -0.15 17.30 13.31
C MET B 417 -1.25 18.33 13.08
N GLN B 418 -2.51 17.88 13.05
CA GLN B 418 -3.62 18.76 12.83
C GLN B 418 -3.81 19.68 14.04
N ALA B 419 -3.59 19.14 15.24
CA ALA B 419 -3.75 19.96 16.43
C ALA B 419 -2.81 21.16 16.33
N LEU B 420 -1.55 20.92 15.98
CA LEU B 420 -0.58 22.00 15.85
C LEU B 420 -0.98 22.99 14.74
N ARG B 421 -1.54 22.50 13.64
CA ARG B 421 -1.95 23.40 12.56
C ARG B 421 -3.13 24.28 13.01
N LEU B 422 -4.05 23.72 13.79
CA LEU B 422 -5.22 24.45 14.27
C LEU B 422 -4.77 25.64 15.11
N TYR B 423 -3.51 25.62 15.53
CA TYR B 423 -2.97 26.71 16.34
C TYR B 423 -1.78 27.44 15.71
N GLY B 424 -1.55 27.18 14.43
CA GLY B 424 -0.46 27.84 13.74
C GLY B 424 -0.77 29.31 13.53
N HIS B 425 0.24 30.17 13.66
CA HIS B 425 0.02 31.60 13.50
C HIS B 425 -0.52 31.94 12.12
N ASP B 426 0.05 31.30 11.09
CA ASP B 426 -0.39 31.56 9.74
C ASP B 426 -1.87 31.22 9.55
N VAL B 427 -2.30 30.09 10.10
CA VAL B 427 -3.69 29.70 9.95
C VAL B 427 -4.60 30.74 10.59
N ILE B 428 -4.34 31.01 11.87
CA ILE B 428 -5.10 32.00 12.63
C ILE B 428 -5.13 33.33 11.88
N ASP B 429 -4.01 33.65 11.26
CA ASP B 429 -3.86 34.89 10.51
C ASP B 429 -4.72 34.99 9.25
N LYS B 430 -4.75 33.93 8.45
CA LYS B 430 -5.53 33.96 7.21
C LYS B 430 -7.02 33.88 7.50
N VAL B 431 -7.41 32.94 8.37
CA VAL B 431 -8.80 32.75 8.72
C VAL B 431 -9.40 34.03 9.31
N GLY B 432 -8.56 34.88 9.89
CA GLY B 432 -9.04 36.10 10.47
C GLY B 432 -9.41 37.11 9.41
N ARG B 433 -8.91 36.88 8.19
CA ARG B 433 -9.15 37.76 7.05
C ARG B 433 -10.39 37.41 6.21
N PHE B 434 -10.97 36.24 6.44
CA PHE B 434 -12.13 35.83 5.66
C PHE B 434 -13.36 36.68 5.97
N ASP C 14 22.94 -25.91 17.83
CA ASP C 14 23.36 -24.67 17.10
C ASP C 14 24.62 -24.91 16.28
N GLY C 15 25.77 -24.53 16.85
CA GLY C 15 27.04 -24.72 16.16
C GLY C 15 27.09 -24.19 14.74
N LEU C 16 26.27 -23.19 14.44
CA LEU C 16 26.25 -22.60 13.10
C LEU C 16 27.48 -21.73 12.91
N TRP C 17 27.90 -21.07 13.99
CA TRP C 17 29.08 -20.21 13.92
C TRP C 17 30.29 -21.06 13.60
N ALA C 18 30.45 -22.14 14.36
CA ALA C 18 31.55 -23.06 14.16
C ALA C 18 31.60 -23.48 12.70
N ALA C 19 30.45 -23.85 12.17
CA ALA C 19 30.34 -24.26 10.78
C ALA C 19 30.80 -23.15 9.84
N LEU C 20 30.23 -21.95 10.01
CA LEU C 20 30.58 -20.82 9.18
C LEU C 20 32.08 -20.52 9.21
N THR C 21 32.64 -20.48 10.42
CA THR C 21 34.07 -20.21 10.59
C THR C 21 34.89 -21.18 9.75
N GLU C 22 34.42 -22.42 9.66
CA GLU C 22 35.12 -23.44 8.88
C GLU C 22 34.93 -23.22 7.40
N ALA C 23 33.68 -23.01 6.98
CA ALA C 23 33.37 -22.78 5.58
C ALA C 23 34.21 -21.60 5.11
N ALA C 24 34.35 -20.59 5.97
CA ALA C 24 35.14 -19.41 5.63
C ALA C 24 36.62 -19.80 5.49
N ALA C 25 37.16 -20.46 6.52
CA ALA C 25 38.54 -20.91 6.52
C ALA C 25 38.81 -21.75 5.27
N SER C 26 37.88 -22.65 4.98
CA SER C 26 37.96 -23.51 3.81
C SER C 26 38.15 -22.65 2.56
N VAL C 27 37.47 -21.50 2.52
CA VAL C 27 37.57 -20.58 1.40
C VAL C 27 38.88 -19.77 1.44
N GLU C 28 39.13 -19.15 2.59
CA GLU C 28 40.33 -18.31 2.78
C GLU C 28 41.63 -18.99 2.39
N LYS C 29 41.77 -20.27 2.73
CA LYS C 29 42.99 -21.01 2.41
C LYS C 29 42.97 -21.50 0.97
N LEU C 30 41.76 -21.69 0.44
CA LEU C 30 41.59 -22.16 -0.93
C LEU C 30 42.05 -21.08 -1.91
N LEU C 31 41.88 -19.82 -1.53
CA LEU C 31 42.27 -18.70 -2.37
C LEU C 31 43.76 -18.41 -2.32
N ALA C 32 44.43 -18.87 -1.28
CA ALA C 32 45.86 -18.63 -1.13
C ALA C 32 46.68 -19.58 -2.00
N THR C 33 46.20 -20.81 -2.15
CA THR C 33 46.88 -21.82 -2.96
C THR C 33 46.51 -21.72 -4.44
N LEU C 34 45.22 -21.55 -4.70
CA LEU C 34 44.72 -21.45 -6.07
C LEU C 34 45.36 -20.30 -6.82
N PRO C 35 45.42 -20.39 -8.16
CA PRO C 35 46.02 -19.32 -8.97
C PRO C 35 45.08 -18.13 -9.11
N GLU C 36 45.63 -16.98 -9.51
CA GLU C 36 44.87 -15.75 -9.68
C GLU C 36 43.64 -15.88 -10.59
N HIS C 37 42.58 -15.19 -10.19
CA HIS C 37 41.31 -15.16 -10.91
C HIS C 37 41.58 -14.82 -12.38
N GLY C 38 40.93 -15.55 -13.28
CA GLY C 38 41.12 -15.28 -14.69
C GLY C 38 42.28 -16.09 -15.27
N ALA C 39 42.85 -16.94 -14.43
CA ALA C 39 43.97 -17.81 -14.80
C ALA C 39 43.61 -19.21 -14.34
N ARG C 40 42.47 -19.32 -13.65
CA ARG C 40 41.99 -20.58 -13.12
C ARG C 40 41.32 -21.45 -14.19
N SER C 41 41.38 -22.76 -14.01
CA SER C 41 40.78 -23.70 -14.95
C SER C 41 39.30 -23.94 -14.60
N SER C 42 38.56 -24.54 -15.53
CA SER C 42 37.14 -24.81 -15.31
C SER C 42 36.87 -25.57 -14.02
N ALA C 43 37.72 -26.54 -13.70
CA ALA C 43 37.56 -27.33 -12.49
C ALA C 43 37.89 -26.49 -11.26
N GLU C 44 38.77 -25.52 -11.45
CA GLU C 44 39.17 -24.64 -10.36
C GLU C 44 38.08 -23.61 -10.03
N ARG C 45 37.53 -23.00 -11.07
CA ARG C 45 36.47 -22.02 -10.89
C ARG C 45 35.25 -22.60 -10.20
N ALA C 46 34.97 -23.88 -10.47
CA ALA C 46 33.82 -24.55 -9.87
C ALA C 46 34.05 -24.86 -8.41
N GLU C 47 35.30 -25.12 -8.06
CA GLU C 47 35.66 -25.45 -6.68
C GLU C 47 35.55 -24.21 -5.79
N ILE C 48 36.15 -23.11 -6.22
CA ILE C 48 36.11 -21.86 -5.46
C ILE C 48 34.67 -21.35 -5.44
N ALA C 49 33.91 -21.68 -6.47
CA ALA C 49 32.52 -21.26 -6.58
C ALA C 49 31.68 -21.98 -5.54
N ALA C 50 31.84 -23.29 -5.48
CA ALA C 50 31.08 -24.12 -4.53
C ALA C 50 31.46 -23.77 -3.10
N ALA C 51 32.71 -23.34 -2.92
CA ALA C 51 33.22 -22.98 -1.61
C ALA C 51 32.53 -21.71 -1.12
N HIS C 52 32.46 -20.71 -1.99
CA HIS C 52 31.81 -19.45 -1.64
C HIS C 52 30.34 -19.73 -1.33
N ASP C 53 29.73 -20.54 -2.19
CA ASP C 53 28.33 -20.90 -2.04
C ASP C 53 28.03 -21.52 -0.68
N ALA C 54 28.89 -22.42 -0.23
CA ALA C 54 28.67 -23.08 1.05
C ALA C 54 28.89 -22.08 2.17
N ALA C 55 29.87 -21.21 1.98
CA ALA C 55 30.16 -20.20 2.99
C ALA C 55 28.98 -19.26 3.12
N ARG C 56 28.54 -18.70 2.00
CA ARG C 56 27.42 -17.76 1.99
C ARG C 56 26.09 -18.36 2.49
N ALA C 57 25.85 -19.64 2.21
CA ALA C 57 24.61 -20.27 2.66
C ALA C 57 24.55 -20.30 4.19
N LEU C 58 25.70 -20.54 4.82
CA LEU C 58 25.77 -20.58 6.27
C LEU C 58 25.60 -19.18 6.87
N ARG C 59 26.06 -18.16 6.14
CA ARG C 59 25.92 -16.79 6.61
C ARG C 59 24.44 -16.48 6.75
N VAL C 60 23.65 -16.90 5.78
CA VAL C 60 22.22 -16.66 5.85
C VAL C 60 21.64 -17.46 7.00
N ARG C 61 21.93 -18.76 7.05
CA ARG C 61 21.42 -19.63 8.12
C ARG C 61 21.74 -19.12 9.51
N PHE C 62 22.96 -18.61 9.69
CA PHE C 62 23.38 -18.11 11.00
C PHE C 62 22.61 -16.85 11.40
N LEU C 63 22.52 -15.90 10.47
CA LEU C 63 21.84 -14.66 10.74
C LEU C 63 20.32 -14.80 10.87
N ASP C 64 19.76 -15.82 10.24
CA ASP C 64 18.31 -16.02 10.33
C ASP C 64 17.83 -16.23 11.75
N THR C 65 18.76 -16.53 12.65
CA THR C 65 18.40 -16.77 14.04
C THR C 65 19.20 -15.94 15.04
N HIS C 66 20.30 -15.35 14.60
CA HIS C 66 21.13 -14.55 15.49
C HIS C 66 21.37 -13.10 15.08
N ALA C 67 20.81 -12.69 13.94
CA ALA C 67 20.98 -11.31 13.48
C ALA C 67 20.77 -10.29 14.61
N ASP C 68 19.68 -10.43 15.35
CA ASP C 68 19.40 -9.50 16.43
C ASP C 68 20.49 -9.46 17.50
N ALA C 69 21.02 -10.63 17.86
CA ALA C 69 22.09 -10.72 18.86
C ALA C 69 23.40 -10.16 18.28
N VAL C 70 23.65 -10.46 17.00
CA VAL C 70 24.85 -9.97 16.34
C VAL C 70 24.80 -8.45 16.27
N TYR C 71 23.58 -7.92 16.22
CA TYR C 71 23.37 -6.48 16.13
C TYR C 71 23.38 -5.83 17.50
N ASP C 72 22.76 -6.48 18.48
CA ASP C 72 22.72 -5.94 19.83
C ASP C 72 24.15 -5.78 20.38
N ARG C 73 25.05 -6.67 19.98
CA ARG C 73 26.43 -6.59 20.45
C ARG C 73 27.18 -5.44 19.80
N LEU C 74 26.90 -5.19 18.52
CA LEU C 74 27.57 -4.12 17.81
C LEU C 74 27.08 -2.73 18.20
N THR C 75 25.82 -2.63 18.60
CA THR C 75 25.24 -1.34 18.95
C THR C 75 24.86 -1.19 20.41
N ASP C 76 25.38 -2.09 21.27
CA ASP C 76 25.09 -2.05 22.69
C ASP C 76 23.58 -2.05 22.92
N HIS C 77 22.93 -3.06 22.34
CA HIS C 77 21.49 -3.23 22.44
C HIS C 77 20.71 -2.05 21.89
N ARG C 78 21.03 -1.67 20.66
CA ARG C 78 20.34 -0.56 20.00
C ARG C 78 20.41 0.73 20.80
N ARG C 79 21.57 0.97 21.42
CA ARG C 79 21.77 2.19 22.20
C ARG C 79 22.76 3.12 21.54
N VAL C 80 23.46 2.62 20.54
CA VAL C 80 24.41 3.44 19.81
C VAL C 80 24.10 3.34 18.32
N HIS C 81 23.87 4.48 17.68
CA HIS C 81 23.59 4.49 16.25
C HIS C 81 24.86 4.35 15.43
N LEU C 82 24.86 3.42 14.48
CA LEU C 82 26.01 3.22 13.62
C LEU C 82 25.63 3.29 12.16
N ARG C 83 26.22 4.22 11.41
CA ARG C 83 25.96 4.33 9.98
C ARG C 83 26.37 3.02 9.33
N LEU C 84 26.01 2.84 8.05
CA LEU C 84 26.32 1.61 7.33
C LEU C 84 27.79 1.20 7.37
N ALA C 85 28.70 2.10 6.99
CA ALA C 85 30.12 1.78 7.00
C ALA C 85 30.62 1.32 8.39
N GLU C 86 30.33 2.09 9.44
CA GLU C 86 30.78 1.70 10.77
C GLU C 86 30.22 0.35 11.22
N LEU C 87 28.99 0.03 10.81
CA LEU C 87 28.37 -1.24 11.21
C LEU C 87 29.08 -2.44 10.59
N VAL C 88 29.22 -2.45 9.27
CA VAL C 88 29.86 -3.57 8.62
C VAL C 88 31.32 -3.72 9.04
N GLU C 89 31.98 -2.59 9.32
CA GLU C 89 33.37 -2.65 9.74
C GLU C 89 33.44 -3.28 11.13
N ALA C 90 32.59 -2.81 12.03
CA ALA C 90 32.55 -3.35 13.38
C ALA C 90 32.11 -4.81 13.34
N ALA C 91 31.28 -5.18 12.37
CA ALA C 91 30.83 -6.56 12.26
C ALA C 91 32.02 -7.43 11.86
N ALA C 92 32.84 -6.91 10.94
CA ALA C 92 33.99 -7.64 10.46
C ALA C 92 34.96 -8.04 11.57
N THR C 93 35.15 -7.16 12.55
CA THR C 93 36.07 -7.47 13.62
C THR C 93 35.47 -8.29 14.76
N ALA C 94 34.18 -8.10 15.06
CA ALA C 94 33.54 -8.86 16.13
C ALA C 94 33.12 -10.25 15.69
N PHE C 95 32.95 -10.45 14.39
CA PHE C 95 32.54 -11.74 13.87
C PHE C 95 33.38 -12.07 12.65
N PRO C 96 34.63 -12.53 12.87
CA PRO C 96 35.45 -12.85 11.70
C PRO C 96 34.73 -13.86 10.83
N GLY C 97 34.77 -13.63 9.52
CA GLY C 97 34.13 -14.55 8.60
C GLY C 97 32.74 -14.15 8.14
N LEU C 98 32.01 -13.42 8.98
CA LEU C 98 30.66 -12.98 8.62
C LEU C 98 30.71 -11.96 7.49
N VAL C 99 31.59 -10.96 7.60
CA VAL C 99 31.74 -9.94 6.57
C VAL C 99 33.23 -9.58 6.43
N PRO C 100 33.66 -9.14 5.22
CA PRO C 100 35.03 -8.76 4.86
C PRO C 100 35.69 -7.63 5.63
N THR C 101 36.95 -7.83 6.01
CA THR C 101 37.71 -6.83 6.75
C THR C 101 38.13 -5.74 5.76
N GLN C 102 38.45 -4.56 6.29
CA GLN C 102 38.89 -3.44 5.46
C GLN C 102 40.01 -3.94 4.56
N GLN C 103 40.85 -4.80 5.12
CA GLN C 103 41.97 -5.38 4.41
C GLN C 103 41.49 -6.20 3.21
N GLN C 104 40.59 -7.14 3.46
CA GLN C 104 40.05 -7.98 2.40
C GLN C 104 39.35 -7.14 1.34
N LEU C 105 38.75 -6.11 1.75
CA LEU C 105 38.15 -5.24 0.85
C LEU C 105 39.00 -4.32 0.12
N ALA C 106 40.07 -3.90 0.58
CA ALA C 106 41.05 -3.11 -0.16
C ALA C 106 41.61 -3.91 -1.34
N VAL C 107 41.88 -5.19 -1.13
CA VAL C 107 42.40 -6.03 -2.21
C VAL C 107 41.36 -6.07 -3.32
N GLU C 108 40.10 -6.26 -2.93
CA GLU C 108 38.97 -6.31 -3.85
C GLU C 108 38.79 -5.01 -4.64
N ARG C 109 38.80 -3.88 -3.94
CA ARG C 109 38.61 -2.58 -4.57
C ARG C 109 39.73 -2.24 -5.56
N SER C 110 40.86 -2.95 -5.44
CA SER C 110 42.00 -2.71 -6.32
C SER C 110 41.94 -3.55 -7.59
N LEU C 111 40.91 -4.36 -7.71
CA LEU C 111 40.75 -5.20 -8.89
C LEU C 111 39.54 -4.77 -9.70
N PRO C 112 39.58 -4.92 -11.02
CA PRO C 112 38.41 -4.52 -11.82
C PRO C 112 37.31 -5.53 -11.48
N GLN C 113 36.05 -5.11 -11.55
CA GLN C 113 34.91 -5.98 -11.22
C GLN C 113 34.99 -7.42 -11.70
N ALA C 114 35.37 -7.62 -12.96
CA ALA C 114 35.47 -8.94 -13.55
C ALA C 114 36.35 -9.94 -12.78
N ALA C 115 37.24 -9.45 -11.91
CA ALA C 115 38.14 -10.33 -11.16
C ALA C 115 37.96 -10.40 -9.64
N LYS C 116 36.91 -9.78 -9.11
CA LYS C 116 36.69 -9.81 -7.66
C LYS C 116 36.17 -11.17 -7.19
N GLU C 117 36.35 -11.46 -5.91
CA GLU C 117 35.83 -12.71 -5.36
C GLU C 117 34.36 -12.51 -4.97
N GLY C 118 33.92 -11.24 -4.96
CA GLY C 118 32.55 -10.91 -4.62
C GLY C 118 32.26 -10.84 -3.14
N HIS C 119 33.28 -10.52 -2.36
CA HIS C 119 33.14 -10.42 -0.92
C HIS C 119 32.03 -9.49 -0.45
N GLU C 120 31.72 -8.46 -1.24
CA GLU C 120 30.64 -7.55 -0.87
C GLU C 120 29.32 -8.29 -0.66
N ILE C 121 29.12 -9.35 -1.42
CA ILE C 121 27.89 -10.15 -1.31
C ILE C 121 27.61 -10.55 0.12
N ASP C 122 28.68 -10.77 0.90
CA ASP C 122 28.53 -11.15 2.30
C ASP C 122 27.95 -10.00 3.10
N GLN C 123 28.31 -8.78 2.72
CA GLN C 123 27.81 -7.58 3.37
C GLN C 123 26.35 -7.45 3.00
N GLY C 124 26.01 -7.94 1.81
CA GLY C 124 24.64 -7.89 1.35
C GLY C 124 23.84 -8.84 2.22
N ILE C 125 24.41 -10.01 2.47
CA ILE C 125 23.75 -11.00 3.32
C ILE C 125 23.55 -10.42 4.71
N PHE C 126 24.56 -9.71 5.20
CA PHE C 126 24.48 -9.13 6.54
C PHE C 126 23.39 -8.05 6.68
N LEU C 127 23.47 -7.02 5.84
CA LEU C 127 22.49 -5.93 5.87
C LEU C 127 21.05 -6.41 5.61
N ARG C 128 20.87 -7.52 4.92
CA ARG C 128 19.52 -8.01 4.67
C ARG C 128 18.93 -8.51 5.97
N ALA C 129 19.68 -9.35 6.68
CA ALA C 129 19.22 -9.88 7.96
C ALA C 129 18.95 -8.75 8.94
N VAL C 130 19.86 -7.78 9.00
CA VAL C 130 19.69 -6.65 9.91
C VAL C 130 18.39 -5.92 9.58
N LEU C 131 18.29 -5.44 8.34
CA LEU C 131 17.11 -4.70 7.91
C LEU C 131 15.79 -5.45 8.04
N ARG C 132 15.84 -6.78 7.97
CA ARG C 132 14.63 -7.60 8.11
C ARG C 132 14.07 -7.61 9.54
N SER C 133 14.90 -7.26 10.51
CA SER C 133 14.45 -7.25 11.89
C SER C 133 13.61 -6.03 12.30
N PRO C 134 12.44 -6.29 12.90
CA PRO C 134 11.55 -5.21 13.34
C PRO C 134 12.25 -4.40 14.42
N LEU C 135 13.39 -4.92 14.90
CA LEU C 135 14.16 -4.24 15.95
C LEU C 135 15.39 -3.52 15.42
N ALA C 136 16.24 -4.23 14.68
CA ALA C 136 17.46 -3.64 14.16
C ALA C 136 17.28 -2.76 12.94
N GLY C 137 16.43 -3.19 12.01
CA GLY C 137 16.21 -2.41 10.80
C GLY C 137 15.85 -0.96 11.04
N PRO C 138 14.81 -0.70 11.86
CA PRO C 138 14.40 0.67 12.15
C PRO C 138 15.52 1.48 12.80
N HIS C 139 16.30 0.81 13.66
CA HIS C 139 17.39 1.44 14.37
C HIS C 139 18.51 1.85 13.41
N LEU C 140 18.78 1.01 12.41
CA LEU C 140 19.80 1.29 11.42
C LEU C 140 19.34 2.43 10.49
N LEU C 141 18.06 2.43 10.15
CA LEU C 141 17.49 3.47 9.30
C LEU C 141 17.61 4.83 9.98
N ASP C 142 17.21 4.88 11.26
CA ASP C 142 17.32 6.13 12.01
C ASP C 142 18.78 6.56 12.07
N ALA C 143 19.70 5.60 12.15
CA ALA C 143 21.11 5.95 12.19
C ALA C 143 21.47 6.71 10.91
N MET C 144 21.08 6.16 9.77
CA MET C 144 21.36 6.80 8.49
C MET C 144 20.65 8.13 8.31
N LEU C 145 19.60 8.37 9.08
CA LEU C 145 18.88 9.64 8.96
C LEU C 145 19.53 10.75 9.77
N ARG C 146 20.47 10.39 10.65
CA ARG C 146 21.16 11.40 11.46
C ARG C 146 22.12 12.13 10.56
N PRO C 147 22.44 13.40 10.88
CA PRO C 147 23.38 14.17 10.05
C PRO C 147 24.80 13.63 10.01
N THR C 148 25.37 13.67 8.82
CA THR C 148 26.74 13.23 8.57
C THR C 148 27.70 14.10 9.40
N PRO C 149 28.81 13.52 9.92
CA PRO C 149 29.73 14.35 10.73
C PRO C 149 30.35 15.47 9.89
N ARG C 150 30.53 15.22 8.60
CA ARG C 150 31.11 16.22 7.70
C ARG C 150 30.23 17.44 7.56
N ALA C 151 28.92 17.24 7.61
CA ALA C 151 27.98 18.35 7.47
C ALA C 151 28.01 19.22 8.72
N LEU C 152 28.22 18.57 9.87
CA LEU C 152 28.27 19.28 11.14
C LEU C 152 29.49 20.18 11.22
N GLU C 153 30.50 19.80 10.60
CA GLU C 153 31.62 20.49 10.59
C GLU C 153 31.48 21.68 9.80
N LEU C 154 30.95 21.58 8.62
CA LEU C 154 30.70 22.67 7.68
C LEU C 154 29.51 23.57 7.98
N LEU C 155 28.63 23.16 8.91
CA LEU C 155 27.45 23.96 9.19
C LEU C 155 27.71 25.43 9.58
N PRO C 156 28.63 25.68 10.52
CA PRO C 156 28.84 27.10 10.86
C PRO C 156 29.35 27.96 9.69
N GLU C 157 30.26 27.42 8.89
CA GLU C 157 30.77 28.18 7.75
C GLU C 157 29.71 28.37 6.67
N PHE C 158 28.78 27.43 6.56
CA PHE C 158 27.73 27.56 5.56
C PHE C 158 26.71 28.60 6.02
N VAL C 159 26.33 28.54 7.29
CA VAL C 159 25.38 29.50 7.83
C VAL C 159 25.89 30.93 7.67
N ARG C 160 27.21 31.08 7.65
CA ARG C 160 27.83 32.39 7.53
C ARG C 160 28.08 32.81 6.07
N THR C 161 28.65 31.91 5.28
CA THR C 161 28.95 32.23 3.88
C THR C 161 27.79 32.02 2.91
N GLY C 162 26.99 30.99 3.15
CA GLY C 162 25.88 30.69 2.26
C GLY C 162 26.42 30.03 1.00
N GLU C 163 27.67 29.59 1.08
CA GLU C 163 28.29 28.93 -0.06
C GLU C 163 29.26 27.85 0.35
N VAL C 164 29.24 26.74 -0.40
CA VAL C 164 30.11 25.62 -0.15
C VAL C 164 30.40 24.96 -1.49
N GLU C 165 31.65 25.02 -1.95
CA GLU C 165 31.99 24.39 -3.20
C GLU C 165 32.48 23.00 -2.81
N MET C 166 32.03 21.97 -3.51
CA MET C 166 32.44 20.61 -3.24
C MET C 166 32.87 20.03 -4.57
N GLU C 167 33.39 18.82 -4.55
CA GLU C 167 33.84 18.20 -5.78
C GLU C 167 32.74 17.87 -6.81
N ALA C 168 31.58 17.42 -6.35
CA ALA C 168 30.49 17.06 -7.29
C ALA C 168 29.27 17.94 -7.16
N VAL C 169 29.24 18.76 -6.12
CA VAL C 169 28.10 19.62 -5.87
C VAL C 169 28.50 21.00 -5.41
N HIS C 170 27.71 21.99 -5.83
CA HIS C 170 27.91 23.36 -5.43
C HIS C 170 26.65 23.77 -4.70
N LEU C 171 26.79 24.14 -3.43
CA LEU C 171 25.67 24.55 -2.60
C LEU C 171 25.74 26.05 -2.36
N GLU C 172 24.60 26.72 -2.46
CA GLU C 172 24.52 28.16 -2.25
C GLU C 172 23.17 28.52 -1.68
N ARG C 173 23.16 29.26 -0.58
CA ARG C 173 21.91 29.69 0.01
C ARG C 173 21.53 31.01 -0.64
N ARG C 174 20.25 31.18 -0.95
CA ARG C 174 19.79 32.40 -1.59
C ARG C 174 18.27 32.51 -1.58
N ASP C 175 17.76 33.64 -1.12
CA ASP C 175 16.32 33.88 -1.06
C ASP C 175 15.60 32.73 -0.35
N GLY C 176 16.24 32.18 0.68
CA GLY C 176 15.66 31.08 1.44
C GLY C 176 15.71 29.74 0.75
N VAL C 177 16.42 29.67 -0.37
CA VAL C 177 16.53 28.44 -1.14
C VAL C 177 17.90 27.78 -1.09
N ALA C 178 17.90 26.48 -0.84
CA ALA C 178 19.15 25.74 -0.81
C ALA C 178 19.35 25.24 -2.25
N ARG C 179 20.23 25.91 -2.98
CA ARG C 179 20.50 25.55 -4.36
C ARG C 179 21.65 24.56 -4.53
N LEU C 180 21.32 23.31 -4.78
CA LEU C 180 22.34 22.29 -5.00
C LEU C 180 22.52 22.13 -6.49
N THR C 181 23.75 22.26 -6.96
CA THR C 181 24.02 22.11 -8.37
C THR C 181 25.01 20.97 -8.63
N MET C 182 24.58 19.96 -9.38
CA MET C 182 25.46 18.85 -9.72
C MET C 182 26.34 19.41 -10.82
N CYS C 183 27.64 19.51 -10.54
CA CYS C 183 28.58 20.13 -11.47
C CYS C 183 29.76 19.34 -12.02
N ARG C 184 29.57 18.07 -12.34
CA ARG C 184 30.66 17.27 -12.91
C ARG C 184 30.56 17.46 -14.42
N ASP C 185 30.74 18.72 -14.83
CA ASP C 185 30.66 19.15 -16.23
C ASP C 185 31.35 18.32 -17.31
N ASP C 186 32.28 17.46 -16.92
CA ASP C 186 33.02 16.63 -17.87
C ASP C 186 32.43 15.25 -18.13
N ARG C 187 31.56 14.79 -17.24
CA ARG C 187 30.97 13.46 -17.38
C ARG C 187 29.44 13.43 -17.22
N LEU C 188 28.78 14.54 -17.56
CA LEU C 188 27.33 14.60 -17.45
C LEU C 188 26.84 14.13 -16.09
N ASN C 189 27.49 14.62 -15.04
CA ASN C 189 27.14 14.28 -13.66
C ASN C 189 26.99 12.79 -13.35
N ALA C 190 27.86 11.95 -13.92
CA ALA C 190 27.80 10.52 -13.65
C ALA C 190 28.09 10.37 -12.16
N GLU C 191 27.30 9.56 -11.50
CA GLU C 191 27.43 9.32 -10.07
C GLU C 191 28.60 8.42 -9.66
N ASP C 192 29.11 8.66 -8.46
CA ASP C 192 30.19 7.87 -7.90
C ASP C 192 30.17 8.08 -6.40
N GLY C 193 31.05 7.39 -5.68
CA GLY C 193 31.10 7.51 -4.24
C GLY C 193 31.23 8.93 -3.70
N GLN C 194 32.09 9.72 -4.31
CA GLN C 194 32.30 11.09 -3.87
C GLN C 194 31.04 11.94 -4.06
N GLN C 195 30.31 11.72 -5.15
CA GLN C 195 29.08 12.48 -5.40
C GLN C 195 28.05 12.17 -4.30
N VAL C 196 28.01 10.93 -3.84
CA VAL C 196 27.04 10.57 -2.79
C VAL C 196 27.38 11.25 -1.47
N ASP C 197 28.68 11.37 -1.20
CA ASP C 197 29.12 12.02 0.03
C ASP C 197 28.73 13.50 -0.04
N ASP C 198 28.97 14.11 -1.19
CA ASP C 198 28.64 15.52 -1.36
C ASP C 198 27.13 15.77 -1.33
N MET C 199 26.37 14.90 -1.99
CA MET C 199 24.93 15.05 -2.01
C MET C 199 24.37 14.98 -0.59
N GLU C 200 24.79 13.98 0.18
CA GLU C 200 24.32 13.83 1.53
C GLU C 200 24.78 15.00 2.40
N THR C 201 26.02 15.43 2.20
CA THR C 201 26.54 16.54 2.97
C THR C 201 25.70 17.77 2.68
N ALA C 202 25.41 17.99 1.40
CA ALA C 202 24.60 19.13 0.97
C ALA C 202 23.18 19.08 1.52
N VAL C 203 22.53 17.92 1.37
CA VAL C 203 21.18 17.77 1.86
C VAL C 203 21.15 18.06 3.36
N ASP C 204 22.12 17.51 4.09
CA ASP C 204 22.22 17.71 5.54
C ASP C 204 22.34 19.18 5.89
N LEU C 205 23.17 19.91 5.14
CA LEU C 205 23.35 21.33 5.39
C LEU C 205 22.05 22.07 5.14
N ALA C 206 21.42 21.80 4.00
CA ALA C 206 20.18 22.45 3.65
C ALA C 206 19.12 22.26 4.74
N LEU C 207 18.98 21.04 5.24
CA LEU C 207 17.99 20.78 6.27
C LEU C 207 18.34 21.34 7.66
N LEU C 208 19.63 21.50 7.94
CA LEU C 208 20.05 22.02 9.24
C LEU C 208 20.14 23.55 9.31
N ASP C 209 20.23 24.22 8.17
CA ASP C 209 20.33 25.68 8.15
C ASP C 209 18.94 26.32 8.31
N PRO C 210 18.76 27.13 9.37
CA PRO C 210 17.48 27.79 9.61
C PRO C 210 17.18 28.81 8.51
N GLY C 211 18.24 29.27 7.84
CA GLY C 211 18.06 30.22 6.77
C GLY C 211 17.44 29.60 5.53
N VAL C 212 17.50 28.28 5.41
CA VAL C 212 16.91 27.58 4.26
C VAL C 212 15.47 27.14 4.53
N ARG C 213 14.57 27.45 3.58
CA ARG C 213 13.16 27.09 3.69
C ARG C 213 12.79 26.01 2.67
N VAL C 214 13.38 26.10 1.48
CA VAL C 214 13.11 25.16 0.40
C VAL C 214 14.41 24.80 -0.33
N GLY C 215 14.50 23.56 -0.82
CA GLY C 215 15.69 23.13 -1.52
C GLY C 215 15.45 22.94 -3.00
N LEU C 216 16.49 23.12 -3.80
CA LEU C 216 16.42 22.96 -5.24
C LEU C 216 17.65 22.20 -5.73
N LEU C 217 17.40 21.18 -6.55
CA LEU C 217 18.44 20.35 -7.13
C LEU C 217 18.38 20.54 -8.66
N ARG C 218 19.51 20.91 -9.24
CA ARG C 218 19.62 21.12 -10.67
C ARG C 218 21.04 20.82 -11.14
N GLY C 219 21.17 20.48 -12.43
CA GLY C 219 22.47 20.20 -12.99
C GLY C 219 23.07 21.47 -13.55
N GLY C 220 24.39 21.56 -13.60
CA GLY C 220 25.00 22.78 -14.11
C GLY C 220 25.53 22.62 -15.51
N VAL C 221 26.04 23.73 -16.05
CA VAL C 221 26.59 23.73 -17.38
C VAL C 221 27.69 22.68 -17.58
N MET C 222 27.64 22.01 -18.73
CA MET C 222 28.62 20.98 -19.07
C MET C 222 29.76 21.60 -19.88
N SER C 223 30.96 21.06 -19.71
CA SER C 223 32.13 21.55 -20.42
C SER C 223 32.41 20.63 -21.60
N HIS C 224 32.01 19.36 -21.48
CA HIS C 224 32.22 18.40 -22.56
C HIS C 224 31.73 18.99 -23.89
N PRO C 225 32.52 18.83 -24.96
CA PRO C 225 32.19 19.35 -26.30
C PRO C 225 30.78 19.05 -26.81
N ARG C 226 30.28 17.87 -26.49
CA ARG C 226 28.94 17.49 -26.95
C ARG C 226 27.82 18.27 -26.26
N TYR C 227 28.10 18.85 -25.10
CA TYR C 227 27.08 19.61 -24.37
C TYR C 227 27.53 20.98 -23.90
N ARG C 228 28.67 21.43 -24.39
CA ARG C 228 29.21 22.72 -23.98
C ARG C 228 28.21 23.86 -23.96
N GLY C 229 28.07 24.49 -22.80
CA GLY C 229 27.16 25.61 -22.66
C GLY C 229 25.75 25.24 -22.22
N LYS C 230 25.42 23.95 -22.28
CA LYS C 230 24.09 23.51 -21.89
C LYS C 230 24.08 22.72 -20.59
N ARG C 231 22.96 22.81 -19.87
CA ARG C 231 22.84 22.07 -18.61
C ARG C 231 22.45 20.61 -18.85
N VAL C 232 22.88 19.73 -17.95
CA VAL C 232 22.52 18.31 -18.02
C VAL C 232 22.34 17.84 -16.57
N PHE C 233 21.16 17.32 -16.27
CA PHE C 233 20.82 16.86 -14.93
C PHE C 233 21.62 15.65 -14.45
N SER C 234 21.47 14.51 -15.12
CA SER C 234 22.18 13.30 -14.72
C SER C 234 22.17 12.17 -15.75
N ALA C 235 23.34 11.57 -15.94
CA ALA C 235 23.52 10.46 -16.87
C ALA C 235 23.68 9.15 -16.09
N GLY C 236 23.21 9.15 -14.84
CA GLY C 236 23.30 7.95 -14.03
C GLY C 236 24.65 7.57 -13.47
N ILE C 237 24.75 6.34 -12.99
CA ILE C 237 25.97 5.84 -12.38
C ILE C 237 27.15 5.89 -13.34
N ASN C 238 28.34 6.08 -12.78
CA ASN C 238 29.54 6.10 -13.61
C ASN C 238 29.78 4.66 -14.02
N LEU C 239 29.48 4.32 -15.27
CA LEU C 239 29.66 2.97 -15.77
C LEU C 239 31.14 2.58 -15.86
N LYS C 240 32.00 3.55 -16.16
CA LYS C 240 33.43 3.29 -16.25
C LYS C 240 33.96 2.82 -14.89
N TYR C 241 33.67 3.59 -13.84
CA TYR C 241 34.10 3.22 -12.50
C TYR C 241 33.55 1.85 -12.10
N LEU C 242 32.26 1.63 -12.35
CA LEU C 242 31.62 0.36 -12.01
C LEU C 242 32.40 -0.79 -12.61
N SER C 243 32.78 -0.65 -13.88
CA SER C 243 33.54 -1.70 -14.56
C SER C 243 34.89 -1.87 -13.86
N GLN C 244 35.60 -0.80 -13.68
CA GLN C 244 36.79 -0.63 -12.89
C GLN C 244 36.78 -1.18 -11.47
N GLY C 245 35.62 -1.53 -10.99
CA GLY C 245 35.47 -2.00 -9.62
C GLY C 245 35.38 -0.91 -8.57
N GLY C 246 35.07 0.31 -8.99
CA GLY C 246 34.99 1.43 -8.07
C GLY C 246 33.63 1.80 -7.45
N ILE C 247 32.60 1.01 -7.74
CA ILE C 247 31.28 1.27 -7.18
C ILE C 247 31.09 0.36 -5.98
N SER C 248 30.97 0.97 -4.80
CA SER C 248 30.81 0.24 -3.55
C SER C 248 29.36 -0.10 -3.20
N LEU C 249 29.12 -1.39 -2.89
CA LEU C 249 27.78 -1.81 -2.53
C LEU C 249 27.28 -0.97 -1.36
N VAL C 250 28.01 -1.02 -0.25
CA VAL C 250 27.65 -0.30 0.96
C VAL C 250 27.81 1.21 0.85
N ASP C 251 29.00 1.65 0.47
CA ASP C 251 29.29 3.07 0.37
C ASP C 251 28.61 3.89 -0.72
N PHE C 252 28.12 3.23 -1.77
CA PHE C 252 27.43 3.93 -2.85
C PHE C 252 25.97 3.49 -2.96
N LEU C 253 25.76 2.28 -3.46
CA LEU C 253 24.44 1.72 -3.68
C LEU C 253 23.49 1.74 -2.48
N MET C 254 23.98 1.36 -1.32
CA MET C 254 23.15 1.36 -0.13
C MET C 254 23.17 2.73 0.56
N ARG C 255 24.34 3.38 0.60
CA ARG C 255 24.43 4.68 1.23
C ARG C 255 23.48 5.73 0.65
N ARG C 256 23.35 5.79 -0.67
CA ARG C 256 22.47 6.79 -1.27
C ARG C 256 21.00 6.52 -0.92
N GLU C 257 20.56 5.25 -0.93
CA GLU C 257 19.16 4.95 -0.62
C GLU C 257 18.75 5.19 0.83
N LEU C 258 19.62 4.88 1.78
CA LEU C 258 19.30 5.07 3.20
C LEU C 258 19.76 6.42 3.73
N GLY C 259 20.57 7.11 2.93
CA GLY C 259 21.10 8.40 3.32
C GLY C 259 20.35 9.62 2.80
N TYR C 260 21.01 10.38 1.93
CA TYR C 260 20.40 11.59 1.43
C TYR C 260 19.07 11.45 0.68
N ILE C 261 18.82 10.31 0.06
CA ILE C 261 17.56 10.15 -0.65
C ILE C 261 16.41 9.93 0.32
N HIS C 262 16.70 9.27 1.44
CA HIS C 262 15.68 9.03 2.42
C HIS C 262 15.45 10.35 3.19
N LYS C 263 16.50 11.16 3.33
CA LYS C 263 16.38 12.45 4.01
C LYS C 263 15.58 13.43 3.16
N LEU C 264 15.57 13.20 1.85
CA LEU C 264 14.79 14.09 1.00
C LEU C 264 13.32 13.83 1.33
N VAL C 265 13.01 12.61 1.77
CA VAL C 265 11.65 12.24 2.11
C VAL C 265 11.26 12.52 3.56
N ARG C 266 12.10 12.09 4.50
CA ARG C 266 11.79 12.21 5.92
C ARG C 266 12.58 13.23 6.72
N GLY C 267 13.52 13.91 6.07
CA GLY C 267 14.33 14.88 6.77
C GLY C 267 15.41 14.22 7.60
N VAL C 268 16.09 15.01 8.43
CA VAL C 268 17.16 14.53 9.29
C VAL C 268 16.79 14.40 10.76
N LEU C 269 17.08 13.24 11.32
CA LEU C 269 16.81 12.99 12.72
C LEU C 269 17.89 13.70 13.54
N THR C 270 17.48 14.70 14.32
CA THR C 270 18.40 15.46 15.15
C THR C 270 18.34 14.94 16.60
N ASN C 271 19.06 15.59 17.49
CA ASN C 271 19.03 15.22 18.90
C ASN C 271 17.88 15.99 19.53
N ASP C 272 17.47 15.58 20.71
CA ASP C 272 16.41 16.27 21.43
C ASP C 272 17.08 17.55 21.98
N ASP C 273 17.20 18.56 21.13
CA ASP C 273 17.89 19.79 21.53
C ASP C 273 17.20 21.08 21.10
N ARG C 274 15.88 21.07 21.02
CA ARG C 274 15.14 22.27 20.61
C ARG C 274 13.65 22.08 20.85
N PRO C 275 12.90 23.18 20.85
CA PRO C 275 11.47 23.01 21.08
C PRO C 275 10.77 22.27 19.92
N GLY C 276 9.62 21.66 20.22
CA GLY C 276 8.87 20.96 19.19
C GLY C 276 9.45 19.63 18.76
N TRP C 277 10.64 19.31 19.27
CA TRP C 277 11.28 18.05 18.94
C TRP C 277 10.36 16.90 19.33
N TRP C 278 9.55 17.11 20.35
CA TRP C 278 8.61 16.07 20.78
C TRP C 278 7.56 15.72 19.72
N HIS C 279 7.37 16.59 18.73
CA HIS C 279 6.41 16.29 17.66
C HIS C 279 7.11 16.23 16.30
N SER C 280 8.36 16.69 16.25
CA SER C 280 9.13 16.68 15.01
C SER C 280 10.62 16.42 15.26
N PRO C 281 10.98 15.17 15.55
CA PRO C 281 12.38 14.79 15.80
C PRO C 281 13.25 14.95 14.56
N ARG C 282 12.62 14.87 13.39
CA ARG C 282 13.32 15.04 12.13
C ARG C 282 12.97 16.39 11.53
N ILE C 283 13.96 17.02 10.91
CA ILE C 283 13.76 18.30 10.24
C ILE C 283 13.65 17.98 8.74
N GLU C 284 12.48 18.24 8.18
CA GLU C 284 12.25 17.99 6.77
C GLU C 284 11.92 19.32 6.11
N LYS C 285 12.08 19.35 4.79
CA LYS C 285 11.81 20.53 4.00
C LYS C 285 11.44 20.09 2.58
N PRO C 286 10.63 20.89 1.87
CA PRO C 286 10.23 20.56 0.49
C PRO C 286 11.37 20.79 -0.51
N TRP C 287 11.41 19.92 -1.52
CA TRP C 287 12.42 19.99 -2.57
C TRP C 287 11.87 20.10 -3.99
N VAL C 288 12.60 20.84 -4.83
CA VAL C 288 12.23 21.04 -6.23
C VAL C 288 13.38 20.51 -7.09
N ALA C 289 13.03 19.76 -8.13
CA ALA C 289 14.02 19.23 -9.05
C ALA C 289 13.76 19.83 -10.44
N ALA C 290 14.83 20.28 -11.09
CA ALA C 290 14.74 20.87 -12.41
C ALA C 290 15.66 20.05 -13.32
N VAL C 291 15.05 19.41 -14.32
CA VAL C 291 15.79 18.55 -15.23
C VAL C 291 16.04 19.17 -16.59
N ASP C 292 17.34 19.34 -16.90
CA ASP C 292 17.80 19.88 -18.17
C ASP C 292 18.39 18.69 -18.94
N GLY C 293 18.16 18.63 -20.25
CA GLY C 293 18.71 17.55 -21.04
C GLY C 293 18.11 16.19 -20.80
N PHE C 294 18.47 15.56 -19.69
CA PHE C 294 17.93 14.25 -19.37
C PHE C 294 18.26 13.78 -17.96
N ALA C 295 17.53 12.75 -17.54
CA ALA C 295 17.71 12.13 -16.23
C ALA C 295 17.64 10.63 -16.49
N ILE C 296 18.80 9.98 -16.44
CA ILE C 296 18.93 8.55 -16.70
C ILE C 296 19.33 7.83 -15.40
N GLY C 297 18.90 6.58 -15.24
CA GLY C 297 19.24 5.80 -14.05
C GLY C 297 19.01 6.47 -12.70
N GLY C 298 20.04 6.43 -11.84
CA GLY C 298 19.94 7.02 -10.51
C GLY C 298 19.43 8.45 -10.52
N GLY C 299 19.58 9.13 -11.65
CA GLY C 299 19.13 10.50 -11.77
C GLY C 299 17.61 10.53 -11.94
N ALA C 300 17.08 9.64 -12.76
CA ALA C 300 15.64 9.56 -12.96
C ALA C 300 15.08 9.03 -11.65
N GLN C 301 15.87 8.21 -10.98
CA GLN C 301 15.46 7.63 -9.70
C GLN C 301 15.17 8.74 -8.67
N LEU C 302 15.93 9.73 -8.53
CA LEU C 302 15.76 10.86 -7.86
C LEU C 302 14.52 11.56 -7.95
N LEU C 303 13.97 11.56 -9.02
CA LEU C 303 12.73 12.29 -9.28
C LEU C 303 11.49 11.81 -8.54
N LEU C 304 11.44 10.53 -8.25
CA LEU C 304 10.33 9.92 -7.54
C LEU C 304 10.27 10.33 -6.08
N VAL C 305 11.07 11.32 -5.69
CA VAL C 305 11.12 11.72 -4.28
C VAL C 305 10.92 13.23 -4.04
N PHE C 306 10.85 13.99 -5.12
CA PHE C 306 10.69 15.43 -5.01
C PHE C 306 9.23 15.90 -4.88
N ASP C 307 9.05 17.06 -4.26
CA ASP C 307 7.75 17.67 -4.06
C ASP C 307 7.31 18.33 -5.35
N ARG C 308 8.30 18.79 -6.13
CA ARG C 308 8.04 19.45 -7.40
C ARG C 308 9.12 19.12 -8.43
N VAL C 309 8.71 18.86 -9.65
CA VAL C 309 9.65 18.52 -10.70
C VAL C 309 9.35 19.28 -11.98
N LEU C 310 10.35 20.01 -12.48
CA LEU C 310 10.20 20.72 -13.74
C LEU C 310 11.23 20.15 -14.69
N ALA C 311 10.95 20.29 -15.99
CA ALA C 311 11.86 19.77 -16.99
C ALA C 311 11.72 20.66 -18.23
N SER C 312 12.81 20.80 -18.98
CA SER C 312 12.79 21.59 -20.20
C SER C 312 12.13 20.71 -21.28
N SER C 313 11.41 21.33 -22.20
CA SER C 313 10.69 20.60 -23.26
C SER C 313 11.48 19.54 -24.04
N ASP C 314 12.81 19.62 -24.03
CA ASP C 314 13.61 18.67 -24.80
C ASP C 314 14.19 17.49 -24.02
N ALA C 315 13.76 17.31 -22.77
CA ALA C 315 14.30 16.24 -21.94
C ALA C 315 13.53 14.92 -21.97
N TYR C 316 14.16 13.87 -21.42
CA TYR C 316 13.54 12.54 -21.34
C TYR C 316 13.99 11.84 -20.07
N PHE C 317 13.21 10.82 -19.68
CA PHE C 317 13.52 10.06 -18.47
C PHE C 317 13.64 8.57 -18.77
N SER C 318 14.67 7.95 -18.22
CA SER C 318 14.85 6.52 -18.45
C SER C 318 15.67 5.77 -17.41
N LEU C 319 15.47 4.46 -17.39
CA LEU C 319 16.15 3.48 -16.55
C LEU C 319 16.41 2.50 -17.67
N PRO C 320 17.51 2.70 -18.39
CA PRO C 320 17.94 1.91 -19.55
C PRO C 320 18.42 0.48 -19.42
N ALA C 321 19.17 0.15 -18.37
CA ALA C 321 19.70 -1.20 -18.25
C ALA C 321 18.63 -2.26 -17.97
N ALA C 322 17.76 -2.51 -18.95
CA ALA C 322 16.70 -3.50 -18.79
C ALA C 322 17.20 -4.90 -19.05
N LYS C 323 18.11 -5.02 -19.85
CA LYS C 323 18.86 -6.05 -19.99
C LYS C 323 19.75 -6.64 -19.27
N GLU C 324 20.87 -5.97 -19.06
CA GLU C 324 22.00 -6.41 -18.26
C GLU C 324 22.47 -5.39 -17.23
N GLY C 325 21.51 -4.74 -16.58
CA GLY C 325 21.87 -3.74 -15.62
C GLY C 325 21.55 -4.15 -14.20
N ILE C 326 21.92 -3.30 -13.26
CA ILE C 326 21.62 -3.63 -11.89
C ILE C 326 20.23 -3.09 -11.60
N ILE C 327 19.73 -3.36 -10.41
CA ILE C 327 18.43 -2.88 -10.04
C ILE C 327 18.49 -1.35 -9.98
N PRO C 328 17.50 -0.66 -10.58
CA PRO C 328 17.50 0.81 -10.58
C PRO C 328 17.13 1.41 -9.21
N GLY C 329 17.95 1.09 -8.20
CA GLY C 329 17.71 1.60 -6.86
C GLY C 329 16.34 1.27 -6.28
N ALA C 330 15.65 2.31 -5.84
CA ALA C 330 14.32 2.17 -5.25
C ALA C 330 13.21 2.49 -6.23
N ALA C 331 13.54 2.49 -7.52
CA ALA C 331 12.54 2.78 -8.54
C ALA C 331 11.52 1.63 -8.60
N ASN C 332 11.98 0.41 -8.33
CA ASN C 332 11.09 -0.73 -8.37
C ASN C 332 10.06 -0.60 -7.24
N LEU C 333 10.43 0.17 -6.24
CA LEU C 333 9.58 0.40 -5.08
C LEU C 333 8.61 1.54 -5.29
N ARG C 334 9.07 2.60 -5.96
CA ARG C 334 8.25 3.80 -6.14
C ARG C 334 7.56 4.06 -7.47
N LEU C 335 8.12 3.57 -8.57
CA LEU C 335 7.54 3.83 -9.87
C LEU C 335 6.07 3.41 -10.02
N GLY C 336 5.72 2.23 -9.50
CA GLY C 336 4.35 1.73 -9.59
C GLY C 336 3.36 2.77 -9.12
N ARG C 337 3.69 3.38 -8.00
CA ARG C 337 2.91 4.43 -7.36
C ARG C 337 2.66 5.61 -8.34
N PHE C 338 3.70 5.99 -9.09
CA PHE C 338 3.63 7.09 -10.05
C PHE C 338 3.00 6.72 -11.41
N ALA C 339 3.35 5.57 -11.96
CA ALA C 339 2.86 5.14 -13.28
C ALA C 339 1.92 3.93 -13.39
N GLY C 340 1.68 3.24 -12.29
CA GLY C 340 0.84 2.07 -12.37
C GLY C 340 1.74 0.90 -12.73
N PRO C 341 1.28 -0.33 -12.54
CA PRO C 341 2.11 -1.48 -12.87
C PRO C 341 2.49 -1.74 -14.35
N ARG C 342 1.64 -1.32 -15.29
CA ARG C 342 1.93 -1.52 -16.72
C ARG C 342 3.08 -0.65 -17.21
N VAL C 343 2.95 0.66 -17.01
CA VAL C 343 3.99 1.60 -17.44
C VAL C 343 5.26 1.34 -16.64
N SER C 344 5.07 1.01 -15.36
CA SER C 344 6.19 0.74 -14.49
C SER C 344 7.07 -0.35 -15.12
N ARG C 345 6.43 -1.44 -15.55
CA ARG C 345 7.16 -2.55 -16.17
C ARG C 345 7.66 -2.23 -17.57
N GLN C 346 7.09 -1.23 -18.22
CA GLN C 346 7.54 -0.87 -19.54
C GLN C 346 8.87 -0.15 -19.42
N VAL C 347 8.97 0.71 -18.40
CA VAL C 347 10.17 1.49 -18.14
C VAL C 347 11.35 0.66 -17.61
N ILE C 348 11.08 -0.18 -16.61
CA ILE C 348 12.14 -0.99 -16.01
C ILE C 348 12.42 -2.37 -16.63
N LEU C 349 11.38 -3.10 -17.03
CA LEU C 349 11.62 -4.42 -17.65
C LEU C 349 11.93 -4.32 -19.15
N GLU C 350 11.34 -3.35 -19.83
CA GLU C 350 11.54 -3.18 -21.26
C GLU C 350 12.40 -1.97 -21.66
N GLY C 351 12.73 -1.12 -20.70
CA GLY C 351 13.56 0.03 -20.99
C GLY C 351 12.93 1.16 -21.77
N ARG C 352 11.61 1.30 -21.68
CA ARG C 352 10.94 2.37 -22.39
C ARG C 352 11.37 3.73 -21.86
N ARG C 353 11.80 4.60 -22.76
CA ARG C 353 12.21 5.94 -22.40
C ARG C 353 11.02 6.89 -22.55
N ILE C 354 10.78 7.73 -21.54
CA ILE C 354 9.67 8.67 -21.53
C ILE C 354 10.05 10.13 -21.75
N TRP C 355 9.60 10.71 -22.86
CA TRP C 355 9.92 12.11 -23.18
C TRP C 355 9.02 13.13 -22.47
N ALA C 356 9.61 14.28 -22.14
CA ALA C 356 8.92 15.35 -21.44
C ALA C 356 7.66 15.90 -22.08
N LYS C 357 7.56 15.81 -23.41
CA LYS C 357 6.40 16.34 -24.09
C LYS C 357 5.27 15.37 -24.36
N GLU C 358 5.46 14.10 -24.01
CA GLU C 358 4.40 13.13 -24.22
C GLU C 358 3.53 13.10 -22.98
N PRO C 359 2.22 12.86 -23.15
CA PRO C 359 1.23 12.81 -22.06
C PRO C 359 1.70 12.10 -20.78
N GLU C 360 2.23 10.90 -20.89
CA GLU C 360 2.64 10.18 -19.69
C GLU C 360 3.78 10.80 -18.88
N ALA C 361 4.46 11.81 -19.42
CA ALA C 361 5.55 12.44 -18.68
C ALA C 361 4.96 13.19 -17.49
N ARG C 362 3.67 13.48 -17.53
CA ARG C 362 3.05 14.20 -16.43
C ARG C 362 2.82 13.26 -15.24
N LEU C 363 3.10 11.98 -15.44
CA LEU C 363 2.98 11.02 -14.37
C LEU C 363 4.22 11.19 -13.49
N LEU C 364 5.26 11.79 -14.07
CA LEU C 364 6.54 11.99 -13.38
C LEU C 364 6.96 13.44 -13.18
N VAL C 365 6.56 14.30 -14.11
CA VAL C 365 6.93 15.70 -14.09
C VAL C 365 5.69 16.58 -13.93
N ASP C 366 5.83 17.68 -13.18
CA ASP C 366 4.74 18.61 -12.93
C ASP C 366 4.59 19.70 -13.98
N GLU C 367 5.64 20.09 -14.66
CA GLU C 367 5.85 21.10 -15.51
C GLU C 367 6.92 21.08 -16.52
N VAL C 368 6.58 21.23 -17.73
CA VAL C 368 7.55 21.12 -18.81
C VAL C 368 7.55 22.49 -19.48
N VAL C 369 8.73 23.05 -19.67
CA VAL C 369 8.84 24.40 -20.20
C VAL C 369 9.90 24.56 -21.26
N GLU C 370 9.66 25.46 -22.20
CA GLU C 370 10.65 25.74 -23.24
C GLU C 370 11.90 26.26 -22.53
N PRO C 371 13.09 25.73 -22.88
CA PRO C 371 14.32 26.19 -22.23
C PRO C 371 14.51 27.69 -21.95
N ASP C 372 13.85 28.54 -22.74
CA ASP C 372 13.97 29.99 -22.51
C ASP C 372 12.88 30.56 -21.63
N GLU C 373 12.27 29.72 -20.81
CA GLU C 373 11.21 30.13 -19.91
C GLU C 373 11.37 29.36 -18.60
N LEU C 374 12.33 28.44 -18.62
CA LEU C 374 12.63 27.56 -17.49
C LEU C 374 13.03 28.23 -16.18
N ASP C 375 14.11 29.03 -16.20
CA ASP C 375 14.55 29.70 -14.97
C ASP C 375 13.38 30.42 -14.28
N ALA C 376 12.60 31.15 -15.06
CA ALA C 376 11.48 31.87 -14.49
C ALA C 376 10.51 30.89 -13.82
N ALA C 377 10.15 29.82 -14.51
CA ALA C 377 9.24 28.82 -13.94
C ALA C 377 9.79 28.15 -12.68
N ILE C 378 11.10 27.91 -12.64
CA ILE C 378 11.73 27.30 -11.47
C ILE C 378 11.67 28.24 -10.26
N GLU C 379 11.89 29.52 -10.49
CA GLU C 379 11.84 30.50 -9.41
C GLU C 379 10.43 30.52 -8.83
N ARG C 380 9.45 30.66 -9.71
CA ARG C 380 8.05 30.69 -9.31
C ARG C 380 7.69 29.42 -8.50
N SER C 381 8.29 28.29 -8.83
CA SER C 381 7.99 27.05 -8.13
C SER C 381 8.50 27.08 -6.71
N LEU C 382 9.71 27.60 -6.56
CA LEU C 382 10.35 27.69 -5.26
C LEU C 382 9.50 28.49 -4.26
N THR C 383 9.07 29.68 -4.66
CA THR C 383 8.29 30.51 -3.74
C THR C 383 6.91 29.96 -3.35
N ARG C 384 6.41 28.94 -4.03
CA ARG C 384 5.11 28.39 -3.65
C ARG C 384 5.17 27.30 -2.57
N LEU C 385 6.36 26.90 -2.15
CA LEU C 385 6.48 25.86 -1.14
C LEU C 385 7.08 26.33 0.19
N ASP C 386 7.05 27.64 0.44
CA ASP C 386 7.62 28.28 1.63
C ASP C 386 7.01 28.04 3.02
N GLY C 387 5.69 28.05 3.10
CA GLY C 387 5.06 27.93 4.40
C GLY C 387 5.07 26.68 5.26
N ASP C 388 4.46 26.82 6.42
CA ASP C 388 4.31 25.74 7.38
C ASP C 388 3.18 24.79 6.97
N ALA C 389 2.29 25.26 6.09
CA ALA C 389 1.20 24.39 5.63
C ALA C 389 1.80 23.34 4.70
N VAL C 390 2.75 23.75 3.87
CA VAL C 390 3.40 22.83 2.96
C VAL C 390 4.16 21.76 3.73
N LEU C 391 4.78 22.16 4.85
CA LEU C 391 5.54 21.22 5.67
C LEU C 391 4.65 20.14 6.26
N ALA C 392 3.56 20.56 6.86
CA ALA C 392 2.65 19.60 7.46
C ALA C 392 2.06 18.66 6.39
N ASN C 393 1.55 19.25 5.30
CA ASN C 393 0.93 18.46 4.24
C ASN C 393 1.86 17.45 3.58
N ARG C 394 3.08 17.88 3.32
CA ARG C 394 4.10 17.07 2.70
C ARG C 394 4.48 15.89 3.61
N ARG C 395 4.54 16.15 4.90
CA ARG C 395 4.88 15.08 5.82
C ARG C 395 3.77 14.04 5.86
N MET C 396 2.51 14.48 5.85
CA MET C 396 1.40 13.52 5.89
C MET C 396 1.31 12.76 4.57
N LEU C 397 1.57 13.44 3.46
CA LEU C 397 1.50 12.77 2.17
C LEU C 397 2.57 11.69 2.02
N ASN C 398 3.81 11.99 2.42
CA ASN C 398 4.89 11.03 2.31
C ASN C 398 4.63 9.83 3.21
N LEU C 399 3.96 10.10 4.33
CA LEU C 399 3.60 9.07 5.28
C LEU C 399 2.59 8.11 4.66
N ALA C 400 1.67 8.64 3.86
CA ALA C 400 0.66 7.80 3.22
C ALA C 400 1.22 7.08 2.00
N ASP C 401 2.10 7.76 1.26
CA ASP C 401 2.69 7.20 0.03
C ASP C 401 3.71 6.09 0.24
N GLU C 402 4.34 6.03 1.41
CA GLU C 402 5.39 5.04 1.65
C GLU C 402 5.51 4.82 3.15
N SER C 403 5.18 3.61 3.60
CA SER C 403 5.23 3.29 5.02
C SER C 403 6.62 2.84 5.45
N PRO C 404 6.92 2.96 6.74
CA PRO C 404 8.20 2.56 7.31
C PRO C 404 8.52 1.11 6.97
N ASP C 405 7.54 0.23 7.13
CA ASP C 405 7.73 -1.19 6.84
C ASP C 405 8.02 -1.48 5.37
N GLY C 406 7.28 -0.81 4.48
CA GLY C 406 7.45 -1.03 3.06
C GLY C 406 8.85 -0.73 2.62
N PHE C 407 9.30 0.48 2.91
CA PHE C 407 10.63 0.91 2.55
C PHE C 407 11.67 -0.04 3.13
N ARG C 408 11.48 -0.42 4.39
CA ARG C 408 12.39 -1.31 5.08
C ARG C 408 12.46 -2.70 4.47
N ALA C 409 11.31 -3.33 4.25
CA ALA C 409 11.27 -4.66 3.66
C ALA C 409 11.92 -4.68 2.28
N TYR C 410 11.64 -3.64 1.49
CA TYR C 410 12.21 -3.55 0.14
C TYR C 410 13.73 -3.38 0.22
N MET C 411 14.19 -2.47 1.06
CA MET C 411 15.61 -2.25 1.20
C MET C 411 16.34 -3.48 1.74
N ALA C 412 15.60 -4.35 2.44
CA ALA C 412 16.19 -5.56 2.99
C ALA C 412 16.57 -6.52 1.86
N GLU C 413 15.60 -6.90 1.05
CA GLU C 413 15.88 -7.81 -0.07
C GLU C 413 16.81 -7.15 -1.08
N PHE C 414 16.71 -5.82 -1.21
CA PHE C 414 17.54 -5.07 -2.14
C PHE C 414 19.01 -5.28 -1.80
N ALA C 415 19.34 -5.16 -0.52
CA ALA C 415 20.71 -5.32 -0.08
C ALA C 415 21.38 -6.53 -0.71
N LEU C 416 20.68 -7.65 -0.71
CA LEU C 416 21.22 -8.88 -1.27
C LEU C 416 21.02 -8.94 -2.79
N MET C 417 19.78 -8.80 -3.25
CA MET C 417 19.52 -8.84 -4.68
C MET C 417 20.50 -7.94 -5.44
N GLN C 418 20.80 -6.78 -5.12
CA GLN C 418 21.74 -5.98 -5.66
C GLN C 418 23.11 -6.29 -5.50
N ALA C 419 23.39 -6.79 -4.40
CA ALA C 419 24.73 -7.32 -4.20
C ALA C 419 25.01 -8.36 -5.29
N LEU C 420 24.04 -9.25 -5.50
CA LEU C 420 24.21 -10.31 -6.50
C LEU C 420 24.30 -9.78 -7.91
N ARG C 421 23.50 -8.77 -8.25
CA ARG C 421 23.53 -8.19 -9.58
C ARG C 421 24.87 -7.44 -9.78
N LEU C 422 25.40 -6.90 -8.70
CA LEU C 422 26.65 -6.13 -8.78
C LEU C 422 27.83 -7.03 -9.19
N TYR C 423 27.62 -8.35 -9.18
CA TYR C 423 28.64 -9.32 -9.56
C TYR C 423 28.14 -10.34 -10.60
N GLY C 424 27.10 -9.98 -11.35
CA GLY C 424 26.59 -10.88 -12.36
C GLY C 424 27.41 -10.77 -13.64
N HIS C 425 27.76 -11.90 -14.24
CA HIS C 425 28.56 -11.87 -15.46
C HIS C 425 27.97 -10.99 -16.55
N ASP C 426 26.66 -11.00 -16.68
CA ASP C 426 26.00 -10.19 -17.71
C ASP C 426 26.20 -8.70 -17.45
N VAL C 427 26.19 -8.30 -16.19
CA VAL C 427 26.38 -6.90 -15.85
C VAL C 427 27.82 -6.49 -16.06
N ILE C 428 28.75 -7.29 -15.53
CA ILE C 428 30.18 -7.01 -15.66
C ILE C 428 30.55 -6.84 -17.14
N ASP C 429 30.11 -7.79 -17.97
CA ASP C 429 30.38 -7.75 -19.40
C ASP C 429 29.87 -6.45 -20.01
N LYS C 430 28.58 -6.17 -19.86
CA LYS C 430 27.99 -4.94 -20.41
C LYS C 430 28.76 -3.70 -19.97
N VAL C 431 28.93 -3.54 -18.66
CA VAL C 431 29.65 -2.39 -18.12
C VAL C 431 31.06 -2.25 -18.74
N GLY C 432 31.69 -3.36 -19.07
CA GLY C 432 33.02 -3.30 -19.65
C GLY C 432 33.05 -2.74 -21.07
N ARG C 433 31.89 -2.61 -21.70
CA ARG C 433 31.83 -2.12 -23.06
C ARG C 433 31.51 -0.63 -23.20
N PHE C 434 31.19 0.03 -22.10
CA PHE C 434 30.85 1.43 -22.20
C PHE C 434 32.05 2.34 -22.51
N1A YE1 D . -19.54 -21.23 -19.25
C2A YE1 D . -19.86 -22.30 -20.06
N3A YE1 D . -20.04 -22.28 -21.35
C4A YE1 D . -19.93 -21.02 -21.89
C5A YE1 D . -19.65 -19.86 -21.21
C6A YE1 D . -19.45 -19.98 -19.82
N6A YE1 D . -19.16 -18.98 -19.02
N7A YE1 D . -19.61 -18.75 -22.07
C8A YE1 D . -19.85 -19.29 -23.27
N9A YE1 D . -20.06 -20.65 -23.21
C1' YE1 D . -20.39 -21.55 -24.29
C2' YE1 D . -21.86 -21.32 -24.59
O2' YE1 D . -22.69 -22.11 -23.73
C3' YE1 D . -21.95 -21.71 -26.06
O3' YE1 D . -22.15 -23.13 -26.29
P3' YE1 D . -23.64 -23.45 -26.19
O7A YE1 D . -23.85 -24.95 -26.43
O8A YE1 D . -24.41 -22.65 -27.24
O9A YE1 D . -24.15 -23.08 -24.79
C4' YE1 D . -20.59 -21.21 -26.59
O4' YE1 D . -19.70 -21.15 -25.43
C5' YE1 D . -20.65 -19.85 -27.25
O5' YE1 D . -21.47 -19.07 -26.38
P1A YE1 D . -22.50 -17.99 -26.90
O1A YE1 D . -23.24 -17.42 -25.75
O2A YE1 D . -23.50 -18.51 -27.87
O3A YE1 D . -21.47 -17.07 -27.57
P2A YE1 D . -21.67 -15.49 -27.82
O4A YE1 D . -23.09 -15.02 -27.67
O5A YE1 D . -20.85 -14.98 -28.96
O6A YE1 D . -21.42 -14.63 -26.44
C11 YE1 D . -20.12 -14.65 -24.35
C12 YE1 D . -20.18 -15.06 -25.84
C14 YE1 D . -20.45 -13.18 -24.23
C13 YE1 D . -18.68 -14.87 -23.92
C10 YE1 D . -21.09 -15.59 -23.58
O10 YE1 D . -20.66 -16.96 -23.75
C9P YE1 D . -21.15 -15.16 -22.10
O9P YE1 D . -21.81 -14.15 -21.74
N8P YE1 D . -20.46 -15.89 -21.13
C7P YE1 D . -20.69 -15.28 -19.82
C6P YE1 D . -19.24 -15.04 -19.44
C5P YE1 D . -19.24 -14.93 -17.94
O5P YE1 D . -20.01 -14.16 -17.39
N4P YE1 D . -18.28 -15.64 -17.20
C3P YE1 D . -18.43 -15.32 -15.84
C2P YE1 D . -17.05 -15.07 -15.22
OAD YE1 D . -14.92 -16.01 -14.18
CAB YE1 D . -15.98 -15.60 -13.32
NAA YE1 D . -17.15 -15.08 -13.87
CAC YE1 D . -15.87 -15.72 -11.77
CAF YE1 D . -14.58 -16.27 -11.24
CAG YE1 D . -14.14 -15.98 -9.94
CAE YE1 D . -13.79 -17.07 -12.06
CAJ YE1 D . -12.58 -17.58 -11.61
OAL YE1 D . -11.79 -18.29 -12.44
CAI YE1 D . -12.14 -17.29 -10.31
CAH YE1 D . -12.93 -16.49 -9.48
OAK YE1 D . -12.52 -16.23 -8.21
O1 OXY E . -19.93 -14.81 -11.33
O2 OXY E . -20.72 -15.12 -12.21
N1A YE1 F . -17.37 29.51 5.88
C2A YE1 F . -18.42 30.32 6.23
N3A YE1 F . -19.21 30.99 5.44
C4A YE1 F . -18.85 30.86 4.11
C5A YE1 F . -17.81 30.12 3.61
C6A YE1 F . -17.04 29.41 4.55
N6A YE1 F . -16.02 28.64 4.24
N7A YE1 F . -17.74 30.23 2.21
C8A YE1 F . -18.77 31.02 1.91
N9A YE1 F . -19.46 31.44 3.01
C1' YE1 F . -20.59 32.34 3.08
C2' YE1 F . -20.02 33.74 2.88
O2' YE1 F . -19.58 34.30 4.13
C3' YE1 F . -21.21 34.48 2.28
O3' YE1 F . -22.14 35.02 3.26
P3' YE1 F . -21.64 36.38 3.72
O7A YE1 F . -22.62 36.96 4.76
O8A YE1 F . -21.56 37.33 2.52
O9A YE1 F . -20.25 36.24 4.35
C4' YE1 F . -21.84 33.38 1.41
O4' YE1 F . -21.41 32.10 1.97
C5' YE1 F . -21.44 33.45 -0.05
O5' YE1 F . -20.05 33.73 -0.02
P1A YE1 F . -19.34 34.69 -1.06
O1A YE1 F . -17.91 34.84 -0.70
O2A YE1 F . -19.92 36.04 -1.17
O3A YE1 F . -19.63 33.83 -2.30
P2A YE1 F . -18.74 33.82 -3.66
O4A YE1 F . -17.80 34.99 -3.77
O5A YE1 F . -19.54 33.40 -4.85
O6A YE1 F . -17.38 32.95 -3.48
C11 YE1 F . -16.46 31.00 -2.28
C12 YE1 F . -17.71 31.67 -2.89
C14 YE1 F . -15.34 31.00 -3.30
C13 YE1 F . -16.86 29.56 -2.00
C10 YE1 F . -16.13 31.76 -0.98
O10 YE1 F . -17.26 31.67 -0.07
C9P YE1 F . -14.83 31.21 -0.38
O9P YE1 F . -13.70 31.50 -0.85
N8P YE1 F . -14.87 30.35 0.72
C7P YE1 F . -13.51 29.96 1.11
C6P YE1 F . -13.68 28.46 1.01
C5P YE1 F . -12.59 27.90 1.86
O5P YE1 F . -11.42 28.27 1.71
N4P YE1 F . -12.87 26.87 2.78
C3P YE1 F . -11.69 26.46 3.40
C2P YE1 F . -11.65 24.92 3.46
OAD YE1 F . -12.34 22.75 4.61
CAB YE1 F . -11.09 23.34 4.94
NAA YE1 F . -10.69 24.53 4.33
CAC YE1 F . -10.14 22.70 6.00
CAF YE1 F . -10.62 21.41 6.62
CAG YE1 F . -9.72 20.49 7.16
CAE YE1 F . -11.98 21.13 6.63
CAJ YE1 F . -12.45 19.94 7.18
OAL YE1 F . -13.77 19.65 7.12
CAI YE1 F . -11.56 19.02 7.73
CAH YE1 F . -10.19 19.30 7.72
OAK YE1 F . -9.32 18.42 8.28
O1 OXY G . -7.57 25.54 5.85
O2 OXY G . -8.49 26.28 5.62
N1A YE1 H . 29.41 7.36 -16.95
C2A YE1 H . 30.59 7.99 -17.25
N3A YE1 H . 30.83 8.84 -18.20
C4A YE1 H . 29.72 9.06 -18.97
C5A YE1 H . 28.47 8.47 -18.84
C6A YE1 H . 28.33 7.59 -17.75
N6A YE1 H . 27.21 6.96 -17.46
N7A YE1 H . 27.57 8.93 -19.82
C8A YE1 H . 28.30 9.80 -20.53
N9A YE1 H . 29.59 9.90 -20.08
C1' YE1 H . 30.67 10.68 -20.62
C2' YE1 H . 31.11 9.99 -21.89
O2' YE1 H . 32.07 8.95 -21.61
C3' YE1 H . 31.68 11.13 -22.72
O3' YE1 H . 33.07 11.43 -22.44
P3' YE1 H . 33.96 10.60 -23.37
O7A YE1 H . 35.43 10.92 -23.08
O8A YE1 H . 33.64 10.94 -24.82
O9A YE1 H . 33.70 9.12 -23.13
C4' YE1 H . 30.72 12.27 -22.33
O4' YE1 H . 30.17 11.93 -21.02
C5' YE1 H . 29.60 12.51 -23.31
O5' YE1 H . 29.17 11.21 -23.66
P1A YE1 H . 28.70 10.81 -25.11
O1A YE1 H . 28.39 9.36 -25.16
O2A YE1 H . 29.68 11.09 -26.19
O3A YE1 H . 27.50 11.77 -25.18
P2A YE1 H . 26.18 11.56 -26.09
O4A YE1 H . 26.36 10.52 -27.17
O5A YE1 H . 25.51 12.85 -26.43
O6A YE1 H . 25.17 10.46 -25.44
C11 YE1 H . 24.42 9.56 -23.28
C12 YE1 H . 24.96 10.78 -24.04
C14 YE1 H . 23.21 8.99 -24.01
C13 YE1 H . 23.94 10.10 -21.93
C10 YE1 H . 25.58 8.56 -23.10
O10 YE1 H . 26.65 9.20 -22.35
C9P YE1 H . 25.07 7.28 -22.44
O9P YE1 H . 24.40 6.41 -23.07
N8P YE1 H . 25.33 7.05 -21.08
C7P YE1 H . 24.73 5.76 -20.68
C6P YE1 H . 23.86 6.27 -19.56
C5P YE1 H . 23.61 5.07 -18.69
O5P YE1 H . 23.19 4.03 -19.20
N4P YE1 H . 23.75 5.16 -17.30
C3P YE1 H . 23.39 3.94 -16.71
C2P YE1 H . 22.50 4.20 -15.49
OAD YE1 H . 22.33 4.80 -13.01
CAB YE1 H . 22.33 3.43 -13.39
NAA YE1 H . 22.42 3.08 -14.74
CAC YE1 H . 22.22 2.28 -12.34
CAF YE1 H . 22.11 2.72 -10.90
CAG YE1 H . 21.53 1.89 -9.94
CAE YE1 H . 22.58 3.98 -10.53
CAJ YE1 H . 22.47 4.41 -9.21
OAL YE1 H . 22.85 5.66 -8.89
CAI YE1 H . 21.88 3.59 -8.25
CAH YE1 H . 21.42 2.33 -8.62
OAK YE1 H . 20.88 1.51 -7.67
O1 OXY I . 22.85 -0.35 -14.83
O2 OXY I . 23.87 -0.53 -15.46
#